data_5B5I
# 
_entry.id   5B5I 
# 
_audit_conform.dict_name       mmcif_pdbx.dic 
_audit_conform.dict_version    5.397 
_audit_conform.dict_location   http://mmcif.pdb.org/dictionaries/ascii/mmcif_pdbx.dic 
# 
loop_
_database_2.database_id 
_database_2.database_code 
_database_2.pdbx_database_accession 
_database_2.pdbx_DOI 
PDB   5B5I         pdb_00005b5i 10.2210/pdb5b5i/pdb 
WWPDB D_1300000560 ?            ?                   
# 
loop_
_pdbx_audit_revision_history.ordinal 
_pdbx_audit_revision_history.data_content_type 
_pdbx_audit_revision_history.major_revision 
_pdbx_audit_revision_history.minor_revision 
_pdbx_audit_revision_history.revision_date 
1 'Structure model' 1 0 2016-10-19 
2 'Structure model' 1 1 2016-10-26 
3 'Structure model' 1 2 2016-12-21 
4 'Structure model' 1 3 2020-02-26 
5 'Structure model' 1 4 2024-10-30 
# 
_pdbx_audit_revision_details.ordinal             1 
_pdbx_audit_revision_details.revision_ordinal    1 
_pdbx_audit_revision_details.data_content_type   'Structure model' 
_pdbx_audit_revision_details.provider            repository 
_pdbx_audit_revision_details.type                'Initial release' 
_pdbx_audit_revision_details.description         ? 
_pdbx_audit_revision_details.details             ? 
# 
loop_
_pdbx_audit_revision_group.ordinal 
_pdbx_audit_revision_group.revision_ordinal 
_pdbx_audit_revision_group.data_content_type 
_pdbx_audit_revision_group.group 
1 2 'Structure model' 'Database references' 
2 3 'Structure model' 'Database references' 
3 4 'Structure model' 'Data collection'     
4 5 'Structure model' 'Data collection'     
5 5 'Structure model' 'Database references' 
6 5 'Structure model' 'Structure summary'   
# 
loop_
_pdbx_audit_revision_category.ordinal 
_pdbx_audit_revision_category.revision_ordinal 
_pdbx_audit_revision_category.data_content_type 
_pdbx_audit_revision_category.category 
1 4 'Structure model' diffrn_source             
2 5 'Structure model' chem_comp_atom            
3 5 'Structure model' chem_comp_bond            
4 5 'Structure model' database_2                
5 5 'Structure model' pdbx_entry_details        
6 5 'Structure model' pdbx_modification_feature 
# 
loop_
_pdbx_audit_revision_item.ordinal 
_pdbx_audit_revision_item.revision_ordinal 
_pdbx_audit_revision_item.data_content_type 
_pdbx_audit_revision_item.item 
1 4 'Structure model' '_diffrn_source.pdbx_synchrotron_site' 
2 5 'Structure model' '_database_2.pdbx_DOI'                 
3 5 'Structure model' '_database_2.pdbx_database_accession'  
# 
_pdbx_database_status.status_code                     REL 
_pdbx_database_status.status_code_sf                  REL 
_pdbx_database_status.status_code_mr                  ? 
_pdbx_database_status.entry_id                        5B5I 
_pdbx_database_status.recvd_initial_deposition_date   2016-05-10 
_pdbx_database_status.SG_entry                        N 
_pdbx_database_status.deposit_site                    PDBJ 
_pdbx_database_status.process_site                    PDBJ 
_pdbx_database_status.status_code_cs                  ? 
_pdbx_database_status.methods_development_category    ? 
_pdbx_database_status.pdb_format_compatible           Y 
_pdbx_database_status.status_code_nmr_data            ? 
# 
loop_
_audit_author.name 
_audit_author.pdbx_ordinal 
'Tsutsui, N.' 1 
'Nagata, K.'  2 
# 
_citation.abstract                  ? 
_citation.abstract_id_CAS           ? 
_citation.book_id_ISBN              ? 
_citation.book_publisher            ? 
_citation.book_publisher_city       ? 
_citation.book_title                ? 
_citation.coordinate_linkage        ? 
_citation.country                   UK 
_citation.database_id_Medline       ? 
_citation.details                   ? 
_citation.id                        primary 
_citation.journal_abbrev            'FEBS J.' 
_citation.journal_id_ASTM           ? 
_citation.journal_id_CSD            ? 
_citation.journal_id_ISSN           1742-4658 
_citation.journal_full              ? 
_citation.journal_issue             ? 
_citation.journal_volume            283 
_citation.language                  ? 
_citation.page_first                4325 
_citation.page_last                 4339 
_citation.title                     
;Crystal structure of a crustacean hyperglycemic hormone (CHH) precursor suggests structural variety in the C-terminal regions of CHH superfamily members.
;
_citation.year                      2016 
_citation.database_id_CSD           ? 
_citation.pdbx_database_id_DOI      10.1111/febs.13926 
_citation.pdbx_database_id_PubMed   27743429 
_citation.unpublished_flag          ? 
# 
loop_
_citation_author.citation_id 
_citation_author.name 
_citation_author.ordinal 
_citation_author.identifier_ORCID 
primary 'Tsutsui, N.'  1 ? 
primary 'Sakamoto, T.' 2 ? 
primary 'Arisaka, F.'  3 ? 
primary 'Tanokura, M.' 4 ? 
primary 'Nagasawa, H.' 5 ? 
primary 'Nagata, K.'   6 ? 
# 
loop_
_entity.id 
_entity.type 
_entity.src_method 
_entity.pdbx_description 
_entity.formula_weight 
_entity.pdbx_number_of_molecules 
_entity.pdbx_ec 
_entity.pdbx_mutation 
_entity.pdbx_fragment 
_entity.details 
1 polymer     man 'Crustacean hyperglycemic hormones 1' 8501.666 2  ? ? ? ? 
2 non-polymer syn ETHANOL                               46.068   1  ? ? ? ? 
3 water       nat water                                 18.015   26 ? ? ? ? 
# 
_entity_name_com.entity_id   1 
_entity_name_com.name        Pej-SGP-I 
# 
_entity_poly.entity_id                      1 
_entity_poly.type                           'polypeptide(L)' 
_entity_poly.nstd_linkage                   no 
_entity_poly.nstd_monomer                   no 
_entity_poly.pdbx_seq_one_letter_code       GSLFDPSCTGVFDRQLLRRLGRVCDDCFNVFREPNVATECRSNCYNNPVFRQCMAYVVPAHLHNEHREAVQMVG 
_entity_poly.pdbx_seq_one_letter_code_can   GSLFDPSCTGVFDRQLLRRLGRVCDDCFNVFREPNVATECRSNCYNNPVFRQCMAYVVPAHLHNEHREAVQMVG 
_entity_poly.pdbx_strand_id                 A,B 
_entity_poly.pdbx_target_identifier         ? 
# 
loop_
_pdbx_entity_nonpoly.entity_id 
_pdbx_entity_nonpoly.name 
_pdbx_entity_nonpoly.comp_id 
2 ETHANOL EOH 
3 water   HOH 
# 
loop_
_entity_poly_seq.entity_id 
_entity_poly_seq.num 
_entity_poly_seq.mon_id 
_entity_poly_seq.hetero 
1 1  GLY n 
1 2  SER n 
1 3  LEU n 
1 4  PHE n 
1 5  ASP n 
1 6  PRO n 
1 7  SER n 
1 8  CYS n 
1 9  THR n 
1 10 GLY n 
1 11 VAL n 
1 12 PHE n 
1 13 ASP n 
1 14 ARG n 
1 15 GLN n 
1 16 LEU n 
1 17 LEU n 
1 18 ARG n 
1 19 ARG n 
1 20 LEU n 
1 21 GLY n 
1 22 ARG n 
1 23 VAL n 
1 24 CYS n 
1 25 ASP n 
1 26 ASP n 
1 27 CYS n 
1 28 PHE n 
1 29 ASN n 
1 30 VAL n 
1 31 PHE n 
1 32 ARG n 
1 33 GLU n 
1 34 PRO n 
1 35 ASN n 
1 36 VAL n 
1 37 ALA n 
1 38 THR n 
1 39 GLU n 
1 40 CYS n 
1 41 ARG n 
1 42 SER n 
1 43 ASN n 
1 44 CYS n 
1 45 TYR n 
1 46 ASN n 
1 47 ASN n 
1 48 PRO n 
1 49 VAL n 
1 50 PHE n 
1 51 ARG n 
1 52 GLN n 
1 53 CYS n 
1 54 MET n 
1 55 ALA n 
1 56 TYR n 
1 57 VAL n 
1 58 VAL n 
1 59 PRO n 
1 60 ALA n 
1 61 HIS n 
1 62 LEU n 
1 63 HIS n 
1 64 ASN n 
1 65 GLU n 
1 66 HIS n 
1 67 ARG n 
1 68 GLU n 
1 69 ALA n 
1 70 VAL n 
1 71 GLN n 
1 72 MET n 
1 73 VAL n 
1 74 GLY n 
# 
_entity_src_gen.entity_id                          1 
_entity_src_gen.pdbx_src_id                        1 
_entity_src_gen.pdbx_alt_source_flag               sample 
_entity_src_gen.pdbx_seq_type                      'Biological sequence' 
_entity_src_gen.pdbx_beg_seq_num                   1 
_entity_src_gen.pdbx_end_seq_num                   74 
_entity_src_gen.gene_src_common_name               'Kuruma prawn' 
_entity_src_gen.gene_src_genus                     ? 
_entity_src_gen.pdbx_gene_src_gene                 ? 
_entity_src_gen.gene_src_species                   ? 
_entity_src_gen.gene_src_strain                    ? 
_entity_src_gen.gene_src_tissue                    ? 
_entity_src_gen.gene_src_tissue_fraction           ? 
_entity_src_gen.gene_src_details                   ? 
_entity_src_gen.pdbx_gene_src_fragment             ? 
_entity_src_gen.pdbx_gene_src_scientific_name      'Marsupenaeus japonicus' 
_entity_src_gen.pdbx_gene_src_ncbi_taxonomy_id     27405 
_entity_src_gen.pdbx_gene_src_variant              ? 
_entity_src_gen.pdbx_gene_src_cell_line            ? 
_entity_src_gen.pdbx_gene_src_atcc                 ? 
_entity_src_gen.pdbx_gene_src_organ                ? 
_entity_src_gen.pdbx_gene_src_organelle            ? 
_entity_src_gen.pdbx_gene_src_cell                 ? 
_entity_src_gen.pdbx_gene_src_cellular_location    ? 
_entity_src_gen.host_org_common_name               ? 
_entity_src_gen.pdbx_host_org_scientific_name      'Escherichia coli' 
_entity_src_gen.pdbx_host_org_ncbi_taxonomy_id     562 
_entity_src_gen.host_org_genus                     ? 
_entity_src_gen.pdbx_host_org_gene                 ? 
_entity_src_gen.pdbx_host_org_organ                ? 
_entity_src_gen.host_org_species                   ? 
_entity_src_gen.pdbx_host_org_tissue               ? 
_entity_src_gen.pdbx_host_org_tissue_fraction      ? 
_entity_src_gen.pdbx_host_org_strain               ? 
_entity_src_gen.pdbx_host_org_variant              ? 
_entity_src_gen.pdbx_host_org_cell_line            ? 
_entity_src_gen.pdbx_host_org_atcc                 ? 
_entity_src_gen.pdbx_host_org_culture_collection   ? 
_entity_src_gen.pdbx_host_org_cell                 ? 
_entity_src_gen.pdbx_host_org_organelle            ? 
_entity_src_gen.pdbx_host_org_cellular_location    ? 
_entity_src_gen.pdbx_host_org_vector_type          ? 
_entity_src_gen.pdbx_host_org_vector               ? 
_entity_src_gen.host_org_details                   ? 
_entity_src_gen.expression_system_id               ? 
_entity_src_gen.plasmid_name                       ? 
_entity_src_gen.plasmid_details                    ? 
_entity_src_gen.pdbx_description                   ? 
# 
loop_
_chem_comp.id 
_chem_comp.type 
_chem_comp.mon_nstd_flag 
_chem_comp.name 
_chem_comp.pdbx_synonyms 
_chem_comp.formula 
_chem_comp.formula_weight 
ALA 'L-peptide linking' y ALANINE         ? 'C3 H7 N O2'     89.093  
ARG 'L-peptide linking' y ARGININE        ? 'C6 H15 N4 O2 1' 175.209 
ASN 'L-peptide linking' y ASPARAGINE      ? 'C4 H8 N2 O3'    132.118 
ASP 'L-peptide linking' y 'ASPARTIC ACID' ? 'C4 H7 N O4'     133.103 
CYS 'L-peptide linking' y CYSTEINE        ? 'C3 H7 N O2 S'   121.158 
EOH non-polymer         . ETHANOL         ? 'C2 H6 O'        46.068  
GLN 'L-peptide linking' y GLUTAMINE       ? 'C5 H10 N2 O3'   146.144 
GLU 'L-peptide linking' y 'GLUTAMIC ACID' ? 'C5 H9 N O4'     147.129 
GLY 'peptide linking'   y GLYCINE         ? 'C2 H5 N O2'     75.067  
HIS 'L-peptide linking' y HISTIDINE       ? 'C6 H10 N3 O2 1' 156.162 
HOH non-polymer         . WATER           ? 'H2 O'           18.015  
LEU 'L-peptide linking' y LEUCINE         ? 'C6 H13 N O2'    131.173 
MET 'L-peptide linking' y METHIONINE      ? 'C5 H11 N O2 S'  149.211 
PHE 'L-peptide linking' y PHENYLALANINE   ? 'C9 H11 N O2'    165.189 
PRO 'L-peptide linking' y PROLINE         ? 'C5 H9 N O2'     115.130 
SER 'L-peptide linking' y SERINE          ? 'C3 H7 N O3'     105.093 
THR 'L-peptide linking' y THREONINE       ? 'C4 H9 N O3'     119.119 
TYR 'L-peptide linking' y TYROSINE        ? 'C9 H11 N O3'    181.189 
VAL 'L-peptide linking' y VALINE          ? 'C5 H11 N O2'    117.146 
# 
loop_
_pdbx_poly_seq_scheme.asym_id 
_pdbx_poly_seq_scheme.entity_id 
_pdbx_poly_seq_scheme.seq_id 
_pdbx_poly_seq_scheme.mon_id 
_pdbx_poly_seq_scheme.ndb_seq_num 
_pdbx_poly_seq_scheme.pdb_seq_num 
_pdbx_poly_seq_scheme.auth_seq_num 
_pdbx_poly_seq_scheme.pdb_mon_id 
_pdbx_poly_seq_scheme.auth_mon_id 
_pdbx_poly_seq_scheme.pdb_strand_id 
_pdbx_poly_seq_scheme.pdb_ins_code 
_pdbx_poly_seq_scheme.hetero 
A 1 1  GLY 1  0  ?  ?   ?   A . n 
A 1 2  SER 2  1  1  SER SER A . n 
A 1 3  LEU 3  2  2  LEU LEU A . n 
A 1 4  PHE 4  3  3  PHE PHE A . n 
A 1 5  ASP 5  4  4  ASP ASP A . n 
A 1 6  PRO 6  5  5  PRO PRO A . n 
A 1 7  SER 7  6  6  SER SER A . n 
A 1 8  CYS 8  7  7  CYS CYS A . n 
A 1 9  THR 9  8  8  THR THR A . n 
A 1 10 GLY 10 9  9  GLY GLY A . n 
A 1 11 VAL 11 10 10 VAL VAL A . n 
A 1 12 PHE 12 11 11 PHE PHE A . n 
A 1 13 ASP 13 12 12 ASP ASP A . n 
A 1 14 ARG 14 13 13 ARG ARG A . n 
A 1 15 GLN 15 14 14 GLN GLN A . n 
A 1 16 LEU 16 15 15 LEU LEU A . n 
A 1 17 LEU 17 16 16 LEU LEU A . n 
A 1 18 ARG 18 17 17 ARG ARG A . n 
A 1 19 ARG 19 18 18 ARG ARG A . n 
A 1 20 LEU 20 19 19 LEU LEU A . n 
A 1 21 GLY 21 20 20 GLY GLY A . n 
A 1 22 ARG 22 21 21 ARG ARG A . n 
A 1 23 VAL 23 22 22 VAL VAL A . n 
A 1 24 CYS 24 23 23 CYS CYS A . n 
A 1 25 ASP 25 24 24 ASP ASP A . n 
A 1 26 ASP 26 25 25 ASP ASP A . n 
A 1 27 CYS 27 26 26 CYS CYS A . n 
A 1 28 PHE 28 27 27 PHE PHE A . n 
A 1 29 ASN 29 28 28 ASN ASN A . n 
A 1 30 VAL 30 29 29 VAL VAL A . n 
A 1 31 PHE 31 30 30 PHE PHE A . n 
A 1 32 ARG 32 31 31 ARG ARG A . n 
A 1 33 GLU 33 32 32 GLU GLU A . n 
A 1 34 PRO 34 33 33 PRO PRO A . n 
A 1 35 ASN 35 34 34 ASN ASN A . n 
A 1 36 VAL 36 35 35 VAL VAL A . n 
A 1 37 ALA 37 36 36 ALA ALA A . n 
A 1 38 THR 38 37 37 THR THR A . n 
A 1 39 GLU 39 38 38 GLU GLU A . n 
A 1 40 CYS 40 39 39 CYS CYS A . n 
A 1 41 ARG 41 40 40 ARG ARG A . n 
A 1 42 SER 42 41 41 SER SER A . n 
A 1 43 ASN 43 42 42 ASN ASN A . n 
A 1 44 CYS 44 43 43 CYS CYS A . n 
A 1 45 TYR 45 44 44 TYR TYR A . n 
A 1 46 ASN 46 45 45 ASN ASN A . n 
A 1 47 ASN 47 46 46 ASN ASN A . n 
A 1 48 PRO 48 47 47 PRO PRO A . n 
A 1 49 VAL 49 48 48 VAL VAL A . n 
A 1 50 PHE 50 49 49 PHE PHE A . n 
A 1 51 ARG 51 50 50 ARG ARG A . n 
A 1 52 GLN 52 51 51 GLN GLN A . n 
A 1 53 CYS 53 52 52 CYS CYS A . n 
A 1 54 MET 54 53 53 MET MET A . n 
A 1 55 ALA 55 54 54 ALA ALA A . n 
A 1 56 TYR 56 55 55 TYR TYR A . n 
A 1 57 VAL 57 56 56 VAL VAL A . n 
A 1 58 VAL 58 57 57 VAL VAL A . n 
A 1 59 PRO 59 58 58 PRO PRO A . n 
A 1 60 ALA 60 59 59 ALA ALA A . n 
A 1 61 HIS 61 60 60 HIS HIS A . n 
A 1 62 LEU 62 61 61 LEU LEU A . n 
A 1 63 HIS 63 62 62 HIS HIS A . n 
A 1 64 ASN 64 63 63 ASN ASN A . n 
A 1 65 GLU 65 64 64 GLU GLU A . n 
A 1 66 HIS 66 65 65 HIS HIS A . n 
A 1 67 ARG 67 66 66 ARG ARG A . n 
A 1 68 GLU 68 67 67 GLU GLU A . n 
A 1 69 ALA 69 68 ?  ?   ?   A . n 
A 1 70 VAL 70 69 ?  ?   ?   A . n 
A 1 71 GLN 71 70 ?  ?   ?   A . n 
A 1 72 MET 72 71 ?  ?   ?   A . n 
A 1 73 VAL 73 72 ?  ?   ?   A . n 
A 1 74 GLY 74 73 ?  ?   ?   A . n 
B 1 1  GLY 1  0  ?  ?   ?   B . n 
B 1 2  SER 2  1  1  SER SER B . n 
B 1 3  LEU 3  2  2  LEU LEU B . n 
B 1 4  PHE 4  3  3  PHE PHE B . n 
B 1 5  ASP 5  4  4  ASP ASP B . n 
B 1 6  PRO 6  5  5  PRO PRO B . n 
B 1 7  SER 7  6  6  SER SER B . n 
B 1 8  CYS 8  7  7  CYS CYS B . n 
B 1 9  THR 9  8  8  THR THR B . n 
B 1 10 GLY 10 9  9  GLY GLY B . n 
B 1 11 VAL 11 10 10 VAL VAL B . n 
B 1 12 PHE 12 11 11 PHE PHE B . n 
B 1 13 ASP 13 12 12 ASP ASP B . n 
B 1 14 ARG 14 13 13 ARG ARG B . n 
B 1 15 GLN 15 14 14 GLN GLN B . n 
B 1 16 LEU 16 15 15 LEU LEU B . n 
B 1 17 LEU 17 16 16 LEU LEU B . n 
B 1 18 ARG 18 17 17 ARG ARG B . n 
B 1 19 ARG 19 18 18 ARG ARG B . n 
B 1 20 LEU 20 19 19 LEU LEU B . n 
B 1 21 GLY 21 20 20 GLY GLY B . n 
B 1 22 ARG 22 21 21 ARG ARG B . n 
B 1 23 VAL 23 22 22 VAL VAL B . n 
B 1 24 CYS 24 23 23 CYS CYS B . n 
B 1 25 ASP 25 24 24 ASP ASP B . n 
B 1 26 ASP 26 25 25 ASP ASP B . n 
B 1 27 CYS 27 26 26 CYS CYS B . n 
B 1 28 PHE 28 27 27 PHE PHE B . n 
B 1 29 ASN 29 28 28 ASN ASN B . n 
B 1 30 VAL 30 29 29 VAL VAL B . n 
B 1 31 PHE 31 30 30 PHE PHE B . n 
B 1 32 ARG 32 31 31 ARG ARG B . n 
B 1 33 GLU 33 32 32 GLU GLU B . n 
B 1 34 PRO 34 33 33 PRO PRO B . n 
B 1 35 ASN 35 34 34 ASN ASN B . n 
B 1 36 VAL 36 35 35 VAL VAL B . n 
B 1 37 ALA 37 36 36 ALA ALA B . n 
B 1 38 THR 38 37 37 THR THR B . n 
B 1 39 GLU 39 38 38 GLU GLU B . n 
B 1 40 CYS 40 39 39 CYS CYS B . n 
B 1 41 ARG 41 40 40 ARG ARG B . n 
B 1 42 SER 42 41 41 SER SER B . n 
B 1 43 ASN 43 42 42 ASN ASN B . n 
B 1 44 CYS 44 43 43 CYS CYS B . n 
B 1 45 TYR 45 44 44 TYR TYR B . n 
B 1 46 ASN 46 45 45 ASN ASN B . n 
B 1 47 ASN 47 46 46 ASN ASN B . n 
B 1 48 PRO 48 47 47 PRO PRO B . n 
B 1 49 VAL 49 48 48 VAL VAL B . n 
B 1 50 PHE 50 49 49 PHE PHE B . n 
B 1 51 ARG 51 50 50 ARG ARG B . n 
B 1 52 GLN 52 51 51 GLN GLN B . n 
B 1 53 CYS 53 52 52 CYS CYS B . n 
B 1 54 MET 54 53 53 MET MET B . n 
B 1 55 ALA 55 54 54 ALA ALA B . n 
B 1 56 TYR 56 55 55 TYR TYR B . n 
B 1 57 VAL 57 56 56 VAL VAL B . n 
B 1 58 VAL 58 57 57 VAL VAL B . n 
B 1 59 PRO 59 58 58 PRO PRO B . n 
B 1 60 ALA 60 59 59 ALA ALA B . n 
B 1 61 HIS 61 60 60 HIS HIS B . n 
B 1 62 LEU 62 61 61 LEU LEU B . n 
B 1 63 HIS 63 62 62 HIS HIS B . n 
B 1 64 ASN 64 63 63 ASN ASN B . n 
B 1 65 GLU 65 64 64 GLU GLU B . n 
B 1 66 HIS 66 65 65 HIS HIS B . n 
B 1 67 ARG 67 66 66 ARG ARG B . n 
B 1 68 GLU 68 67 67 GLU GLU B . n 
B 1 69 ALA 69 68 68 ALA ALA B . n 
B 1 70 VAL 70 69 ?  ?   ?   B . n 
B 1 71 GLN 71 70 ?  ?   ?   B . n 
B 1 72 MET 72 71 ?  ?   ?   B . n 
B 1 73 VAL 73 72 ?  ?   ?   B . n 
B 1 74 GLY 74 73 ?  ?   ?   B . n 
# 
loop_
_pdbx_nonpoly_scheme.asym_id 
_pdbx_nonpoly_scheme.entity_id 
_pdbx_nonpoly_scheme.mon_id 
_pdbx_nonpoly_scheme.ndb_seq_num 
_pdbx_nonpoly_scheme.pdb_seq_num 
_pdbx_nonpoly_scheme.auth_seq_num 
_pdbx_nonpoly_scheme.pdb_mon_id 
_pdbx_nonpoly_scheme.auth_mon_id 
_pdbx_nonpoly_scheme.pdb_strand_id 
_pdbx_nonpoly_scheme.pdb_ins_code 
C 2 EOH 1  101 1  EOH EOH A . 
D 3 HOH 1  201 12 HOH HOH A . 
D 3 HOH 2  202 1  HOH HOH A . 
D 3 HOH 3  203 17 HOH HOH A . 
D 3 HOH 4  204 19 HOH HOH A . 
D 3 HOH 5  205 15 HOH HOH A . 
D 3 HOH 6  206 5  HOH HOH A . 
D 3 HOH 7  207 7  HOH HOH A . 
D 3 HOH 8  208 24 HOH HOH A . 
D 3 HOH 9  209 27 HOH HOH A . 
D 3 HOH 10 210 4  HOH HOH A . 
D 3 HOH 11 211 14 HOH HOH A . 
D 3 HOH 12 212 16 HOH HOH A . 
E 3 HOH 1  101 26 HOH HOH B . 
E 3 HOH 2  102 25 HOH HOH B . 
E 3 HOH 3  103 13 HOH HOH B . 
E 3 HOH 4  104 22 HOH HOH B . 
E 3 HOH 5  105 23 HOH HOH B . 
E 3 HOH 6  106 29 HOH HOH B . 
E 3 HOH 7  107 2  HOH HOH B . 
E 3 HOH 8  108 10 HOH HOH B . 
E 3 HOH 9  109 9  HOH HOH B . 
E 3 HOH 10 110 8  HOH HOH B . 
E 3 HOH 11 111 3  HOH HOH B . 
E 3 HOH 12 112 11 HOH HOH B . 
E 3 HOH 13 113 28 HOH HOH B . 
E 3 HOH 14 114 30 HOH HOH B . 
# 
loop_
_software.citation_id 
_software.classification 
_software.compiler_name 
_software.compiler_version 
_software.contact_author 
_software.contact_author_email 
_software.date 
_software.description 
_software.dependencies 
_software.hardware 
_software.language 
_software.location 
_software.mods 
_software.name 
_software.os 
_software.os_version 
_software.type 
_software.version 
_software.pdbx_ordinal 
? refinement       ? ? ? ? ? ? ? ? ? ? ? PHENIX    ? ? ? '(1.10.1_2155: ???)' 1 
? 'data reduction' ? ? ? ? ? ? ? ? ? ? ? SCALEPACK ? ? ? .                    2 
? 'data scaling'   ? ? ? ? ? ? ? ? ? ? ? HKL-2000  ? ? ? .                    3 
? phasing          ? ? ? ? ? ? ? ? ? ? ? MOLREP    ? ? ? .                    4 
# 
_cell.angle_alpha                  90.00 
_cell.angle_alpha_esd              ? 
_cell.angle_beta                   90.00 
_cell.angle_beta_esd               ? 
_cell.angle_gamma                  90.00 
_cell.angle_gamma_esd              ? 
_cell.entry_id                     5B5I 
_cell.details                      ? 
_cell.formula_units_Z              ? 
_cell.length_a                     38.679 
_cell.length_a_esd                 ? 
_cell.length_b                     55.793 
_cell.length_b_esd                 ? 
_cell.length_c                     55.793 
_cell.length_c_esd                 ? 
_cell.volume                       ? 
_cell.volume_esd                   ? 
_cell.Z_PDB                        8 
_cell.reciprocal_angle_alpha       ? 
_cell.reciprocal_angle_beta        ? 
_cell.reciprocal_angle_gamma       ? 
_cell.reciprocal_angle_alpha_esd   ? 
_cell.reciprocal_angle_beta_esd    ? 
_cell.reciprocal_angle_gamma_esd   ? 
_cell.reciprocal_length_a          ? 
_cell.reciprocal_length_b          ? 
_cell.reciprocal_length_c          ? 
_cell.reciprocal_length_a_esd      ? 
_cell.reciprocal_length_b_esd      ? 
_cell.reciprocal_length_c_esd      ? 
_cell.pdbx_unique_axis             ? 
# 
_symmetry.entry_id                         5B5I 
_symmetry.cell_setting                     ? 
_symmetry.Int_Tables_number                19 
_symmetry.space_group_name_Hall            ? 
_symmetry.space_group_name_H-M             'P 21 21 21' 
_symmetry.pdbx_full_space_group_name_H-M   ? 
# 
_exptl.absorpt_coefficient_mu     ? 
_exptl.absorpt_correction_T_max   ? 
_exptl.absorpt_correction_T_min   ? 
_exptl.absorpt_correction_type    ? 
_exptl.absorpt_process_details    ? 
_exptl.entry_id                   5B5I 
_exptl.crystals_number            1 
_exptl.details                    ? 
_exptl.method                     'X-RAY DIFFRACTION' 
_exptl.method_details             ? 
# 
_exptl_crystal.colour                      ? 
_exptl_crystal.density_diffrn              ? 
_exptl_crystal.density_Matthews            1.90 
_exptl_crystal.density_method              ? 
_exptl_crystal.density_percent_sol         30.52 
_exptl_crystal.description                 ? 
_exptl_crystal.F_000                       ? 
_exptl_crystal.id                          1 
_exptl_crystal.preparation                 ? 
_exptl_crystal.size_max                    ? 
_exptl_crystal.size_mid                    ? 
_exptl_crystal.size_min                    ? 
_exptl_crystal.size_rad                    ? 
_exptl_crystal.colour_lustre               ? 
_exptl_crystal.colour_modifier             ? 
_exptl_crystal.colour_primary              ? 
_exptl_crystal.density_meas                ? 
_exptl_crystal.density_meas_esd            ? 
_exptl_crystal.density_meas_gt             ? 
_exptl_crystal.density_meas_lt             ? 
_exptl_crystal.density_meas_temp           ? 
_exptl_crystal.density_meas_temp_esd       ? 
_exptl_crystal.density_meas_temp_gt        ? 
_exptl_crystal.density_meas_temp_lt        ? 
_exptl_crystal.pdbx_crystal_image_url      ? 
_exptl_crystal.pdbx_crystal_image_format   ? 
_exptl_crystal.pdbx_mosaicity              ? 
_exptl_crystal.pdbx_mosaicity_esd          ? 
# 
_exptl_crystal_grow.apparatus       ? 
_exptl_crystal_grow.atmosphere      ? 
_exptl_crystal_grow.crystal_id      1 
_exptl_crystal_grow.details         ? 
_exptl_crystal_grow.method          'VAPOR DIFFUSION, SITTING DROP' 
_exptl_crystal_grow.method_ref      ? 
_exptl_crystal_grow.pH              ? 
_exptl_crystal_grow.pressure        ? 
_exptl_crystal_grow.pressure_esd    ? 
_exptl_crystal_grow.seeding         ? 
_exptl_crystal_grow.seeding_ref     ? 
_exptl_crystal_grow.temp            293 
_exptl_crystal_grow.temp_details    ? 
_exptl_crystal_grow.temp_esd        ? 
_exptl_crystal_grow.time            ? 
_exptl_crystal_grow.pdbx_details    
'0.8-1.0 M NaCl, 50 mM potassium sodium tartrate, 50 mM tartaric acid, 5% ethanol, 25% 1,2-ethanediol' 
_exptl_crystal_grow.pdbx_pH_range   ? 
# 
_diffrn.ambient_environment    ? 
_diffrn.ambient_temp           95 
_diffrn.ambient_temp_details   ? 
_diffrn.ambient_temp_esd       ? 
_diffrn.crystal_id             1 
_diffrn.crystal_support        ? 
_diffrn.crystal_treatment      ? 
_diffrn.details                ? 
_diffrn.id                     1 
_diffrn.ambient_pressure       ? 
_diffrn.ambient_pressure_esd   ? 
_diffrn.ambient_pressure_gt    ? 
_diffrn.ambient_pressure_lt    ? 
_diffrn.ambient_temp_gt        ? 
_diffrn.ambient_temp_lt        ? 
# 
_diffrn_detector.details                      ? 
_diffrn_detector.detector                     CCD 
_diffrn_detector.diffrn_id                    1 
_diffrn_detector.type                         'ADSC QUANTUM 315' 
_diffrn_detector.area_resol_mean              ? 
_diffrn_detector.dtime                        ? 
_diffrn_detector.pdbx_frames_total            ? 
_diffrn_detector.pdbx_collection_time_total   ? 
_diffrn_detector.pdbx_collection_date         2009-04-25 
# 
_diffrn_radiation.collimation                      ? 
_diffrn_radiation.diffrn_id                        1 
_diffrn_radiation.filter_edge                      ? 
_diffrn_radiation.inhomogeneity                    ? 
_diffrn_radiation.monochromator                    ? 
_diffrn_radiation.polarisn_norm                    ? 
_diffrn_radiation.polarisn_ratio                   ? 
_diffrn_radiation.probe                            ? 
_diffrn_radiation.type                             ? 
_diffrn_radiation.xray_symbol                      ? 
_diffrn_radiation.wavelength_id                    1 
_diffrn_radiation.pdbx_monochromatic_or_laue_m_l   M 
_diffrn_radiation.pdbx_wavelength_list             ? 
_diffrn_radiation.pdbx_wavelength                  ? 
_diffrn_radiation.pdbx_diffrn_protocol             'SINGLE WAVELENGTH' 
_diffrn_radiation.pdbx_analyzer                    ? 
_diffrn_radiation.pdbx_scattering_type             x-ray 
# 
_diffrn_radiation_wavelength.id           1 
_diffrn_radiation_wavelength.wavelength   0.9792 
_diffrn_radiation_wavelength.wt           1.0 
# 
_diffrn_source.current                     ? 
_diffrn_source.details                     ? 
_diffrn_source.diffrn_id                   1 
_diffrn_source.power                       ? 
_diffrn_source.size                        ? 
_diffrn_source.source                      SYNCHROTRON 
_diffrn_source.target                      ? 
_diffrn_source.type                        'PHOTON FACTORY BEAMLINE BL-5A' 
_diffrn_source.voltage                     ? 
_diffrn_source.take-off_angle              ? 
_diffrn_source.pdbx_wavelength_list        0.9792 
_diffrn_source.pdbx_wavelength             ? 
_diffrn_source.pdbx_synchrotron_beamline   BL-5A 
_diffrn_source.pdbx_synchrotron_site       'Photon Factory' 
# 
_reflns.B_iso_Wilson_estimate            ? 
_reflns.entry_id                         5B5I 
_reflns.data_reduction_details           ? 
_reflns.data_reduction_method            ? 
_reflns.d_resolution_high                1.6 
_reflns.d_resolution_low                 50 
_reflns.details                          ? 
_reflns.limit_h_max                      ? 
_reflns.limit_h_min                      ? 
_reflns.limit_k_max                      ? 
_reflns.limit_k_min                      ? 
_reflns.limit_l_max                      ? 
_reflns.limit_l_min                      ? 
_reflns.number_all                       ? 
_reflns.number_obs                       16354 
_reflns.observed_criterion               ? 
_reflns.observed_criterion_F_max         ? 
_reflns.observed_criterion_F_min         ? 
_reflns.observed_criterion_I_max         ? 
_reflns.observed_criterion_I_min         ? 
_reflns.observed_criterion_sigma_F       ? 
_reflns.observed_criterion_sigma_I       ? 
_reflns.percent_possible_obs             99.9 
_reflns.R_free_details                   ? 
_reflns.Rmerge_F_all                     ? 
_reflns.Rmerge_F_obs                     ? 
_reflns.Friedel_coverage                 ? 
_reflns.number_gt                        ? 
_reflns.threshold_expression             ? 
_reflns.pdbx_redundancy                  14.1 
_reflns.pdbx_Rmerge_I_obs                ? 
_reflns.pdbx_Rmerge_I_all                ? 
_reflns.pdbx_Rsym_value                  ? 
_reflns.pdbx_netI_over_av_sigmaI         ? 
_reflns.pdbx_netI_over_sigmaI            38.72 
_reflns.pdbx_res_netI_over_av_sigmaI_2   ? 
_reflns.pdbx_res_netI_over_sigmaI_2      ? 
_reflns.pdbx_chi_squared                 ? 
_reflns.pdbx_scaling_rejects             ? 
_reflns.pdbx_d_res_high_opt              ? 
_reflns.pdbx_d_res_low_opt               ? 
_reflns.pdbx_d_res_opt_method            ? 
_reflns.phase_calculation_details        ? 
_reflns.pdbx_Rrim_I_all                  ? 
_reflns.pdbx_Rpim_I_all                  ? 
_reflns.pdbx_d_opt                       ? 
_reflns.pdbx_number_measured_all         ? 
_reflns.pdbx_diffrn_id                   1 
_reflns.pdbx_ordinal                     1 
_reflns.pdbx_CC_half                     ? 
_reflns.pdbx_R_split                     ? 
# 
_reflns_shell.d_res_high                  1.60 
_reflns_shell.d_res_low                   1.63 
_reflns_shell.meanI_over_sigI_all         ? 
_reflns_shell.meanI_over_sigI_obs         ? 
_reflns_shell.number_measured_all         ? 
_reflns_shell.number_measured_obs         ? 
_reflns_shell.number_possible             ? 
_reflns_shell.number_unique_all           ? 
_reflns_shell.number_unique_obs           ? 
_reflns_shell.percent_possible_all        ? 
_reflns_shell.percent_possible_obs        ? 
_reflns_shell.Rmerge_F_all                ? 
_reflns_shell.Rmerge_F_obs                ? 
_reflns_shell.Rmerge_I_all                ? 
_reflns_shell.Rmerge_I_obs                ? 
_reflns_shell.meanI_over_sigI_gt          ? 
_reflns_shell.meanI_over_uI_all           ? 
_reflns_shell.meanI_over_uI_gt            ? 
_reflns_shell.number_measured_gt          ? 
_reflns_shell.number_unique_gt            ? 
_reflns_shell.percent_possible_gt         ? 
_reflns_shell.Rmerge_F_gt                 ? 
_reflns_shell.Rmerge_I_gt                 ? 
_reflns_shell.pdbx_redundancy             ? 
_reflns_shell.pdbx_Rsym_value             ? 
_reflns_shell.pdbx_chi_squared            ? 
_reflns_shell.pdbx_netI_over_sigmaI_all   ? 
_reflns_shell.pdbx_netI_over_sigmaI_obs   ? 
_reflns_shell.pdbx_Rrim_I_all             ? 
_reflns_shell.pdbx_Rpim_I_all             ? 
_reflns_shell.pdbx_rejects                ? 
_reflns_shell.pdbx_ordinal                1 
_reflns_shell.pdbx_diffrn_id              1 
_reflns_shell.pdbx_CC_half                ? 
_reflns_shell.pdbx_R_split                ? 
# 
_refine.aniso_B[1][1]                            ? 
_refine.aniso_B[1][2]                            ? 
_refine.aniso_B[1][3]                            ? 
_refine.aniso_B[2][2]                            ? 
_refine.aniso_B[2][3]                            ? 
_refine.aniso_B[3][3]                            ? 
_refine.B_iso_max                                ? 
_refine.B_iso_mean                               ? 
_refine.B_iso_min                                ? 
_refine.correlation_coeff_Fo_to_Fc               ? 
_refine.correlation_coeff_Fo_to_Fc_free          ? 
_refine.details                                  ? 
_refine.diff_density_max                         ? 
_refine.diff_density_max_esd                     ? 
_refine.diff_density_min                         ? 
_refine.diff_density_min_esd                     ? 
_refine.diff_density_rms                         ? 
_refine.diff_density_rms_esd                     ? 
_refine.entry_id                                 5B5I 
_refine.pdbx_refine_id                           'X-RAY DIFFRACTION' 
_refine.ls_abs_structure_details                 ? 
_refine.ls_abs_structure_Flack                   ? 
_refine.ls_abs_structure_Flack_esd               ? 
_refine.ls_abs_structure_Rogers                  ? 
_refine.ls_abs_structure_Rogers_esd              ? 
_refine.ls_d_res_high                            1.599 
_refine.ls_d_res_low                             7.944 
_refine.ls_extinction_coef                       ? 
_refine.ls_extinction_coef_esd                   ? 
_refine.ls_extinction_expression                 ? 
_refine.ls_extinction_method                     ? 
_refine.ls_goodness_of_fit_all                   ? 
_refine.ls_goodness_of_fit_all_esd               ? 
_refine.ls_goodness_of_fit_obs                   ? 
_refine.ls_goodness_of_fit_obs_esd               ? 
_refine.ls_hydrogen_treatment                    ? 
_refine.ls_matrix_type                           ? 
_refine.ls_number_constraints                    ? 
_refine.ls_number_parameters                     ? 
_refine.ls_number_reflns_all                     ? 
_refine.ls_number_reflns_obs                     16354 
_refine.ls_number_reflns_R_free                  847 
_refine.ls_number_reflns_R_work                  ? 
_refine.ls_number_restraints                     ? 
_refine.ls_percent_reflns_obs                    99.93 
_refine.ls_percent_reflns_R_free                 5.18 
_refine.ls_R_factor_all                          ? 
_refine.ls_R_factor_obs                          0.1902 
_refine.ls_R_factor_R_free                       0.2057 
_refine.ls_R_factor_R_free_error                 ? 
_refine.ls_R_factor_R_free_error_details         ? 
_refine.ls_R_factor_R_work                       0.1894 
_refine.ls_R_Fsqd_factor_obs                     ? 
_refine.ls_R_I_factor_obs                        ? 
_refine.ls_redundancy_reflns_all                 ? 
_refine.ls_redundancy_reflns_obs                 ? 
_refine.ls_restrained_S_all                      ? 
_refine.ls_restrained_S_obs                      ? 
_refine.ls_shift_over_esd_max                    ? 
_refine.ls_shift_over_esd_mean                   ? 
_refine.ls_structure_factor_coef                 ? 
_refine.ls_weighting_details                     ? 
_refine.ls_weighting_scheme                      ? 
_refine.ls_wR_factor_all                         ? 
_refine.ls_wR_factor_obs                         ? 
_refine.ls_wR_factor_R_free                      ? 
_refine.ls_wR_factor_R_work                      ? 
_refine.occupancy_max                            ? 
_refine.occupancy_min                            ? 
_refine.solvent_model_details                    'FLAT BULK SOLVENT MODEL' 
_refine.solvent_model_param_bsol                 ? 
_refine.solvent_model_param_ksol                 ? 
_refine.ls_R_factor_gt                           ? 
_refine.ls_goodness_of_fit_gt                    ? 
_refine.ls_goodness_of_fit_ref                   ? 
_refine.ls_shift_over_su_max                     ? 
_refine.ls_shift_over_su_max_lt                  ? 
_refine.ls_shift_over_su_mean                    ? 
_refine.ls_shift_over_su_mean_lt                 ? 
_refine.pdbx_ls_sigma_I                          ? 
_refine.pdbx_ls_sigma_F                          0.00 
_refine.pdbx_ls_sigma_Fsqd                       ? 
_refine.pdbx_data_cutoff_high_absF               ? 
_refine.pdbx_data_cutoff_high_rms_absF           ? 
_refine.pdbx_data_cutoff_low_absF                ? 
_refine.pdbx_isotropic_thermal_model             ? 
_refine.pdbx_ls_cross_valid_method               NONE 
_refine.pdbx_method_to_determine_struct          ? 
_refine.pdbx_starting_model                      ? 
_refine.pdbx_stereochemistry_target_values       ML 
_refine.pdbx_R_Free_selection_details            ? 
_refine.pdbx_stereochem_target_val_spec_case     ? 
_refine.pdbx_overall_ESU_R                       ? 
_refine.pdbx_overall_ESU_R_Free                  ? 
_refine.pdbx_solvent_vdw_probe_radii             1.11 
_refine.pdbx_solvent_ion_probe_radii             ? 
_refine.pdbx_solvent_shrinkage_radii             0.90 
_refine.pdbx_real_space_R                        ? 
_refine.pdbx_density_correlation                 ? 
_refine.pdbx_pd_number_of_powder_patterns        ? 
_refine.pdbx_pd_number_of_points                 ? 
_refine.pdbx_pd_meas_number_of_points            ? 
_refine.pdbx_pd_proc_ls_prof_R_factor            ? 
_refine.pdbx_pd_proc_ls_prof_wR_factor           ? 
_refine.pdbx_pd_Marquardt_correlation_coeff      ? 
_refine.pdbx_pd_Fsqrd_R_factor                   ? 
_refine.pdbx_pd_ls_matrix_band_width             ? 
_refine.pdbx_overall_phase_error                 18.24 
_refine.pdbx_overall_SU_R_free_Cruickshank_DPI   ? 
_refine.pdbx_overall_SU_R_free_Blow_DPI          ? 
_refine.pdbx_overall_SU_R_Blow_DPI               ? 
_refine.pdbx_TLS_residual_ADP_flag               ? 
_refine.pdbx_diffrn_id                           1 
_refine.overall_SU_B                             ? 
_refine.overall_SU_ML                            0.09 
_refine.overall_SU_R_Cruickshank_DPI             ? 
_refine.overall_SU_R_free                        ? 
_refine.overall_FOM_free_R_set                   ? 
_refine.overall_FOM_work_R_set                   ? 
_refine.pdbx_average_fsc_overall                 ? 
_refine.pdbx_average_fsc_work                    ? 
_refine.pdbx_average_fsc_free                    ? 
# 
_refine_hist.pdbx_refine_id                   'X-RAY DIFFRACTION' 
_refine_hist.cycle_id                         LAST 
_refine_hist.pdbx_number_atoms_protein        1099 
_refine_hist.pdbx_number_atoms_nucleic_acid   0 
_refine_hist.pdbx_number_atoms_ligand         3 
_refine_hist.number_atoms_solvent             26 
_refine_hist.number_atoms_total               1128 
_refine_hist.d_res_high                       1.599 
_refine_hist.d_res_low                        7.944 
# 
loop_
_refine_ls_restr.pdbx_refine_id 
_refine_ls_restr.criterion 
_refine_ls_restr.dev_ideal 
_refine_ls_restr.dev_ideal_target 
_refine_ls_restr.number 
_refine_ls_restr.rejects 
_refine_ls_restr.type 
_refine_ls_restr.weight 
_refine_ls_restr.pdbx_restraint_function 
'X-RAY DIFFRACTION' ? 0.007  ? 1133 ? f_bond_d           ? ? 
'X-RAY DIFFRACTION' ? 0.944  ? 1536 ? f_angle_d          ? ? 
'X-RAY DIFFRACTION' ? 19.107 ? 699  ? f_dihedral_angle_d ? ? 
'X-RAY DIFFRACTION' ? 0.048  ? 159  ? f_chiral_restr     ? ? 
'X-RAY DIFFRACTION' ? 0.005  ? 209  ? f_plane_restr      ? ? 
# 
loop_
_refine_ls_shell.d_res_high 
_refine_ls_shell.d_res_low 
_refine_ls_shell.pdbx_total_number_of_bins_used 
_refine_ls_shell.percent_reflns_obs 
_refine_ls_shell.number_reflns_R_work 
_refine_ls_shell.R_factor_all 
_refine_ls_shell.R_factor_R_work 
_refine_ls_shell.R_factor_R_free 
_refine_ls_shell.percent_reflns_R_free 
_refine_ls_shell.number_reflns_R_free 
_refine_ls_shell.R_factor_R_free_error 
_refine_ls_shell.number_reflns_all 
_refine_ls_shell.number_reflns_obs 
_refine_ls_shell.pdbx_refine_id 
_refine_ls_shell.R_factor_obs 
1.5993 1.6986 6 100.0000 2528 . 0.1413 0.1482 . 140 . 2668 . 'X-RAY DIFFRACTION' . 
1.6986 1.8282 6 100.0000 2520 . 0.1482 0.1539 . 169 . 2689 . 'X-RAY DIFFRACTION' . 
1.8282 2.0095 6 100.0000 2573 . 0.1567 0.1719 . 137 . 2710 . 'X-RAY DIFFRACTION' . 
2.0095 2.2941 6 100.0000 2562 . 0.1704 0.1696 . 134 . 2696 . 'X-RAY DIFFRACTION' . 
2.2941 2.8676 6 100.0000 2583 . 0.1954 0.2343 . 146 . 2729 . 'X-RAY DIFFRACTION' . 
2.8676 7.9444 6 100.0000 2741 . 0.2135 0.2429 . 121 . 2862 . 'X-RAY DIFFRACTION' . 
# 
_struct.entry_id                     5B5I 
_struct.title                        'The crystal structure of a crustacean hyperglycemic hormone precursor from the kuruma prawn' 
_struct.pdbx_model_details           ? 
_struct.pdbx_formula_weight          ? 
_struct.pdbx_formula_weight_method   ? 
_struct.pdbx_model_type_details      ? 
_struct.pdbx_CASP_flag               N 
# 
_struct_keywords.entry_id        5B5I 
_struct_keywords.text            'crustacea, hyperglycemic, hormone, neuropeptide' 
_struct_keywords.pdbx_keywords   HORMONE 
# 
loop_
_struct_asym.id 
_struct_asym.pdbx_blank_PDB_chainid_flag 
_struct_asym.pdbx_modified 
_struct_asym.entity_id 
_struct_asym.details 
A N N 1 ? 
B N N 1 ? 
C N N 2 ? 
D N N 3 ? 
E N N 3 ? 
# 
_struct_ref.id                         1 
_struct_ref.db_name                    UNP 
_struct_ref.db_code                    CHH1_PENJP 
_struct_ref.pdbx_db_accession          O15980 
_struct_ref.pdbx_db_isoform            ? 
_struct_ref.entity_id                  1 
_struct_ref.pdbx_seq_one_letter_code   SLFDPSCTGVFDRQLLRRLGRVCDDCFNVFREPNVATECRSNCYNNPVFRQCMAYVVPAHLHNEHREAVQMVG 
_struct_ref.pdbx_align_begin           47 
# 
loop_
_struct_ref_seq.align_id 
_struct_ref_seq.ref_id 
_struct_ref_seq.pdbx_PDB_id_code 
_struct_ref_seq.pdbx_strand_id 
_struct_ref_seq.seq_align_beg 
_struct_ref_seq.pdbx_seq_align_beg_ins_code 
_struct_ref_seq.seq_align_end 
_struct_ref_seq.pdbx_seq_align_end_ins_code 
_struct_ref_seq.pdbx_db_accession 
_struct_ref_seq.db_align_beg 
_struct_ref_seq.pdbx_db_align_beg_ins_code 
_struct_ref_seq.db_align_end 
_struct_ref_seq.pdbx_db_align_end_ins_code 
_struct_ref_seq.pdbx_auth_seq_align_beg 
_struct_ref_seq.pdbx_auth_seq_align_end 
1 1 5B5I A 2 ? 74 ? O15980 47 ? 119 ? 1 73 
2 1 5B5I B 2 ? 74 ? O15980 47 ? 119 ? 1 73 
# 
loop_
_struct_ref_seq_dif.align_id 
_struct_ref_seq_dif.pdbx_pdb_id_code 
_struct_ref_seq_dif.mon_id 
_struct_ref_seq_dif.pdbx_pdb_strand_id 
_struct_ref_seq_dif.seq_num 
_struct_ref_seq_dif.pdbx_pdb_ins_code 
_struct_ref_seq_dif.pdbx_seq_db_name 
_struct_ref_seq_dif.pdbx_seq_db_accession_code 
_struct_ref_seq_dif.db_mon_id 
_struct_ref_seq_dif.pdbx_seq_db_seq_num 
_struct_ref_seq_dif.details 
_struct_ref_seq_dif.pdbx_auth_seq_num 
_struct_ref_seq_dif.pdbx_ordinal 
1 5B5I GLY A 1 ? UNP O15980 ? ? 'expression tag' 0 1 
2 5B5I GLY B 1 ? UNP O15980 ? ? 'expression tag' 0 2 
# 
_pdbx_struct_assembly.id                   1 
_pdbx_struct_assembly.details              author_and_software_defined_assembly 
_pdbx_struct_assembly.method_details       PISA 
_pdbx_struct_assembly.oligomeric_details   dimeric 
_pdbx_struct_assembly.oligomeric_count     2 
# 
loop_
_pdbx_struct_assembly_prop.biol_id 
_pdbx_struct_assembly_prop.type 
_pdbx_struct_assembly_prop.value 
_pdbx_struct_assembly_prop.details 
1 'ABSA (A^2)' 2350 ? 
1 MORE         -12  ? 
1 'SSA (A^2)'  8460 ? 
# 
_pdbx_struct_assembly_gen.assembly_id       1 
_pdbx_struct_assembly_gen.oper_expression   1 
_pdbx_struct_assembly_gen.asym_id_list      A,B,C,D,E 
# 
_pdbx_struct_oper_list.id                   1 
_pdbx_struct_oper_list.type                 'identity operation' 
_pdbx_struct_oper_list.name                 1_555 
_pdbx_struct_oper_list.symmetry_operation   x,y,z 
_pdbx_struct_oper_list.matrix[1][1]         1.0000000000 
_pdbx_struct_oper_list.matrix[1][2]         0.0000000000 
_pdbx_struct_oper_list.matrix[1][3]         0.0000000000 
_pdbx_struct_oper_list.vector[1]            0.0000000000 
_pdbx_struct_oper_list.matrix[2][1]         0.0000000000 
_pdbx_struct_oper_list.matrix[2][2]         1.0000000000 
_pdbx_struct_oper_list.matrix[2][3]         0.0000000000 
_pdbx_struct_oper_list.vector[2]            0.0000000000 
_pdbx_struct_oper_list.matrix[3][1]         0.0000000000 
_pdbx_struct_oper_list.matrix[3][2]         0.0000000000 
_pdbx_struct_oper_list.matrix[3][3]         1.0000000000 
_pdbx_struct_oper_list.vector[3]            0.0000000000 
# 
loop_
_struct_conf.conf_type_id 
_struct_conf.id 
_struct_conf.pdbx_PDB_helix_id 
_struct_conf.beg_label_comp_id 
_struct_conf.beg_label_asym_id 
_struct_conf.beg_label_seq_id 
_struct_conf.pdbx_beg_PDB_ins_code 
_struct_conf.end_label_comp_id 
_struct_conf.end_label_asym_id 
_struct_conf.end_label_seq_id 
_struct_conf.pdbx_end_PDB_ins_code 
_struct_conf.beg_auth_comp_id 
_struct_conf.beg_auth_asym_id 
_struct_conf.beg_auth_seq_id 
_struct_conf.end_auth_comp_id 
_struct_conf.end_auth_asym_id 
_struct_conf.end_auth_seq_id 
_struct_conf.pdbx_PDB_helix_class 
_struct_conf.details 
_struct_conf.pdbx_PDB_helix_length 
HELX_P HELX_P1 AA1 ASP A 13 ? PHE A 28 ? ASP A 12 PHE A 27 1 ? 16 
HELX_P HELX_P2 AA2 GLU A 33 ? SER A 42 ? GLU A 32 SER A 41 1 ? 10 
HELX_P HELX_P3 AA3 ASN A 43 ? ASN A 46 ? ASN A 42 ASN A 45 5 ? 4  
HELX_P HELX_P4 AA4 ASN A 47 ? HIS A 63 ? ASN A 46 HIS A 62 1 ? 17 
HELX_P HELX_P5 AA5 ASP B 13 ? PHE B 28 ? ASP B 12 PHE B 27 1 ? 16 
HELX_P HELX_P6 AA6 GLU B 33 ? SER B 42 ? GLU B 32 SER B 41 1 ? 10 
HELX_P HELX_P7 AA7 ASN B 43 ? ASN B 46 ? ASN B 42 ASN B 45 5 ? 4  
HELX_P HELX_P8 AA8 ASN B 47 ? HIS B 63 ? ASN B 46 HIS B 62 1 ? 17 
# 
_struct_conf_type.id          HELX_P 
_struct_conf_type.criteria    ? 
_struct_conf_type.reference   ? 
# 
loop_
_struct_conn.id 
_struct_conn.conn_type_id 
_struct_conn.pdbx_leaving_atom_flag 
_struct_conn.pdbx_PDB_id 
_struct_conn.ptnr1_label_asym_id 
_struct_conn.ptnr1_label_comp_id 
_struct_conn.ptnr1_label_seq_id 
_struct_conn.ptnr1_label_atom_id 
_struct_conn.pdbx_ptnr1_label_alt_id 
_struct_conn.pdbx_ptnr1_PDB_ins_code 
_struct_conn.pdbx_ptnr1_standard_comp_id 
_struct_conn.ptnr1_symmetry 
_struct_conn.ptnr2_label_asym_id 
_struct_conn.ptnr2_label_comp_id 
_struct_conn.ptnr2_label_seq_id 
_struct_conn.ptnr2_label_atom_id 
_struct_conn.pdbx_ptnr2_label_alt_id 
_struct_conn.pdbx_ptnr2_PDB_ins_code 
_struct_conn.ptnr1_auth_asym_id 
_struct_conn.ptnr1_auth_comp_id 
_struct_conn.ptnr1_auth_seq_id 
_struct_conn.ptnr2_auth_asym_id 
_struct_conn.ptnr2_auth_comp_id 
_struct_conn.ptnr2_auth_seq_id 
_struct_conn.ptnr2_symmetry 
_struct_conn.pdbx_ptnr3_label_atom_id 
_struct_conn.pdbx_ptnr3_label_seq_id 
_struct_conn.pdbx_ptnr3_label_comp_id 
_struct_conn.pdbx_ptnr3_label_asym_id 
_struct_conn.pdbx_ptnr3_label_alt_id 
_struct_conn.pdbx_ptnr3_PDB_ins_code 
_struct_conn.details 
_struct_conn.pdbx_dist_value 
_struct_conn.pdbx_value_order 
_struct_conn.pdbx_role 
disulf1 disulf ? ? A CYS 8  SG ? ? ? 1_555 A CYS 44 SG ? ? A CYS 7  A CYS 43 1_555 ? ? ? ? ? ? ? 2.028 ? ? 
disulf2 disulf ? ? A CYS 24 SG ? ? ? 1_555 A CYS 40 SG ? ? A CYS 23 A CYS 39 1_555 ? ? ? ? ? ? ? 2.049 ? ? 
disulf3 disulf ? ? A CYS 27 SG ? ? ? 1_555 A CYS 53 SG ? ? A CYS 26 A CYS 52 1_555 ? ? ? ? ? ? ? 2.029 ? ? 
disulf4 disulf ? ? B CYS 8  SG ? ? ? 1_555 B CYS 44 SG ? ? B CYS 7  B CYS 43 1_555 ? ? ? ? ? ? ? 2.012 ? ? 
disulf5 disulf ? ? B CYS 24 SG ? ? ? 1_555 B CYS 40 SG ? ? B CYS 23 B CYS 39 1_555 ? ? ? ? ? ? ? 2.033 ? ? 
disulf6 disulf ? ? B CYS 27 SG ? ? ? 1_555 B CYS 53 SG ? ? B CYS 26 B CYS 52 1_555 ? ? ? ? ? ? ? 2.058 ? ? 
# 
_struct_conn_type.id          disulf 
_struct_conn_type.criteria    ? 
_struct_conn_type.reference   ? 
# 
loop_
_pdbx_modification_feature.ordinal 
_pdbx_modification_feature.label_comp_id 
_pdbx_modification_feature.label_asym_id 
_pdbx_modification_feature.label_seq_id 
_pdbx_modification_feature.label_alt_id 
_pdbx_modification_feature.modified_residue_label_comp_id 
_pdbx_modification_feature.modified_residue_label_asym_id 
_pdbx_modification_feature.modified_residue_label_seq_id 
_pdbx_modification_feature.modified_residue_label_alt_id 
_pdbx_modification_feature.auth_comp_id 
_pdbx_modification_feature.auth_asym_id 
_pdbx_modification_feature.auth_seq_id 
_pdbx_modification_feature.PDB_ins_code 
_pdbx_modification_feature.symmetry 
_pdbx_modification_feature.modified_residue_auth_comp_id 
_pdbx_modification_feature.modified_residue_auth_asym_id 
_pdbx_modification_feature.modified_residue_auth_seq_id 
_pdbx_modification_feature.modified_residue_PDB_ins_code 
_pdbx_modification_feature.modified_residue_symmetry 
_pdbx_modification_feature.comp_id_linking_atom 
_pdbx_modification_feature.modified_residue_id_linking_atom 
_pdbx_modification_feature.modified_residue_id 
_pdbx_modification_feature.ref_pcm_id 
_pdbx_modification_feature.ref_comp_id 
_pdbx_modification_feature.type 
_pdbx_modification_feature.category 
1 CYS A 8  ? CYS A 44 ? CYS A 7  ? 1_555 CYS A 43 ? 1_555 SG SG . . . None 'Disulfide bridge' 
2 CYS A 24 ? CYS A 40 ? CYS A 23 ? 1_555 CYS A 39 ? 1_555 SG SG . . . None 'Disulfide bridge' 
3 CYS A 27 ? CYS A 53 ? CYS A 26 ? 1_555 CYS A 52 ? 1_555 SG SG . . . None 'Disulfide bridge' 
4 CYS B 8  ? CYS B 44 ? CYS B 7  ? 1_555 CYS B 43 ? 1_555 SG SG . . . None 'Disulfide bridge' 
5 CYS B 24 ? CYS B 40 ? CYS B 23 ? 1_555 CYS B 39 ? 1_555 SG SG . . . None 'Disulfide bridge' 
6 CYS B 27 ? CYS B 53 ? CYS B 26 ? 1_555 CYS B 52 ? 1_555 SG SG . . . None 'Disulfide bridge' 
# 
_struct_site.id                   AC1 
_struct_site.pdbx_evidence_code   Software 
_struct_site.pdbx_auth_asym_id    A 
_struct_site.pdbx_auth_comp_id    EOH 
_struct_site.pdbx_auth_seq_id     101 
_struct_site.pdbx_auth_ins_code   ? 
_struct_site.pdbx_num_residues    2 
_struct_site.details              'binding site for residue EOH A 101' 
# 
loop_
_struct_site_gen.id 
_struct_site_gen.site_id 
_struct_site_gen.pdbx_num_res 
_struct_site_gen.label_comp_id 
_struct_site_gen.label_asym_id 
_struct_site_gen.label_seq_id 
_struct_site_gen.pdbx_auth_ins_code 
_struct_site_gen.auth_comp_id 
_struct_site_gen.auth_asym_id 
_struct_site_gen.auth_seq_id 
_struct_site_gen.label_atom_id 
_struct_site_gen.label_alt_id 
_struct_site_gen.symmetry 
_struct_site_gen.details 
1 AC1 2 CYS A 44 ? CYS A 43 . ? 1_555 ? 
2 AC1 2 VAL B 58 ? VAL B 57 . ? 1_555 ? 
# 
_pdbx_entry_details.entry_id                   5B5I 
_pdbx_entry_details.compound_details           ? 
_pdbx_entry_details.source_details             ? 
_pdbx_entry_details.nonpolymer_details         ? 
_pdbx_entry_details.sequence_details           ? 
_pdbx_entry_details.has_ligand_of_interest     ? 
_pdbx_entry_details.has_protein_modification   Y 
# 
loop_
_pdbx_validate_close_contact.id 
_pdbx_validate_close_contact.PDB_model_num 
_pdbx_validate_close_contact.auth_atom_id_1 
_pdbx_validate_close_contact.auth_asym_id_1 
_pdbx_validate_close_contact.auth_comp_id_1 
_pdbx_validate_close_contact.auth_seq_id_1 
_pdbx_validate_close_contact.PDB_ins_code_1 
_pdbx_validate_close_contact.label_alt_id_1 
_pdbx_validate_close_contact.auth_atom_id_2 
_pdbx_validate_close_contact.auth_asym_id_2 
_pdbx_validate_close_contact.auth_comp_id_2 
_pdbx_validate_close_contact.auth_seq_id_2 
_pdbx_validate_close_contact.PDB_ins_code_2 
_pdbx_validate_close_contact.label_alt_id_2 
_pdbx_validate_close_contact.dist 
1 1 OE2 A GLU 67  ? ? NE2 B GLN 14  ? ? 1.94 
2 1 O   B HOH 104 ? ? O   B HOH 107 ? ? 2.17 
3 1 O   B HOH 102 ? ? O   B HOH 105 ? ? 2.18 
# 
loop_
_pdbx_validate_rmsd_angle.id 
_pdbx_validate_rmsd_angle.PDB_model_num 
_pdbx_validate_rmsd_angle.auth_atom_id_1 
_pdbx_validate_rmsd_angle.auth_asym_id_1 
_pdbx_validate_rmsd_angle.auth_comp_id_1 
_pdbx_validate_rmsd_angle.auth_seq_id_1 
_pdbx_validate_rmsd_angle.PDB_ins_code_1 
_pdbx_validate_rmsd_angle.label_alt_id_1 
_pdbx_validate_rmsd_angle.auth_atom_id_2 
_pdbx_validate_rmsd_angle.auth_asym_id_2 
_pdbx_validate_rmsd_angle.auth_comp_id_2 
_pdbx_validate_rmsd_angle.auth_seq_id_2 
_pdbx_validate_rmsd_angle.PDB_ins_code_2 
_pdbx_validate_rmsd_angle.label_alt_id_2 
_pdbx_validate_rmsd_angle.auth_atom_id_3 
_pdbx_validate_rmsd_angle.auth_asym_id_3 
_pdbx_validate_rmsd_angle.auth_comp_id_3 
_pdbx_validate_rmsd_angle.auth_seq_id_3 
_pdbx_validate_rmsd_angle.PDB_ins_code_3 
_pdbx_validate_rmsd_angle.label_alt_id_3 
_pdbx_validate_rmsd_angle.angle_value 
_pdbx_validate_rmsd_angle.angle_target_value 
_pdbx_validate_rmsd_angle.angle_deviation 
_pdbx_validate_rmsd_angle.angle_standard_deviation 
_pdbx_validate_rmsd_angle.linker_flag 
1 1 CG A MET 53 ? ? SD A MET 53 ? ? CE A MET 53 ? ? 88.57 100.20 -11.63 1.60 N 
2 1 CG B MET 53 ? ? SD B MET 53 ? ? CE B MET 53 ? ? 87.44 100.20 -12.76 1.60 N 
# 
loop_
_pdbx_validate_torsion.id 
_pdbx_validate_torsion.PDB_model_num 
_pdbx_validate_torsion.auth_comp_id 
_pdbx_validate_torsion.auth_asym_id 
_pdbx_validate_torsion.auth_seq_id 
_pdbx_validate_torsion.PDB_ins_code 
_pdbx_validate_torsion.label_alt_id 
_pdbx_validate_torsion.phi 
_pdbx_validate_torsion.psi 
1 1 CYS A 7 ? ? -166.70 108.94 
2 1 CYS B 7 ? ? -166.72 107.21 
# 
loop_
_pdbx_unobs_or_zero_occ_residues.id 
_pdbx_unobs_or_zero_occ_residues.PDB_model_num 
_pdbx_unobs_or_zero_occ_residues.polymer_flag 
_pdbx_unobs_or_zero_occ_residues.occupancy_flag 
_pdbx_unobs_or_zero_occ_residues.auth_asym_id 
_pdbx_unobs_or_zero_occ_residues.auth_comp_id 
_pdbx_unobs_or_zero_occ_residues.auth_seq_id 
_pdbx_unobs_or_zero_occ_residues.PDB_ins_code 
_pdbx_unobs_or_zero_occ_residues.label_asym_id 
_pdbx_unobs_or_zero_occ_residues.label_comp_id 
_pdbx_unobs_or_zero_occ_residues.label_seq_id 
1  1 Y 1 A GLY 0  ? A GLY 1  
2  1 Y 1 A ALA 68 ? A ALA 69 
3  1 Y 1 A VAL 69 ? A VAL 70 
4  1 Y 1 A GLN 70 ? A GLN 71 
5  1 Y 1 A MET 71 ? A MET 72 
6  1 Y 1 A VAL 72 ? A VAL 73 
7  1 Y 1 A GLY 73 ? A GLY 74 
8  1 Y 1 B GLY 0  ? B GLY 1  
9  1 Y 1 B VAL 69 ? B VAL 70 
10 1 Y 1 B GLN 70 ? B GLN 71 
11 1 Y 1 B MET 71 ? B MET 72 
12 1 Y 1 B VAL 72 ? B VAL 73 
13 1 Y 1 B GLY 73 ? B GLY 74 
# 
loop_
_chem_comp_atom.comp_id 
_chem_comp_atom.atom_id 
_chem_comp_atom.type_symbol 
_chem_comp_atom.pdbx_aromatic_flag 
_chem_comp_atom.pdbx_stereo_config 
_chem_comp_atom.pdbx_ordinal 
ALA N    N N N 1   
ALA CA   C N S 2   
ALA C    C N N 3   
ALA O    O N N 4   
ALA CB   C N N 5   
ALA OXT  O N N 6   
ALA H    H N N 7   
ALA H2   H N N 8   
ALA HA   H N N 9   
ALA HB1  H N N 10  
ALA HB2  H N N 11  
ALA HB3  H N N 12  
ALA HXT  H N N 13  
ARG N    N N N 14  
ARG CA   C N S 15  
ARG C    C N N 16  
ARG O    O N N 17  
ARG CB   C N N 18  
ARG CG   C N N 19  
ARG CD   C N N 20  
ARG NE   N N N 21  
ARG CZ   C N N 22  
ARG NH1  N N N 23  
ARG NH2  N N N 24  
ARG OXT  O N N 25  
ARG H    H N N 26  
ARG H2   H N N 27  
ARG HA   H N N 28  
ARG HB2  H N N 29  
ARG HB3  H N N 30  
ARG HG2  H N N 31  
ARG HG3  H N N 32  
ARG HD2  H N N 33  
ARG HD3  H N N 34  
ARG HE   H N N 35  
ARG HH11 H N N 36  
ARG HH12 H N N 37  
ARG HH21 H N N 38  
ARG HH22 H N N 39  
ARG HXT  H N N 40  
ASN N    N N N 41  
ASN CA   C N S 42  
ASN C    C N N 43  
ASN O    O N N 44  
ASN CB   C N N 45  
ASN CG   C N N 46  
ASN OD1  O N N 47  
ASN ND2  N N N 48  
ASN OXT  O N N 49  
ASN H    H N N 50  
ASN H2   H N N 51  
ASN HA   H N N 52  
ASN HB2  H N N 53  
ASN HB3  H N N 54  
ASN HD21 H N N 55  
ASN HD22 H N N 56  
ASN HXT  H N N 57  
ASP N    N N N 58  
ASP CA   C N S 59  
ASP C    C N N 60  
ASP O    O N N 61  
ASP CB   C N N 62  
ASP CG   C N N 63  
ASP OD1  O N N 64  
ASP OD2  O N N 65  
ASP OXT  O N N 66  
ASP H    H N N 67  
ASP H2   H N N 68  
ASP HA   H N N 69  
ASP HB2  H N N 70  
ASP HB3  H N N 71  
ASP HD2  H N N 72  
ASP HXT  H N N 73  
CYS N    N N N 74  
CYS CA   C N R 75  
CYS C    C N N 76  
CYS O    O N N 77  
CYS CB   C N N 78  
CYS SG   S N N 79  
CYS OXT  O N N 80  
CYS H    H N N 81  
CYS H2   H N N 82  
CYS HA   H N N 83  
CYS HB2  H N N 84  
CYS HB3  H N N 85  
CYS HG   H N N 86  
CYS HXT  H N N 87  
EOH C1   C N N 88  
EOH C2   C N N 89  
EOH O    O N N 90  
EOH H11  H N N 91  
EOH H12  H N N 92  
EOH H21  H N N 93  
EOH H22  H N N 94  
EOH H23  H N N 95  
EOH HO   H N N 96  
GLN N    N N N 97  
GLN CA   C N S 98  
GLN C    C N N 99  
GLN O    O N N 100 
GLN CB   C N N 101 
GLN CG   C N N 102 
GLN CD   C N N 103 
GLN OE1  O N N 104 
GLN NE2  N N N 105 
GLN OXT  O N N 106 
GLN H    H N N 107 
GLN H2   H N N 108 
GLN HA   H N N 109 
GLN HB2  H N N 110 
GLN HB3  H N N 111 
GLN HG2  H N N 112 
GLN HG3  H N N 113 
GLN HE21 H N N 114 
GLN HE22 H N N 115 
GLN HXT  H N N 116 
GLU N    N N N 117 
GLU CA   C N S 118 
GLU C    C N N 119 
GLU O    O N N 120 
GLU CB   C N N 121 
GLU CG   C N N 122 
GLU CD   C N N 123 
GLU OE1  O N N 124 
GLU OE2  O N N 125 
GLU OXT  O N N 126 
GLU H    H N N 127 
GLU H2   H N N 128 
GLU HA   H N N 129 
GLU HB2  H N N 130 
GLU HB3  H N N 131 
GLU HG2  H N N 132 
GLU HG3  H N N 133 
GLU HE2  H N N 134 
GLU HXT  H N N 135 
GLY N    N N N 136 
GLY CA   C N N 137 
GLY C    C N N 138 
GLY O    O N N 139 
GLY OXT  O N N 140 
GLY H    H N N 141 
GLY H2   H N N 142 
GLY HA2  H N N 143 
GLY HA3  H N N 144 
GLY HXT  H N N 145 
HIS N    N N N 146 
HIS CA   C N S 147 
HIS C    C N N 148 
HIS O    O N N 149 
HIS CB   C N N 150 
HIS CG   C Y N 151 
HIS ND1  N Y N 152 
HIS CD2  C Y N 153 
HIS CE1  C Y N 154 
HIS NE2  N Y N 155 
HIS OXT  O N N 156 
HIS H    H N N 157 
HIS H2   H N N 158 
HIS HA   H N N 159 
HIS HB2  H N N 160 
HIS HB3  H N N 161 
HIS HD1  H N N 162 
HIS HD2  H N N 163 
HIS HE1  H N N 164 
HIS HE2  H N N 165 
HIS HXT  H N N 166 
HOH O    O N N 167 
HOH H1   H N N 168 
HOH H2   H N N 169 
LEU N    N N N 170 
LEU CA   C N S 171 
LEU C    C N N 172 
LEU O    O N N 173 
LEU CB   C N N 174 
LEU CG   C N N 175 
LEU CD1  C N N 176 
LEU CD2  C N N 177 
LEU OXT  O N N 178 
LEU H    H N N 179 
LEU H2   H N N 180 
LEU HA   H N N 181 
LEU HB2  H N N 182 
LEU HB3  H N N 183 
LEU HG   H N N 184 
LEU HD11 H N N 185 
LEU HD12 H N N 186 
LEU HD13 H N N 187 
LEU HD21 H N N 188 
LEU HD22 H N N 189 
LEU HD23 H N N 190 
LEU HXT  H N N 191 
MET N    N N N 192 
MET CA   C N S 193 
MET C    C N N 194 
MET O    O N N 195 
MET CB   C N N 196 
MET CG   C N N 197 
MET SD   S N N 198 
MET CE   C N N 199 
MET OXT  O N N 200 
MET H    H N N 201 
MET H2   H N N 202 
MET HA   H N N 203 
MET HB2  H N N 204 
MET HB3  H N N 205 
MET HG2  H N N 206 
MET HG3  H N N 207 
MET HE1  H N N 208 
MET HE2  H N N 209 
MET HE3  H N N 210 
MET HXT  H N N 211 
PHE N    N N N 212 
PHE CA   C N S 213 
PHE C    C N N 214 
PHE O    O N N 215 
PHE CB   C N N 216 
PHE CG   C Y N 217 
PHE CD1  C Y N 218 
PHE CD2  C Y N 219 
PHE CE1  C Y N 220 
PHE CE2  C Y N 221 
PHE CZ   C Y N 222 
PHE OXT  O N N 223 
PHE H    H N N 224 
PHE H2   H N N 225 
PHE HA   H N N 226 
PHE HB2  H N N 227 
PHE HB3  H N N 228 
PHE HD1  H N N 229 
PHE HD2  H N N 230 
PHE HE1  H N N 231 
PHE HE2  H N N 232 
PHE HZ   H N N 233 
PHE HXT  H N N 234 
PRO N    N N N 235 
PRO CA   C N S 236 
PRO C    C N N 237 
PRO O    O N N 238 
PRO CB   C N N 239 
PRO CG   C N N 240 
PRO CD   C N N 241 
PRO OXT  O N N 242 
PRO H    H N N 243 
PRO HA   H N N 244 
PRO HB2  H N N 245 
PRO HB3  H N N 246 
PRO HG2  H N N 247 
PRO HG3  H N N 248 
PRO HD2  H N N 249 
PRO HD3  H N N 250 
PRO HXT  H N N 251 
SER N    N N N 252 
SER CA   C N S 253 
SER C    C N N 254 
SER O    O N N 255 
SER CB   C N N 256 
SER OG   O N N 257 
SER OXT  O N N 258 
SER H    H N N 259 
SER H2   H N N 260 
SER HA   H N N 261 
SER HB2  H N N 262 
SER HB3  H N N 263 
SER HG   H N N 264 
SER HXT  H N N 265 
THR N    N N N 266 
THR CA   C N S 267 
THR C    C N N 268 
THR O    O N N 269 
THR CB   C N R 270 
THR OG1  O N N 271 
THR CG2  C N N 272 
THR OXT  O N N 273 
THR H    H N N 274 
THR H2   H N N 275 
THR HA   H N N 276 
THR HB   H N N 277 
THR HG1  H N N 278 
THR HG21 H N N 279 
THR HG22 H N N 280 
THR HG23 H N N 281 
THR HXT  H N N 282 
TYR N    N N N 283 
TYR CA   C N S 284 
TYR C    C N N 285 
TYR O    O N N 286 
TYR CB   C N N 287 
TYR CG   C Y N 288 
TYR CD1  C Y N 289 
TYR CD2  C Y N 290 
TYR CE1  C Y N 291 
TYR CE2  C Y N 292 
TYR CZ   C Y N 293 
TYR OH   O N N 294 
TYR OXT  O N N 295 
TYR H    H N N 296 
TYR H2   H N N 297 
TYR HA   H N N 298 
TYR HB2  H N N 299 
TYR HB3  H N N 300 
TYR HD1  H N N 301 
TYR HD2  H N N 302 
TYR HE1  H N N 303 
TYR HE2  H N N 304 
TYR HH   H N N 305 
TYR HXT  H N N 306 
VAL N    N N N 307 
VAL CA   C N S 308 
VAL C    C N N 309 
VAL O    O N N 310 
VAL CB   C N N 311 
VAL CG1  C N N 312 
VAL CG2  C N N 313 
VAL OXT  O N N 314 
VAL H    H N N 315 
VAL H2   H N N 316 
VAL HA   H N N 317 
VAL HB   H N N 318 
VAL HG11 H N N 319 
VAL HG12 H N N 320 
VAL HG13 H N N 321 
VAL HG21 H N N 322 
VAL HG22 H N N 323 
VAL HG23 H N N 324 
VAL HXT  H N N 325 
# 
loop_
_chem_comp_bond.comp_id 
_chem_comp_bond.atom_id_1 
_chem_comp_bond.atom_id_2 
_chem_comp_bond.value_order 
_chem_comp_bond.pdbx_aromatic_flag 
_chem_comp_bond.pdbx_stereo_config 
_chem_comp_bond.pdbx_ordinal 
ALA N   CA   sing N N 1   
ALA N   H    sing N N 2   
ALA N   H2   sing N N 3   
ALA CA  C    sing N N 4   
ALA CA  CB   sing N N 5   
ALA CA  HA   sing N N 6   
ALA C   O    doub N N 7   
ALA C   OXT  sing N N 8   
ALA CB  HB1  sing N N 9   
ALA CB  HB2  sing N N 10  
ALA CB  HB3  sing N N 11  
ALA OXT HXT  sing N N 12  
ARG N   CA   sing N N 13  
ARG N   H    sing N N 14  
ARG N   H2   sing N N 15  
ARG CA  C    sing N N 16  
ARG CA  CB   sing N N 17  
ARG CA  HA   sing N N 18  
ARG C   O    doub N N 19  
ARG C   OXT  sing N N 20  
ARG CB  CG   sing N N 21  
ARG CB  HB2  sing N N 22  
ARG CB  HB3  sing N N 23  
ARG CG  CD   sing N N 24  
ARG CG  HG2  sing N N 25  
ARG CG  HG3  sing N N 26  
ARG CD  NE   sing N N 27  
ARG CD  HD2  sing N N 28  
ARG CD  HD3  sing N N 29  
ARG NE  CZ   sing N N 30  
ARG NE  HE   sing N N 31  
ARG CZ  NH1  sing N N 32  
ARG CZ  NH2  doub N N 33  
ARG NH1 HH11 sing N N 34  
ARG NH1 HH12 sing N N 35  
ARG NH2 HH21 sing N N 36  
ARG NH2 HH22 sing N N 37  
ARG OXT HXT  sing N N 38  
ASN N   CA   sing N N 39  
ASN N   H    sing N N 40  
ASN N   H2   sing N N 41  
ASN CA  C    sing N N 42  
ASN CA  CB   sing N N 43  
ASN CA  HA   sing N N 44  
ASN C   O    doub N N 45  
ASN C   OXT  sing N N 46  
ASN CB  CG   sing N N 47  
ASN CB  HB2  sing N N 48  
ASN CB  HB3  sing N N 49  
ASN CG  OD1  doub N N 50  
ASN CG  ND2  sing N N 51  
ASN ND2 HD21 sing N N 52  
ASN ND2 HD22 sing N N 53  
ASN OXT HXT  sing N N 54  
ASP N   CA   sing N N 55  
ASP N   H    sing N N 56  
ASP N   H2   sing N N 57  
ASP CA  C    sing N N 58  
ASP CA  CB   sing N N 59  
ASP CA  HA   sing N N 60  
ASP C   O    doub N N 61  
ASP C   OXT  sing N N 62  
ASP CB  CG   sing N N 63  
ASP CB  HB2  sing N N 64  
ASP CB  HB3  sing N N 65  
ASP CG  OD1  doub N N 66  
ASP CG  OD2  sing N N 67  
ASP OD2 HD2  sing N N 68  
ASP OXT HXT  sing N N 69  
CYS N   CA   sing N N 70  
CYS N   H    sing N N 71  
CYS N   H2   sing N N 72  
CYS CA  C    sing N N 73  
CYS CA  CB   sing N N 74  
CYS CA  HA   sing N N 75  
CYS C   O    doub N N 76  
CYS C   OXT  sing N N 77  
CYS CB  SG   sing N N 78  
CYS CB  HB2  sing N N 79  
CYS CB  HB3  sing N N 80  
CYS SG  HG   sing N N 81  
CYS OXT HXT  sing N N 82  
EOH C1  C2   sing N N 83  
EOH C1  O    sing N N 84  
EOH C1  H11  sing N N 85  
EOH C1  H12  sing N N 86  
EOH C2  H21  sing N N 87  
EOH C2  H22  sing N N 88  
EOH C2  H23  sing N N 89  
EOH O   HO   sing N N 90  
GLN N   CA   sing N N 91  
GLN N   H    sing N N 92  
GLN N   H2   sing N N 93  
GLN CA  C    sing N N 94  
GLN CA  CB   sing N N 95  
GLN CA  HA   sing N N 96  
GLN C   O    doub N N 97  
GLN C   OXT  sing N N 98  
GLN CB  CG   sing N N 99  
GLN CB  HB2  sing N N 100 
GLN CB  HB3  sing N N 101 
GLN CG  CD   sing N N 102 
GLN CG  HG2  sing N N 103 
GLN CG  HG3  sing N N 104 
GLN CD  OE1  doub N N 105 
GLN CD  NE2  sing N N 106 
GLN NE2 HE21 sing N N 107 
GLN NE2 HE22 sing N N 108 
GLN OXT HXT  sing N N 109 
GLU N   CA   sing N N 110 
GLU N   H    sing N N 111 
GLU N   H2   sing N N 112 
GLU CA  C    sing N N 113 
GLU CA  CB   sing N N 114 
GLU CA  HA   sing N N 115 
GLU C   O    doub N N 116 
GLU C   OXT  sing N N 117 
GLU CB  CG   sing N N 118 
GLU CB  HB2  sing N N 119 
GLU CB  HB3  sing N N 120 
GLU CG  CD   sing N N 121 
GLU CG  HG2  sing N N 122 
GLU CG  HG3  sing N N 123 
GLU CD  OE1  doub N N 124 
GLU CD  OE2  sing N N 125 
GLU OE2 HE2  sing N N 126 
GLU OXT HXT  sing N N 127 
GLY N   CA   sing N N 128 
GLY N   H    sing N N 129 
GLY N   H2   sing N N 130 
GLY CA  C    sing N N 131 
GLY CA  HA2  sing N N 132 
GLY CA  HA3  sing N N 133 
GLY C   O    doub N N 134 
GLY C   OXT  sing N N 135 
GLY OXT HXT  sing N N 136 
HIS N   CA   sing N N 137 
HIS N   H    sing N N 138 
HIS N   H2   sing N N 139 
HIS CA  C    sing N N 140 
HIS CA  CB   sing N N 141 
HIS CA  HA   sing N N 142 
HIS C   O    doub N N 143 
HIS C   OXT  sing N N 144 
HIS CB  CG   sing N N 145 
HIS CB  HB2  sing N N 146 
HIS CB  HB3  sing N N 147 
HIS CG  ND1  sing Y N 148 
HIS CG  CD2  doub Y N 149 
HIS ND1 CE1  doub Y N 150 
HIS ND1 HD1  sing N N 151 
HIS CD2 NE2  sing Y N 152 
HIS CD2 HD2  sing N N 153 
HIS CE1 NE2  sing Y N 154 
HIS CE1 HE1  sing N N 155 
HIS NE2 HE2  sing N N 156 
HIS OXT HXT  sing N N 157 
HOH O   H1   sing N N 158 
HOH O   H2   sing N N 159 
LEU N   CA   sing N N 160 
LEU N   H    sing N N 161 
LEU N   H2   sing N N 162 
LEU CA  C    sing N N 163 
LEU CA  CB   sing N N 164 
LEU CA  HA   sing N N 165 
LEU C   O    doub N N 166 
LEU C   OXT  sing N N 167 
LEU CB  CG   sing N N 168 
LEU CB  HB2  sing N N 169 
LEU CB  HB3  sing N N 170 
LEU CG  CD1  sing N N 171 
LEU CG  CD2  sing N N 172 
LEU CG  HG   sing N N 173 
LEU CD1 HD11 sing N N 174 
LEU CD1 HD12 sing N N 175 
LEU CD1 HD13 sing N N 176 
LEU CD2 HD21 sing N N 177 
LEU CD2 HD22 sing N N 178 
LEU CD2 HD23 sing N N 179 
LEU OXT HXT  sing N N 180 
MET N   CA   sing N N 181 
MET N   H    sing N N 182 
MET N   H2   sing N N 183 
MET CA  C    sing N N 184 
MET CA  CB   sing N N 185 
MET CA  HA   sing N N 186 
MET C   O    doub N N 187 
MET C   OXT  sing N N 188 
MET CB  CG   sing N N 189 
MET CB  HB2  sing N N 190 
MET CB  HB3  sing N N 191 
MET CG  SD   sing N N 192 
MET CG  HG2  sing N N 193 
MET CG  HG3  sing N N 194 
MET SD  CE   sing N N 195 
MET CE  HE1  sing N N 196 
MET CE  HE2  sing N N 197 
MET CE  HE3  sing N N 198 
MET OXT HXT  sing N N 199 
PHE N   CA   sing N N 200 
PHE N   H    sing N N 201 
PHE N   H2   sing N N 202 
PHE CA  C    sing N N 203 
PHE CA  CB   sing N N 204 
PHE CA  HA   sing N N 205 
PHE C   O    doub N N 206 
PHE C   OXT  sing N N 207 
PHE CB  CG   sing N N 208 
PHE CB  HB2  sing N N 209 
PHE CB  HB3  sing N N 210 
PHE CG  CD1  doub Y N 211 
PHE CG  CD2  sing Y N 212 
PHE CD1 CE1  sing Y N 213 
PHE CD1 HD1  sing N N 214 
PHE CD2 CE2  doub Y N 215 
PHE CD2 HD2  sing N N 216 
PHE CE1 CZ   doub Y N 217 
PHE CE1 HE1  sing N N 218 
PHE CE2 CZ   sing Y N 219 
PHE CE2 HE2  sing N N 220 
PHE CZ  HZ   sing N N 221 
PHE OXT HXT  sing N N 222 
PRO N   CA   sing N N 223 
PRO N   CD   sing N N 224 
PRO N   H    sing N N 225 
PRO CA  C    sing N N 226 
PRO CA  CB   sing N N 227 
PRO CA  HA   sing N N 228 
PRO C   O    doub N N 229 
PRO C   OXT  sing N N 230 
PRO CB  CG   sing N N 231 
PRO CB  HB2  sing N N 232 
PRO CB  HB3  sing N N 233 
PRO CG  CD   sing N N 234 
PRO CG  HG2  sing N N 235 
PRO CG  HG3  sing N N 236 
PRO CD  HD2  sing N N 237 
PRO CD  HD3  sing N N 238 
PRO OXT HXT  sing N N 239 
SER N   CA   sing N N 240 
SER N   H    sing N N 241 
SER N   H2   sing N N 242 
SER CA  C    sing N N 243 
SER CA  CB   sing N N 244 
SER CA  HA   sing N N 245 
SER C   O    doub N N 246 
SER C   OXT  sing N N 247 
SER CB  OG   sing N N 248 
SER CB  HB2  sing N N 249 
SER CB  HB3  sing N N 250 
SER OG  HG   sing N N 251 
SER OXT HXT  sing N N 252 
THR N   CA   sing N N 253 
THR N   H    sing N N 254 
THR N   H2   sing N N 255 
THR CA  C    sing N N 256 
THR CA  CB   sing N N 257 
THR CA  HA   sing N N 258 
THR C   O    doub N N 259 
THR C   OXT  sing N N 260 
THR CB  OG1  sing N N 261 
THR CB  CG2  sing N N 262 
THR CB  HB   sing N N 263 
THR OG1 HG1  sing N N 264 
THR CG2 HG21 sing N N 265 
THR CG2 HG22 sing N N 266 
THR CG2 HG23 sing N N 267 
THR OXT HXT  sing N N 268 
TYR N   CA   sing N N 269 
TYR N   H    sing N N 270 
TYR N   H2   sing N N 271 
TYR CA  C    sing N N 272 
TYR CA  CB   sing N N 273 
TYR CA  HA   sing N N 274 
TYR C   O    doub N N 275 
TYR C   OXT  sing N N 276 
TYR CB  CG   sing N N 277 
TYR CB  HB2  sing N N 278 
TYR CB  HB3  sing N N 279 
TYR CG  CD1  doub Y N 280 
TYR CG  CD2  sing Y N 281 
TYR CD1 CE1  sing Y N 282 
TYR CD1 HD1  sing N N 283 
TYR CD2 CE2  doub Y N 284 
TYR CD2 HD2  sing N N 285 
TYR CE1 CZ   doub Y N 286 
TYR CE1 HE1  sing N N 287 
TYR CE2 CZ   sing Y N 288 
TYR CE2 HE2  sing N N 289 
TYR CZ  OH   sing N N 290 
TYR OH  HH   sing N N 291 
TYR OXT HXT  sing N N 292 
VAL N   CA   sing N N 293 
VAL N   H    sing N N 294 
VAL N   H2   sing N N 295 
VAL CA  C    sing N N 296 
VAL CA  CB   sing N N 297 
VAL CA  HA   sing N N 298 
VAL C   O    doub N N 299 
VAL C   OXT  sing N N 300 
VAL CB  CG1  sing N N 301 
VAL CB  CG2  sing N N 302 
VAL CB  HB   sing N N 303 
VAL CG1 HG11 sing N N 304 
VAL CG1 HG12 sing N N 305 
VAL CG1 HG13 sing N N 306 
VAL CG2 HG21 sing N N 307 
VAL CG2 HG22 sing N N 308 
VAL CG2 HG23 sing N N 309 
VAL OXT HXT  sing N N 310 
# 
loop_
_pdbx_audit_support.funding_organization 
_pdbx_audit_support.country 
_pdbx_audit_support.grant_number 
_pdbx_audit_support.ordinal 
'Ministry of Education, Culture, Sport, Science and Technology of Japan' Japan 25850143 1 
'Ministry of Education, Culture, Sport, Science and Technology of Japan' Japan 15K07576 2 
'Suntory Institute for Bioorganic Research'                              Japan ?        3 
# 
_atom_sites.entry_id                    5B5I 
_atom_sites.fract_transf_matrix[1][1]   -0.02562250 
_atom_sites.fract_transf_matrix[1][2]   0.00023293 
_atom_sites.fract_transf_matrix[1][3]   -0.00344417 
_atom_sites.fract_transf_matrix[2][1]   0.00204680 
_atom_sites.fract_transf_matrix[2][2]   0.01029058 
_atom_sites.fract_transf_matrix[2][3]   -0.01453095 
_atom_sites.fract_transf_matrix[3][1]   0.00123996 
_atom_sites.fract_transf_matrix[3][2]   -0.01467351 
_atom_sites.fract_transf_matrix[3][3]   -0.01021688 
_atom_sites.fract_transf_vector[1]      0.374954 
_atom_sites.fract_transf_vector[2]      1.056673 
_atom_sites.fract_transf_vector[3]      0.192448 
# 
loop_
_atom_type.symbol 
C 
N 
O 
S 
# 
loop_
_atom_site.group_PDB 
_atom_site.id 
_atom_site.type_symbol 
_atom_site.label_atom_id 
_atom_site.label_alt_id 
_atom_site.label_comp_id 
_atom_site.label_asym_id 
_atom_site.label_entity_id 
_atom_site.label_seq_id 
_atom_site.pdbx_PDB_ins_code 
_atom_site.Cartn_x 
_atom_site.Cartn_y 
_atom_site.Cartn_z 
_atom_site.occupancy 
_atom_site.B_iso_or_equiv 
_atom_site.pdbx_formal_charge 
_atom_site.auth_seq_id 
_atom_site.auth_comp_id 
_atom_site.auth_asym_id 
_atom_site.auth_atom_id 
_atom_site.pdbx_PDB_model_num 
ATOM   1    N N   . SER A 1 2  ? -21.191 5.766   0.494   1.00 30.05 ? 1   SER A N   1 
ATOM   2    C CA  . SER A 1 2  ? -21.981 5.518   1.696   1.00 26.05 ? 1   SER A CA  1 
ATOM   3    C C   . SER A 1 2  ? -21.127 4.912   2.795   1.00 24.25 ? 1   SER A C   1 
ATOM   4    O O   . SER A 1 2  ? -20.292 4.046   2.520   1.00 24.35 ? 1   SER A O   1 
ATOM   5    C CB  . SER A 1 2  ? -23.157 4.585   1.396   1.00 27.40 ? 1   SER A CB  1 
ATOM   6    O OG  . SER A 1 2  ? -23.799 4.161   2.592   1.00 25.68 ? 1   SER A OG  1 
ATOM   7    N N   . LEU A 1 3  ? -21.351 5.354   4.042   1.00 22.55 ? 2   LEU A N   1 
ATOM   8    C CA  . LEU A 1 3  ? -20.711 4.719   5.191   1.00 23.19 ? 2   LEU A CA  1 
ATOM   9    C C   . LEU A 1 3  ? -21.061 3.245   5.301   1.00 18.85 ? 2   LEU A C   1 
ATOM   10   O O   . LEU A 1 3  ? -20.343 2.499   5.972   1.00 22.70 ? 2   LEU A O   1 
ATOM   11   C CB  . LEU A 1 3  ? -21.104 5.424   6.494   1.00 22.95 ? 2   LEU A CB  1 
ATOM   12   C CG  . LEU A 1 3  ? -20.652 6.871   6.659   1.00 25.21 ? 2   LEU A CG  1 
ATOM   13   C CD1 . LEU A 1 3  ? -20.958 7.383   8.069   1.00 26.45 ? 2   LEU A CD1 1 
ATOM   14   C CD2 . LEU A 1 3  ? -19.177 6.992   6.346   1.00 28.14 ? 2   LEU A CD2 1 
ATOM   15   N N   . PHE A 1 4  ? -22.135 2.807   4.639   1.00 21.90 ? 3   PHE A N   1 
ATOM   16   C CA  . PHE A 1 4  ? -22.597 1.427   4.694   1.00 20.79 ? 3   PHE A CA  1 
ATOM   17   C C   . PHE A 1 4  ? -22.351 0.677   3.395   1.00 22.67 ? 3   PHE A C   1 
ATOM   18   O O   . PHE A 1 4  ? -23.041 -0.305  3.116   1.00 23.39 ? 3   PHE A O   1 
ATOM   19   C CB  . PHE A 1 4  ? -24.080 1.384   5.051   1.00 22.11 ? 3   PHE A CB  1 
ATOM   20   C CG  . PHE A 1 4  ? -24.367 1.951   6.397   1.00 22.45 ? 3   PHE A CG  1 
ATOM   21   C CD1 . PHE A 1 4  ? -24.163 1.177   7.530   1.00 22.44 ? 3   PHE A CD1 1 
ATOM   22   C CD2 . PHE A 1 4  ? -24.781 3.262   6.540   1.00 21.44 ? 3   PHE A CD2 1 
ATOM   23   C CE1 . PHE A 1 4  ? -24.398 1.685   8.787   1.00 21.09 ? 3   PHE A CE1 1 
ATOM   24   C CE2 . PHE A 1 4  ? -25.027 3.790   7.802   1.00 21.78 ? 3   PHE A CE2 1 
ATOM   25   C CZ  . PHE A 1 4  ? -24.830 3.001   8.929   1.00 21.98 ? 3   PHE A CZ  1 
ATOM   26   N N   . ASP A 1 5  ? -21.393 1.128   2.596   1.00 22.12 ? 4   ASP A N   1 
ATOM   27   C CA  . ASP A 1 5  ? -21.014 0.416   1.392   1.00 24.62 ? 4   ASP A CA  1 
ATOM   28   C C   . ASP A 1 5  ? -20.412 -0.933  1.763   1.00 22.78 ? 4   ASP A C   1 
ATOM   29   O O   . ASP A 1 5  ? -19.380 -0.964  2.452   1.00 23.36 ? 4   ASP A O   1 
ATOM   30   C CB  . ASP A 1 5  ? -20.005 1.251   0.617   1.00 23.70 ? 4   ASP A CB  1 
ATOM   31   C CG  . ASP A 1 5  ? -19.783 0.742   -0.785  1.00 26.48 ? 4   ASP A CG  1 
ATOM   32   O OD1 . ASP A 1 5  ? -19.952 -0.475  -1.020  1.00 27.42 ? 4   ASP A OD1 1 
ATOM   33   O OD2 . ASP A 1 5  ? -19.424 1.571   -1.634  1.00 29.19 ? 4   ASP A OD2 1 
ATOM   34   N N   . PRO A 1 6  ? -21.002 -2.056  1.333   1.00 22.54 ? 5   PRO A N   1 
ATOM   35   C CA  . PRO A 1 6  ? -20.483 -3.374  1.740   1.00 22.04 ? 5   PRO A CA  1 
ATOM   36   C C   . PRO A 1 6  ? -19.031 -3.604  1.413   1.00 24.39 ? 5   PRO A C   1 
ATOM   37   O O   . PRO A 1 6  ? -18.381 -4.413  2.082   1.00 25.55 ? 5   PRO A O   1 
ATOM   38   C CB  . PRO A 1 6  ? -21.374 -4.356  0.966   1.00 23.83 ? 5   PRO A CB  1 
ATOM   39   C CG  . PRO A 1 6  ? -22.609 -3.636  0.723   1.00 23.84 ? 5   PRO A CG  1 
ATOM   40   C CD  . PRO A 1 6  ? -22.267 -2.177  0.585   1.00 22.53 ? 5   PRO A CD  1 
ATOM   41   N N   . SER A 1 7  ? -18.510 -2.939  0.384   1.00 20.75 ? 6   SER A N   1 
ATOM   42   C CA  . SER A 1 7  ? -17.135 -3.197  -0.017  1.00 24.32 ? 6   SER A CA  1 
ATOM   43   C C   . SER A 1 7  ? -16.140 -2.681  1.010   1.00 23.42 ? 6   SER A C   1 
ATOM   44   O O   . SER A 1 7  ? -15.060 -3.260  1.163   1.00 24.80 ? 6   SER A O   1 
ATOM   45   C CB  . SER A 1 7  ? -16.868 -2.569  -1.380  1.00 24.82 ? 6   SER A CB  1 
ATOM   46   O OG  . SER A 1 7  ? -17.081 -1.169  -1.342  1.00 29.30 ? 6   SER A OG  1 
ATOM   47   N N   . CYS A 1 8  ? -16.475 -1.599  1.708   1.00 18.98 ? 7   CYS A N   1 
ATOM   48   C CA  . CYS A 1 8  ? -15.622 -1.040  2.752   1.00 17.47 ? 7   CYS A CA  1 
ATOM   49   C C   . CYS A 1 8  ? -16.455 -0.041  3.538   1.00 20.15 ? 7   CYS A C   1 
ATOM   50   O O   . CYS A 1 8  ? -16.799 1.020   3.015   1.00 19.95 ? 7   CYS A O   1 
ATOM   51   C CB  . CYS A 1 8  ? -14.381 -0.355  2.174   1.00 24.45 ? 7   CYS A CB  1 
ATOM   52   S SG  . CYS A 1 8  ? -13.223 0.172   3.465   1.00 23.90 ? 7   CYS A SG  1 
ATOM   53   N N   . THR A 1 9  ? -16.808 -0.378  4.775   1.00 19.78 ? 8   THR A N   1 
ATOM   54   C CA  . THR A 1 9  ? -17.731 0.455   5.527   1.00 21.56 ? 8   THR A CA  1 
ATOM   55   C C   . THR A 1 9  ? -16.965 1.497   6.334   1.00 19.42 ? 8   THR A C   1 
ATOM   56   O O   . THR A 1 9  ? -15.800 1.308   6.684   1.00 23.71 ? 8   THR A O   1 
ATOM   57   C CB  . THR A 1 9  ? -18.595 -0.398  6.460   1.00 23.35 ? 8   THR A CB  1 
ATOM   58   O OG1 . THR A 1 9  ? -17.751 -1.182  7.311   1.00 27.27 ? 8   THR A OG1 1 
ATOM   59   C CG2 . THR A 1 9  ? -19.473 -1.330  5.653   1.00 24.37 ? 8   THR A CG2 1 
ATOM   60   N N   . GLY A 1 10 ? -17.635 2.607   6.613   1.00 18.81 ? 9   GLY A N   1 
ATOM   61   C CA  . GLY A 1 10 ? -17.081 3.609   7.498   1.00 21.38 ? 9   GLY A CA  1 
ATOM   62   C C   . GLY A 1 10 ? -15.943 4.413   6.923   1.00 21.21 ? 9   GLY A C   1 
ATOM   63   O O   . GLY A 1 10 ? -15.083 4.876   7.678   1.00 25.06 ? 9   GLY A O   1 
ATOM   64   N N   . VAL A 1 11 ? -15.913 4.609   5.610   1.00 20.85 ? 10  VAL A N   1 
ATOM   65   C CA  . VAL A 1 11 ? -14.810 5.349   5.003   1.00 21.19 ? 10  VAL A CA  1 
ATOM   66   C C   . VAL A 1 11 ? -15.085 6.840   5.114   1.00 22.85 ? 10  VAL A C   1 
ATOM   67   O O   . VAL A 1 11 ? -16.057 7.349   4.542   1.00 24.51 ? 10  VAL A O   1 
ATOM   68   C CB  . VAL A 1 11 ? -14.592 4.939   3.542   1.00 23.60 ? 10  VAL A CB  1 
ATOM   69   C CG1 . VAL A 1 11 ? -13.496 5.803   2.936   1.00 24.00 ? 10  VAL A CG1 1 
ATOM   70   C CG2 . VAL A 1 11 ? -14.199 3.485   3.488   1.00 21.48 ? 10  VAL A CG2 1 
ATOM   71   N N   . PHE A 1 12 ? -14.213 7.544   5.834   1.00 20.81 ? 11  PHE A N   1 
ATOM   72   C CA  . PHE A 1 12 ? -14.260 8.997   5.921   1.00 22.99 ? 11  PHE A CA  1 
ATOM   73   C C   . PHE A 1 12 ? -13.111 9.668   5.186   1.00 26.66 ? 11  PHE A C   1 
ATOM   74   O O   . PHE A 1 12 ? -13.093 10.900  5.078   1.00 30.55 ? 11  PHE A O   1 
ATOM   75   C CB  . PHE A 1 12 ? -14.272 9.438   7.387   1.00 24.97 ? 11  PHE A CB  1 
ATOM   76   C CG  . PHE A 1 12 ? -15.521 9.053   8.117   1.00 23.73 ? 11  PHE A CG  1 
ATOM   77   C CD1 . PHE A 1 12 ? -16.725 9.668   7.818   1.00 26.17 ? 11  PHE A CD1 1 
ATOM   78   C CD2 . PHE A 1 12 ? -15.491 8.078   9.103   1.00 26.97 ? 11  PHE A CD2 1 
ATOM   79   C CE1 . PHE A 1 12 ? -17.880 9.308   8.483   1.00 30.39 ? 11  PHE A CE1 1 
ATOM   80   C CE2 . PHE A 1 12 ? -16.647 7.713   9.781   1.00 27.15 ? 11  PHE A CE2 1 
ATOM   81   C CZ  . PHE A 1 12 ? -17.841 8.326   9.463   1.00 26.79 ? 11  PHE A CZ  1 
ATOM   82   N N   . ASP A 1 13 ? -12.163 8.899   4.663   1.00 21.19 ? 12  ASP A N   1 
ATOM   83   C CA  . ASP A 1 13 ? -11.050 9.440   3.890   1.00 24.65 ? 12  ASP A CA  1 
ATOM   84   C C   . ASP A 1 13 ? -11.174 8.885   2.475   1.00 25.77 ? 12  ASP A C   1 
ATOM   85   O O   . ASP A 1 13 ? -10.508 7.914   2.115   1.00 21.44 ? 12  ASP A O   1 
ATOM   86   C CB  . ASP A 1 13 ? -9.747  9.072   4.533   1.00 24.85 ? 12  ASP A CB  1 
ATOM   87   C CG  . ASP A 1 13 ? -8.563  9.710   3.845   1.00 28.56 ? 12  ASP A CG  1 
ATOM   88   O OD1 . ASP A 1 13 ? -8.697  10.147  2.681   1.00 28.37 ? 12  ASP A OD1 1 
ATOM   89   O OD2 . ASP A 1 13 ? -7.491  9.769   4.474   1.00 30.66 ? 12  ASP A OD2 1 
ATOM   90   N N   . ARG A 1 14 ? -12.030 9.513   1.668   1.00 27.81 ? 13  ARG A N   1 
ATOM   91   C CA  . ARG A 1 14 ? -12.212 9.055   0.294   1.00 27.71 ? 13  ARG A CA  1 
ATOM   92   C C   . ARG A 1 14 ? -10.992 9.337   -0.576  1.00 29.23 ? 13  ARG A C   1 
ATOM   93   O O   . ARG A 1 14 ? -10.835 8.699   -1.623  1.00 31.19 ? 13  ARG A O   1 
ATOM   94   C CB  . ARG A 1 14 ? -13.461 9.698   -0.318  1.00 33.06 ? 13  ARG A CB  1 
ATOM   95   C CG  . ARG A 1 14 ? -14.772 9.180   0.245   1.00 34.17 ? 13  ARG A CG  1 
ATOM   96   C CD  . ARG A 1 14 ? -15.106 7.790   -0.296  1.00 38.75 ? 13  ARG A CD  1 
ATOM   97   N NE  . ARG A 1 14 ? -16.317 7.234   0.309   1.00 39.89 ? 13  ARG A NE  1 
ATOM   98   C CZ  . ARG A 1 14 ? -16.889 6.091   -0.064  1.00 39.74 ? 13  ARG A CZ  1 
ATOM   99   N NH1 . ARG A 1 14 ? -16.370 5.375   -1.051  1.00 42.60 ? 13  ARG A NH1 1 
ATOM   100  N NH2 . ARG A 1 14 ? -17.988 5.663   0.543   1.00 40.87 ? 13  ARG A NH2 1 
ATOM   101  N N   . GLN A 1 15 ? -10.129 10.273  -0.168  1.00 29.27 ? 14  GLN A N   1 
ATOM   102  C CA  . GLN A 1 15 ? -8.899  10.534  -0.913  1.00 30.93 ? 14  GLN A CA  1 
ATOM   103  C C   . GLN A 1 15 ? -8.000  9.306   -0.938  1.00 30.64 ? 14  GLN A C   1 
ATOM   104  O O   . GLN A 1 15 ? -7.497  8.903   -1.997  1.00 25.88 ? 14  GLN A O   1 
ATOM   105  C CB  . GLN A 1 15 ? -8.156  11.715  -0.291  1.00 32.93 ? 14  GLN A CB  1 
ATOM   106  C CG  . GLN A 1 15 ? -6.823  12.009  -0.945  1.00 33.80 ? 14  GLN A CG  1 
ATOM   107  C CD  . GLN A 1 15 ? -6.801  13.357  -1.610  1.00 33.42 ? 14  GLN A CD  1 
ATOM   108  O OE1 . GLN A 1 15 ? -7.679  14.187  -1.375  1.00 40.91 ? 14  GLN A OE1 1 
ATOM   109  N NE2 . GLN A 1 15 ? -5.803  13.584  -2.460  1.00 35.08 ? 14  GLN A NE2 1 
ATOM   110  N N   . LEU A 1 16 ? -7.768  8.710   0.233   1.00 26.43 ? 15  LEU A N   1 
ATOM   111  C CA  . LEU A 1 16 ? -6.954  7.501   0.322   1.00 26.91 ? 15  LEU A CA  1 
ATOM   112  C C   . LEU A 1 16 ? -7.618  6.321   -0.384  1.00 23.88 ? 15  LEU A C   1 
ATOM   113  O O   . LEU A 1 16 ? -6.933  5.472   -0.974  1.00 22.26 ? 15  LEU A O   1 
ATOM   114  C CB  . LEU A 1 16 ? -6.698  7.170   1.795   1.00 25.81 ? 15  LEU A CB  1 
ATOM   115  C CG  . LEU A 1 16 ? -6.047  5.829   2.128   1.00 23.62 ? 15  LEU A CG  1 
ATOM   116  C CD1 . LEU A 1 16 ? -4.681  5.743   1.510   1.00 26.52 ? 15  LEU A CD1 1 
ATOM   117  C CD2 . LEU A 1 16 ? -5.945  5.648   3.642   1.00 24.55 ? 15  LEU A CD2 1 
ATOM   118  N N   . LEU A 1 17 ? -8.946  6.219   -0.294  1.00 23.17 ? 16  LEU A N   1 
ATOM   119  C CA  . LEU A 1 17 ? -9.636  5.154   -1.006  1.00 22.52 ? 16  LEU A CA  1 
ATOM   120  C C   . LEU A 1 17 ? -9.345  5.241   -2.498  1.00 23.07 ? 16  LEU A C   1 
ATOM   121  O O   . LEU A 1 17 ? -9.117  4.221   -3.153  1.00 21.57 ? 16  LEU A O   1 
ATOM   122  C CB  . LEU A 1 17 ? -11.141 5.226   -0.740  1.00 23.91 ? 16  LEU A CB  1 
ATOM   123  C CG  . LEU A 1 17 ? -11.936 3.931   -0.945  1.00 21.70 ? 16  LEU A CG  1 
ATOM   124  C CD1 . LEU A 1 17 ? -11.547 2.873   0.082   1.00 26.60 ? 16  LEU A CD1 1 
ATOM   125  C CD2 . LEU A 1 17 ? -13.414 4.237   -0.860  1.00 26.60 ? 16  LEU A CD2 1 
ATOM   126  N N   . ARG A 1 18 ? -9.306  6.459   -3.042  1.00 22.78 ? 17  ARG A N   1 
ATOM   127  C CA  . ARG A 1 18 ? -9.019  6.618   -4.465  1.00 22.19 ? 17  ARG A CA  1 
ATOM   128  C C   . ARG A 1 18 ? -7.562  6.294   -4.788  1.00 23.15 ? 17  ARG A C   1 
ATOM   129  O O   . ARG A 1 18 ? -7.283  5.630   -5.795  1.00 23.30 ? 17  ARG A O   1 
ATOM   130  C CB  . ARG A 1 18 ? -9.371  8.033   -4.913  1.00 27.72 ? 17  ARG A CB  1 
ATOM   131  C CG  . ARG A 1 18 ? -10.837 8.341   -4.771  1.00 28.21 ? 17  ARG A CG  1 
ATOM   132  C CD  . ARG A 1 18 ? -11.282 9.334   -5.819  1.00 37.37 ? 17  ARG A CD  1 
ATOM   133  N NE  . ARG A 1 18 ? -12.685 9.688   -5.653  1.00 40.38 ? 17  ARG A NE  1 
ATOM   134  C CZ  . ARG A 1 18 ? -13.119 10.618  -4.811  1.00 37.16 ? 17  ARG A CZ  1 
ATOM   135  N NH1 . ARG A 1 18 ? -14.413 10.881  -4.727  1.00 40.51 ? 17  ARG A NH1 1 
ATOM   136  N NH2 . ARG A 1 18 ? -12.254 11.279  -4.055  1.00 38.06 ? 17  ARG A NH2 1 
ATOM   137  N N   . ARG A 1 19 ? -6.621  6.771   -3.963  1.00 21.95 ? 18  ARG A N   1 
ATOM   138  C CA  . ARG A 1 19 ? -5.216  6.406   -4.129  1.00 25.11 ? 18  ARG A CA  1 
ATOM   139  C C   . ARG A 1 19 ? -5.047  4.894   -4.181  1.00 23.58 ? 18  ARG A C   1 
ATOM   140  O O   . ARG A 1 19 ? -4.316  4.364   -5.024  1.00 22.73 ? 18  ARG A O   1 
ATOM   141  C CB  . ARG A 1 19 ? -4.366  6.973   -2.985  1.00 26.92 ? 18  ARG A CB  1 
ATOM   142  C CG  . ARG A 1 19 ? -4.418  8.476   -2.815  1.00 32.71 ? 18  ARG A CG  1 
ATOM   143  C CD  . ARG A 1 19 ? -3.050  9.048   -2.423  1.00 38.63 ? 18  ARG A CD  1 
ATOM   144  N NE  . ARG A 1 19 ? -2.536  8.560   -1.143  1.00 35.85 ? 18  ARG A NE  1 
ATOM   145  C CZ  . ARG A 1 19 ? -3.018  8.896   0.051   1.00 37.91 ? 18  ARG A CZ  1 
ATOM   146  N NH1 . ARG A 1 19 ? -2.461  8.404   1.149   1.00 40.36 ? 18  ARG A NH1 1 
ATOM   147  N NH2 . ARG A 1 19 ? -4.059  9.713   0.155   1.00 37.98 ? 18  ARG A NH2 1 
ATOM   148  N N   . LEU A 1 20 ? -5.685  4.180   -3.252  1.00 20.91 ? 19  LEU A N   1 
ATOM   149  C CA  . LEU A 1 20 ? -5.547  2.734   -3.238  1.00 19.83 ? 19  LEU A CA  1 
ATOM   150  C C   . LEU A 1 20 ? -6.132  2.122   -4.500  1.00 20.71 ? 19  LEU A C   1 
ATOM   151  O O   . LEU A 1 20 ? -5.587  1.153   -5.040  1.00 20.43 ? 19  LEU A O   1 
ATOM   152  C CB  . LEU A 1 20 ? -6.220  2.157   -1.996  1.00 21.70 ? 19  LEU A CB  1 
ATOM   153  C CG  . LEU A 1 20 ? -5.631  2.649   -0.684  1.00 23.39 ? 19  LEU A CG  1 
ATOM   154  C CD1 . LEU A 1 20 ? -6.608  2.314   0.427   1.00 24.94 ? 19  LEU A CD1 1 
ATOM   155  C CD2 . LEU A 1 20 ? -4.266  2.048   -0.420  1.00 25.92 ? 19  LEU A CD2 1 
ATOM   156  N N   . GLY A 1 21 ? -7.236  2.687   -4.994  1.00 19.56 ? 20  GLY A N   1 
ATOM   157  C CA  . GLY A 1 21 ? -7.811  2.211   -6.237  1.00 18.72 ? 20  GLY A CA  1 
ATOM   158  C C   . GLY A 1 21 ? -6.841  2.284   -7.395  1.00 20.29 ? 20  GLY A C   1 
ATOM   159  O O   . GLY A 1 21 ? -6.916  1.470   -8.324  1.00 20.12 ? 20  GLY A O   1 
ATOM   160  N N   . ARG A 1 22 ? -5.916  3.249   -7.356  1.00 19.64 ? 21  ARG A N   1 
ATOM   161  C CA  . ARG A 1 22 ? -4.944  3.380   -8.435  1.00 19.50 ? 21  ARG A CA  1 
ATOM   162  C C   . ARG A 1 22 ? -3.997  2.184   -8.489  1.00 17.68 ? 21  ARG A C   1 
ATOM   163  O O   . ARG A 1 22 ? -3.473  1.870   -9.559  1.00 19.54 ? 21  ARG A O   1 
ATOM   164  C CB  . ARG A 1 22 ? -4.168  4.689   -8.284  1.00 21.34 ? 21  ARG A CB  1 
ATOM   165  C CG  . ARG A 1 22 ? -5.058  5.911   -8.352  1.00 26.77 ? 21  ARG A CG  1 
ATOM   166  C CD  . ARG A 1 22 ? -4.288  7.203   -8.145  1.00 29.86 ? 21  ARG A CD  1 
ATOM   167  N NE  . ARG A 1 22 ? -5.157  8.363   -8.317  1.00 35.24 ? 21  ARG A NE  1 
ATOM   168  C CZ  . ARG A 1 22 ? -5.473  9.223   -7.354  1.00 31.15 ? 21  ARG A CZ  1 
ATOM   169  N NH1 . ARG A 1 22 ? -4.975  9.081   -6.137  1.00 32.21 ? 21  ARG A NH1 1 
ATOM   170  N NH2 . ARG A 1 22 ? -6.278  10.241  -7.619  1.00 32.62 ? 21  ARG A NH2 1 
ATOM   171  N N   . VAL A 1 23 ? -3.760  1.504   -7.363  1.00 15.52 ? 22  VAL A N   1 
ATOM   172  C CA  . VAL A 1 23 ? -3.000  0.258   -7.419  1.00 17.53 ? 22  VAL A CA  1 
ATOM   173  C C   . VAL A 1 23 ? -3.704  -0.740  -8.328  1.00 18.25 ? 22  VAL A C   1 
ATOM   174  O O   . VAL A 1 23 ? -3.078  -1.387  -9.174  1.00 18.20 ? 22  VAL A O   1 
ATOM   175  C CB  . VAL A 1 23 ? -2.785  -0.317  -6.006  1.00 17.72 ? 22  VAL A CB  1 
ATOM   176  C CG1 . VAL A 1 23 ? -2.163  -1.696  -6.092  1.00 19.70 ? 22  VAL A CG1 1 
ATOM   177  C CG2 . VAL A 1 23 ? -1.888  0.612   -5.204  1.00 17.37 ? 22  VAL A CG2 1 
ATOM   178  N N   . CYS A 1 24 ? -5.024  -0.869  -8.176  1.00 17.00 ? 23  CYS A N   1 
ATOM   179  C CA  . CYS A 1 24 ? -5.770  -1.802  -9.008  1.00 15.60 ? 23  CYS A CA  1 
ATOM   180  C C   . CYS A 1 24 ? -5.717  -1.371  -10.468 1.00 14.92 ? 23  CYS A C   1 
ATOM   181  O O   . CYS A 1 24 ? -5.475  -2.180  -11.373 1.00 13.86 ? 23  CYS A O   1 
ATOM   182  C CB  . CYS A 1 24 ? -7.223  -1.882  -8.528  1.00 17.16 ? 23  CYS A CB  1 
ATOM   183  S SG  . CYS A 1 24 ? -7.403  -2.489  -6.815  1.00 17.84 ? 23  CYS A SG  1 
ATOM   184  N N   . ASP A 1 25 ? -5.958  -0.080  -10.711 1.00 14.61 ? 24  ASP A N   1 
ATOM   185  C CA  . ASP A 1 25 ? -6.002  0.428   -12.078 1.00 16.25 ? 24  ASP A CA  1 
ATOM   186  C C   . ASP A 1 25 ? -4.656  0.311   -12.772 1.00 16.00 ? 24  ASP A C   1 
ATOM   187  O O   . ASP A 1 25 ? -4.603  0.110   -13.991 1.00 14.31 ? 24  ASP A O   1 
ATOM   188  C CB  . ASP A 1 25 ? -6.460  1.879   -12.062 1.00 16.86 ? 24  ASP A CB  1 
ATOM   189  C CG  . ASP A 1 25 ? -7.852  2.030   -11.523 1.00 20.33 ? 24  ASP A CG  1 
ATOM   190  O OD1 . ASP A 1 25 ? -8.601  1.031   -11.528 1.00 23.01 ? 24  ASP A OD1 1 
ATOM   191  O OD2 . ASP A 1 25 ? -8.187  3.152   -11.088 1.00 30.52 ? 24  ASP A OD2 1 
ATOM   192  N N   . ASP A 1 26 ? -3.554  0.443   -12.022 1.00 13.92 ? 25  ASP A N   1 
ATOM   193  C CA  . ASP A 1 26 ? -2.226  0.286   -12.597 1.00 17.50 ? 25  ASP A CA  1 
ATOM   194  C C   . ASP A 1 26 ? -1.824  -1.173  -12.777 1.00 17.04 ? 25  ASP A C   1 
ATOM   195  O O   . ASP A 1 26 ? -0.815  -1.443  -13.442 1.00 19.81 ? 25  ASP A O   1 
ATOM   196  C CB  . ASP A 1 26 ? -1.196  0.980   -11.713 1.00 17.86 ? 25  ASP A CB  1 
ATOM   197  C CG  . ASP A 1 26 ? -1.378  2.478   -11.664 1.00 22.50 ? 25  ASP A CG  1 
ATOM   198  O OD1 . ASP A 1 26 ? -2.162  3.001   -12.473 1.00 21.82 ? 25  ASP A OD1 1 
ATOM   199  O OD2 . ASP A 1 26 ? -0.705  3.123   -10.825 1.00 22.88 ? 25  ASP A OD2 1 
ATOM   200  N N   . CYS A 1 27 ? -2.587  -2.110  -12.224 1.00 14.82 ? 26  CYS A N   1 
ATOM   201  C CA  . CYS A 1 27 ? -2.168  -3.502  -12.203 1.00 15.56 ? 26  CYS A CA  1 
ATOM   202  C C   . CYS A 1 27 ? -2.446  -4.215  -13.520 1.00 14.05 ? 26  CYS A C   1 
ATOM   203  O O   . CYS A 1 27 ? -1.743  -5.170  -13.869 1.00 13.91 ? 26  CYS A O   1 
ATOM   204  C CB  . CYS A 1 27 ? -2.870  -4.219  -11.049 1.00 13.44 ? 26  CYS A CB  1 
ATOM   205  S SG  . CYS A 1 27 ? -2.245  -5.867  -10.712 1.00 15.44 ? 26  CYS A SG  1 
ATOM   206  N N   . PHE A 1 28 ? -3.485  -3.792  -14.229 1.00 14.15 ? 27  PHE A N   1 
ATOM   207  C CA  . PHE A 1 28 ? -3.943  -4.439  -15.453 1.00 13.13 ? 27  PHE A CA  1 
ATOM   208  C C   . PHE A 1 28 ? -5.048  -3.561  -16.020 1.00 14.05 ? 27  PHE A C   1 
ATOM   209  O O   . PHE A 1 28 ? -5.524  -2.635  -15.361 1.00 14.21 ? 27  PHE A O   1 
ATOM   210  C CB  . PHE A 1 28 ? -4.432  -5.875  -15.206 1.00 14.02 ? 27  PHE A CB  1 
ATOM   211  C CG  . PHE A 1 28 ? -5.465  -5.992  -14.124 1.00 14.56 ? 27  PHE A CG  1 
ATOM   212  C CD1 . PHE A 1 28 ? -5.092  -6.152  -12.787 1.00 12.82 ? 27  PHE A CD1 1 
ATOM   213  C CD2 . PHE A 1 28 ? -6.820  -5.966  -14.444 1.00 14.55 ? 27  PHE A CD2 1 
ATOM   214  C CE1 . PHE A 1 28 ? -6.053  -6.255  -11.770 1.00 13.71 ? 27  PHE A CE1 1 
ATOM   215  C CE2 . PHE A 1 28 ? -7.781  -6.058  -13.456 1.00 11.52 ? 27  PHE A CE2 1 
ATOM   216  C CZ  . PHE A 1 28 ? -7.415  -6.210  -12.111 1.00 16.75 ? 27  PHE A CZ  1 
ATOM   217  N N   . ASN A 1 29 ? -5.455  -3.852  -17.245 1.00 13.89 ? 28  ASN A N   1 
ATOM   218  C CA  . ASN A 1 29 ? -6.599  -3.142  -17.824 1.00 14.85 ? 28  ASN A CA  1 
ATOM   219  C C   . ASN A 1 29 ? -7.866  -3.605  -17.104 1.00 14.42 ? 28  ASN A C   1 
ATOM   220  O O   . ASN A 1 29 ? -8.396  -4.691  -17.390 1.00 14.36 ? 28  ASN A O   1 
ATOM   221  C CB  . ASN A 1 29 ? -6.684  -3.402  -19.325 1.00 15.41 ? 28  ASN A CB  1 
ATOM   222  C CG  . ASN A 1 29 ? -7.882  -2.701  -19.987 1.00 14.13 ? 28  ASN A CG  1 
ATOM   223  O OD1 . ASN A 1 29 ? -8.879  -2.381  -19.338 1.00 14.64 ? 28  ASN A OD1 1 
ATOM   224  N ND2 . ASN A 1 29 ? -7.782  -2.479  -21.295 1.00 17.00 ? 28  ASN A ND2 1 
ATOM   225  N N   . VAL A 1 30 ? -8.388  -2.752  -16.203 1.00 14.04 ? 29  VAL A N   1 
ATOM   226  C CA  . VAL A 1 30 ? -9.520  -3.146  -15.364 1.00 14.02 ? 29  VAL A CA  1 
ATOM   227  C C   . VAL A 1 30 ? -10.778 -3.403  -16.180 1.00 15.00 ? 29  VAL A C   1 
ATOM   228  O O   . VAL A 1 30 ? -11.640 -4.170  -15.755 1.00 15.72 ? 29  VAL A O   1 
ATOM   229  C CB  . VAL A 1 30 ? -9.771  -2.100  -14.257 1.00 14.09 ? 29  VAL A CB  1 
ATOM   230  C CG1 . VAL A 1 30 ? -8.590  -2.112  -13.277 1.00 15.50 ? 29  VAL A CG1 1 
ATOM   231  C CG2 . VAL A 1 30 ? -9.978  -0.706  -14.862 1.00 15.16 ? 29  VAL A CG2 1 
ATOM   232  N N   . PHE A 1 31 ? -10.905 -2.794  -17.356 1.00 13.44 ? 30  PHE A N   1 
ATOM   233  C CA  . PHE A 1 31 ? -12.091 -3.045  -18.171 1.00 14.91 ? 30  PHE A CA  1 
ATOM   234  C C   . PHE A 1 31 ? -12.047 -4.416  -18.840 1.00 16.16 ? 30  PHE A C   1 
ATOM   235  O O   . PHE A 1 31 ? -13.107 -5.010  -19.090 1.00 17.24 ? 30  PHE A O   1 
ATOM   236  C CB  . PHE A 1 31 ? -12.257 -1.945  -19.223 1.00 16.11 ? 30  PHE A CB  1 
ATOM   237  C CG  . PHE A 1 31 ? -12.305 -0.561  -18.647 1.00 13.64 ? 30  PHE A CG  1 
ATOM   238  C CD1 . PHE A 1 31 ? -13.420 -0.126  -17.951 1.00 17.92 ? 30  PHE A CD1 1 
ATOM   239  C CD2 . PHE A 1 31 ? -11.224 0.300   -18.791 1.00 15.62 ? 30  PHE A CD2 1 
ATOM   240  C CE1 . PHE A 1 31 ? -13.463 1.155   -17.420 1.00 20.21 ? 30  PHE A CE1 1 
ATOM   241  C CE2 . PHE A 1 31 ? -11.257 1.574   -18.247 1.00 17.96 ? 30  PHE A CE2 1 
ATOM   242  C CZ  . PHE A 1 31 ? -12.391 1.999   -17.569 1.00 17.49 ? 30  PHE A CZ  1 
ATOM   243  N N   . ARG A 1 32 ? -10.853 -4.930  -19.127 1.00 15.80 ? 31  ARG A N   1 
ATOM   244  C CA  . ARG A 1 32 ? -10.724 -6.240  -19.755 1.00 14.38 ? 31  ARG A CA  1 
ATOM   245  C C   . ARG A 1 32 ? -10.858 -7.357  -18.754 1.00 17.35 ? 31  ARG A C   1 
ATOM   246  O O   . ARG A 1 32 ? -11.212 -8.485  -19.132 1.00 18.24 ? 31  ARG A O   1 
ATOM   247  C CB  . ARG A 1 32 ? -9.381  -6.351  -20.474 1.00 15.73 ? 31  ARG A CB  1 
ATOM   248  C CG  . ARG A 1 32 ? -9.381  -5.507  -21.721 1.00 18.17 ? 31  ARG A CG  1 
ATOM   249  C CD  . ARG A 1 32 ? -8.074  -5.512  -22.495 1.00 27.05 ? 31  ARG A CD  1 
ATOM   250  N NE  . ARG A 1 32 ? -7.632  -6.843  -22.883 1.00 32.83 ? 31  ARG A NE  1 
ATOM   251  C CZ  . ARG A 1 32 ? -6.490  -7.082  -23.520 1.00 36.43 ? 31  ARG A CZ  1 
ATOM   252  N NH1 . ARG A 1 32 ? -6.142  -8.325  -23.829 1.00 37.82 ? 31  ARG A NH1 1 
ATOM   253  N NH2 . ARG A 1 32 ? -5.691  -6.076  -23.849 1.00 39.06 ? 31  ARG A NH2 1 
ATOM   254  N N   . GLU A 1 33 ? -10.563 -7.078  -17.491 1.00 16.35 ? 32  GLU A N   1 
ATOM   255  C CA  . GLU A 1 33 ? -10.726 -8.044  -16.413 1.00 15.75 ? 32  GLU A CA  1 
ATOM   256  C C   . GLU A 1 33 ? -11.545 -7.401  -15.304 1.00 15.95 ? 32  GLU A C   1 
ATOM   257  O O   . GLU A 1 33 ? -11.061 -7.225  -14.184 1.00 15.91 ? 32  GLU A O   1 
ATOM   258  C CB  . GLU A 1 33 ? -9.372  -8.533  -15.897 1.00 14.40 ? 32  GLU A CB  1 
ATOM   259  C CG  . GLU A 1 33 ? -8.587  -9.309  -16.922 1.00 15.60 ? 32  GLU A CG  1 
ATOM   260  C CD  . GLU A 1 33 ? -7.200  -9.675  -16.456 1.00 19.16 ? 32  GLU A CD  1 
ATOM   261  O OE1 . GLU A 1 33 ? -7.038  -10.721 -15.799 1.00 25.19 ? 32  GLU A OE1 1 
ATOM   262  O OE2 . GLU A 1 33 ? -6.273  -8.915  -16.770 1.00 20.38 ? 32  GLU A OE2 1 
ATOM   263  N N   . PRO A 1 34 ? -12.824 -7.101  -15.573 1.00 15.82 ? 33  PRO A N   1 
ATOM   264  C CA  . PRO A 1 34 ? -13.622 -6.330  -14.609 1.00 16.29 ? 33  PRO A CA  1 
ATOM   265  C C   . PRO A 1 34 ? -13.967 -7.067  -13.329 1.00 13.69 ? 33  PRO A C   1 
ATOM   266  O O   . PRO A 1 34 ? -14.121 -6.412  -12.285 1.00 18.34 ? 33  PRO A O   1 
ATOM   267  C CB  . PRO A 1 34 ? -14.881 -5.984  -15.413 1.00 16.66 ? 33  PRO A CB  1 
ATOM   268  C CG  . PRO A 1 34 ? -15.031 -7.195  -16.319 1.00 15.34 ? 33  PRO A CG  1 
ATOM   269  C CD  . PRO A 1 34 ? -13.601 -7.508  -16.756 1.00 14.30 ? 33  PRO A CD  1 
ATOM   270  N N   . ASN A 1 35 ? -14.090 -8.395  -13.359 1.00 16.83 ? 34  ASN A N   1 
ATOM   271  C CA  . ASN A 1 35 ? -14.339 -9.112  -12.112 1.00 15.12 ? 34  ASN A CA  1 
ATOM   272  C C   . ASN A 1 35 ? -13.104 -9.103  -11.224 1.00 15.70 ? 34  ASN A C   1 
ATOM   273  O O   . ASN A 1 35 ? -13.210 -8.902  -10.005 1.00 16.16 ? 34  ASN A O   1 
ATOM   274  C CB  . ASN A 1 35 ? -14.821 -10.529 -12.416 1.00 22.63 ? 34  ASN A CB  1 
ATOM   275  C CG  . ASN A 1 35 ? -16.007 -10.537 -13.381 1.00 23.96 ? 34  ASN A CG  1 
ATOM   276  O OD1 . ASN A 1 35 ? -17.116 -10.132 -13.031 1.00 32.68 ? 34  ASN A OD1 1 
ATOM   277  N ND2 . ASN A 1 35 ? -15.769 -10.999 -14.602 1.00 29.85 ? 34  ASN A ND2 1 
ATOM   278  N N   . VAL A 1 36 ? -11.921 -9.265  -11.818 1.00 14.82 ? 35  VAL A N   1 
ATOM   279  C CA  . VAL A 1 36 ? -10.681 -9.132  -11.057 1.00 15.78 ? 35  VAL A CA  1 
ATOM   280  C C   . VAL A 1 36 ? -10.543 -7.721  -10.497 1.00 15.01 ? 35  VAL A C   1 
ATOM   281  O O   . VAL A 1 36 ? -10.107 -7.539  -9.355  1.00 15.10 ? 35  VAL A O   1 
ATOM   282  C CB  . VAL A 1 36 ? -9.461  -9.508  -11.916 1.00 15.19 ? 35  VAL A CB  1 
ATOM   283  C CG1 . VAL A 1 36 ? -8.194  -9.389  -11.047 1.00 15.89 ? 35  VAL A CG1 1 
ATOM   284  C CG2 . VAL A 1 36 ? -9.591  -10.923 -12.454 1.00 15.19 ? 35  VAL A CG2 1 
ATOM   285  N N   . ALA A 1 37 ? -10.895 -6.701  -11.295 1.00 14.72 ? 36  ALA A N   1 
ATOM   286  C CA  . ALA A 1 37 ? -10.812 -5.315  -10.832 1.00 16.39 ? 36  ALA A CA  1 
ATOM   287  C C   . ALA A 1 37 ? -11.744 -5.072  -9.665  1.00 16.84 ? 36  ALA A C   1 
ATOM   288  O O   . ALA A 1 37 ? -11.424 -4.309  -8.750  1.00 17.58 ? 36  ALA A O   1 
ATOM   289  C CB  . ALA A 1 37 ? -11.159 -4.340  -11.964 1.00 16.11 ? 36  ALA A CB  1 
ATOM   290  N N   . THR A 1 38 ? -12.913 -5.706  -9.692  1.00 17.62 ? 37  THR A N   1 
ATOM   291  C CA  . THR A 1 38 ? -13.860 -5.552  -8.605  1.00 17.94 ? 37  THR A CA  1 
ATOM   292  C C   . THR A 1 38 ? -13.363 -6.251  -7.352  1.00 17.39 ? 37  THR A C   1 
ATOM   293  O O   . THR A 1 38 ? -13.420 -5.683  -6.258  1.00 18.47 ? 37  THR A O   1 
ATOM   294  C CB  . THR A 1 38 ? -15.214 -6.086  -9.055  1.00 21.17 ? 37  THR A CB  1 
ATOM   295  O OG1 . THR A 1 38 ? -15.698 -5.249  -10.111 1.00 21.93 ? 37  THR A OG1 1 
ATOM   296  C CG2 . THR A 1 38 ? -16.192 -6.077  -7.939  1.00 26.18 ? 37  THR A CG2 1 
ATOM   297  N N   . GLU A 1 39 ? -12.844 -7.475  -7.493  1.00 16.64 ? 38  GLU A N   1 
ATOM   298  C CA  . GLU A 1 39 ? -12.261 -8.154  -6.338  1.00 17.92 ? 38  GLU A CA  1 
ATOM   299  C C   . GLU A 1 39 ? -11.100 -7.361  -5.745  1.00 18.27 ? 38  GLU A C   1 
ATOM   300  O O   . GLU A 1 39 ? -10.905 -7.344  -4.519  1.00 19.52 ? 38  GLU A O   1 
ATOM   301  C CB  . GLU A 1 39 ? -11.794 -9.549  -6.737  1.00 21.07 ? 38  GLU A CB  1 
ATOM   302  C CG  . GLU A 1 39 ? -10.904 -10.222 -5.697  1.00 25.42 ? 38  GLU A CG  1 
ATOM   303  C CD  . GLU A 1 39 ? -11.694 -10.723 -4.513  1.00 29.03 ? 38  GLU A CD  1 
ATOM   304  O OE1 . GLU A 1 39 ? -12.937 -10.758 -4.614  1.00 30.98 ? 38  GLU A OE1 1 
ATOM   305  O OE2 . GLU A 1 39 ? -11.072 -11.081 -3.488  1.00 32.26 ? 38  GLU A OE2 1 
ATOM   306  N N   . CYS A 1 40 ? -10.340 -6.675  -6.599  1.00 16.82 ? 39  CYS A N   1 
ATOM   307  C CA  . CYS A 1 40 ? -9.219  -5.870  -6.134  1.00 17.49 ? 39  CYS A CA  1 
ATOM   308  C C   . CYS A 1 40 ? -9.672  -4.815  -5.125  1.00 16.92 ? 39  CYS A C   1 
ATOM   309  O O   . CYS A 1 40 ? -8.931  -4.490  -4.193  1.00 17.97 ? 39  CYS A O   1 
ATOM   310  C CB  . CYS A 1 40 ? -8.526  -5.224  -7.337  1.00 15.16 ? 39  CYS A CB  1 
ATOM   311  S SG  . CYS A 1 40 ? -6.922  -4.476  -6.963  1.00 17.78 ? 39  CYS A SG  1 
ATOM   312  N N   . ARG A 1 41 ? -10.901 -4.305  -5.262  1.00 18.17 ? 40  ARG A N   1 
ATOM   313  C CA  . ARG A 1 41 ? -11.427 -3.310  -4.330  1.00 17.84 ? 40  ARG A CA  1 
ATOM   314  C C   . ARG A 1 41 ? -12.060 -3.909  -3.082  1.00 20.84 ? 40  ARG A C   1 
ATOM   315  O O   . ARG A 1 41 ? -12.366 -3.164  -2.147  1.00 24.04 ? 40  ARG A O   1 
ATOM   316  C CB  . ARG A 1 41 ? -12.444 -2.422  -5.043  1.00 20.71 ? 40  ARG A CB  1 
ATOM   317  C CG  . ARG A 1 41 ? -11.757 -1.286  -5.767  1.00 22.51 ? 40  ARG A CG  1 
ATOM   318  C CD  . ARG A 1 41 ? -12.309 -1.089  -7.158  1.00 30.04 ? 40  ARG A CD  1 
ATOM   319  N NE  . ARG A 1 41 ? -11.691 0.050   -7.828  1.00 32.04 ? 40  ARG A NE  1 
ATOM   320  C CZ  . ARG A 1 41 ? -10.835 -0.029  -8.844  1.00 28.12 ? 40  ARG A CZ  1 
ATOM   321  N NH1 . ARG A 1 41 ? -10.466 -1.207  -9.344  1.00 23.98 ? 40  ARG A NH1 1 
ATOM   322  N NH2 . ARG A 1 41 ? -10.352 1.086   -9.367  1.00 26.38 ? 40  ARG A NH2 1 
ATOM   323  N N   . SER A 1 42 ? -12.229 -5.217  -3.023  1.00 18.25 ? 41  SER A N   1 
ATOM   324  C CA  . SER A 1 42 ? -13.080 -5.803  -1.994  1.00 20.59 ? 41  SER A CA  1 
ATOM   325  C C   . SER A 1 42 ? -12.450 -5.715  -0.607  1.00 21.94 ? 41  SER A C   1 
ATOM   326  O O   . SER A 1 42 ? -11.231 -5.702  -0.444  1.00 18.33 ? 41  SER A O   1 
ATOM   327  C CB  . SER A 1 42 ? -13.408 -7.254  -2.344  1.00 23.22 ? 41  SER A CB  1 
ATOM   328  O OG  . SER A 1 42 ? -12.278 -8.105  -2.283  1.00 28.87 ? 41  SER A OG  1 
ATOM   329  N N   . ASN A 1 43 ? -13.317 -5.618  0.402   1.00 21.82 ? 42  ASN A N   1 
ATOM   330  C CA  . ASN A 1 43 ? -12.912 -5.704  1.808   1.00 20.87 ? 42  ASN A CA  1 
ATOM   331  C C   . ASN A 1 43 ? -11.867 -4.642  2.159   1.00 19.43 ? 42  ASN A C   1 
ATOM   332  O O   . ASN A 1 43 ? -10.836 -4.928  2.766   1.00 19.30 ? 42  ASN A O   1 
ATOM   333  C CB  . ASN A 1 43 ? -12.412 -7.116  2.125   1.00 18.87 ? 42  ASN A CB  1 
ATOM   334  C CG  . ASN A 1 43 ? -12.213 -7.351  3.605   1.00 25.72 ? 42  ASN A CG  1 
ATOM   335  O OD1 . ASN A 1 43 ? -12.938 -6.804  4.438   1.00 30.23 ? 42  ASN A OD1 1 
ATOM   336  N ND2 . ASN A 1 43 ? -11.233 -8.180  3.941   1.00 25.70 ? 42  ASN A ND2 1 
ATOM   337  N N   . CYS A 1 44 ? -12.140 -3.395  1.781   1.00 17.40 ? 43  CYS A N   1 
ATOM   338  C CA  . CYS A 1 44 ? -11.216 -2.285  2.058   1.00 16.93 ? 43  CYS A CA  1 
ATOM   339  C C   . CYS A 1 44 ? -9.827  -2.550  1.488   1.00 18.11 ? 43  CYS A C   1 
ATOM   340  O O   . CYS A 1 44 ? -8.821  -2.140  2.069   1.00 19.20 ? 43  CYS A O   1 
ATOM   341  C CB  . CYS A 1 44 ? -11.118 -2.004  3.558   1.00 19.50 ? 43  CYS A CB  1 
ATOM   342  S SG  . CYS A 1 44 ? -12.688 -1.584  4.327   1.00 22.61 ? 43  CYS A SG  1 
ATOM   343  N N   . TYR A 1 45 ? -9.778  -3.227  0.339   1.00 16.85 ? 44  TYR A N   1 
ATOM   344  C CA  . TYR A 1 45 ? -8.563  -3.630  -0.364  1.00 19.29 ? 44  TYR A CA  1 
ATOM   345  C C   . TYR A 1 45 ? -7.803  -4.729  0.363   1.00 20.36 ? 44  TYR A C   1 
ATOM   346  O O   . TYR A 1 45 ? -6.689  -5.066  -0.045  1.00 19.14 ? 44  TYR A O   1 
ATOM   347  C CB  . TYR A 1 45 ? -7.625  -2.445  -0.617  1.00 19.47 ? 44  TYR A CB  1 
ATOM   348  C CG  . TYR A 1 45 ? -8.249  -1.347  -1.435  1.00 20.15 ? 44  TYR A CG  1 
ATOM   349  C CD1 . TYR A 1 45 ? -8.330  -1.448  -2.819  1.00 19.36 ? 44  TYR A CD1 1 
ATOM   350  C CD2 . TYR A 1 45 ? -8.749  -0.206  -0.829  1.00 23.09 ? 44  TYR A CD2 1 
ATOM   351  C CE1 . TYR A 1 45 ? -8.905  -0.429  -3.584  1.00 20.41 ? 44  TYR A CE1 1 
ATOM   352  C CE2 . TYR A 1 45 ? -9.323  0.814   -1.582  1.00 24.17 ? 44  TYR A CE2 1 
ATOM   353  C CZ  . TYR A 1 45 ? -9.395  0.697   -2.952  1.00 22.35 ? 44  TYR A CZ  1 
ATOM   354  O OH  . TYR A 1 45 ? -9.964  1.716   -3.688  1.00 27.57 ? 44  TYR A OH  1 
ATOM   355  N N   . ASN A 1 46 ? -8.370  -5.301  1.427   1.00 20.07 ? 45  ASN A N   1 
ATOM   356  C CA  . ASN A 1 46 ? -7.723  -6.406  2.136   1.00 20.97 ? 45  ASN A CA  1 
ATOM   357  C C   . ASN A 1 46 ? -8.129  -7.708  1.455   1.00 21.61 ? 45  ASN A C   1 
ATOM   358  O O   . ASN A 1 46 ? -9.066  -8.402  1.859   1.00 22.73 ? 45  ASN A O   1 
ATOM   359  C CB  . ASN A 1 46 ? -8.095  -6.396  3.615   1.00 22.18 ? 45  ASN A CB  1 
ATOM   360  C CG  . ASN A 1 46 ? -7.275  -7.381  4.433   1.00 27.24 ? 45  ASN A CG  1 
ATOM   361  O OD1 . ASN A 1 46 ? -6.673  -8.305  3.891   1.00 33.68 ? 45  ASN A OD1 1 
ATOM   362  N ND2 . ASN A 1 46 ? -7.253  -7.183  5.748   1.00 29.83 ? 45  ASN A ND2 1 
ATOM   363  N N   . ASN A 1 47 ? -7.411  -8.043  0.387   1.00 20.64 ? 46  ASN A N   1 
ATOM   364  C CA  . ASN A 1 47 ? -7.761  -9.219  -0.395  1.00 18.16 ? 46  ASN A CA  1 
ATOM   365  C C   . ASN A 1 47 ? -6.540  -9.637  -1.204  1.00 17.40 ? 46  ASN A C   1 
ATOM   366  O O   . ASN A 1 47 ? -5.607  -8.841  -1.379  1.00 18.36 ? 46  ASN A O   1 
ATOM   367  C CB  . ASN A 1 47 ? -8.970  -8.944  -1.307  1.00 19.22 ? 46  ASN A CB  1 
ATOM   368  C CG  . ASN A 1 47 ? -8.667  -7.926  -2.370  1.00 19.15 ? 46  ASN A CG  1 
ATOM   369  O OD1 . ASN A 1 47 ? -8.047  -8.245  -3.387  1.00 16.44 ? 46  ASN A OD1 1 
ATOM   370  N ND2 . ASN A 1 47 ? -9.059  -6.686  -2.127  1.00 17.04 ? 46  ASN A ND2 1 
ATOM   371  N N   . PRO A 1 48 ? -6.504  -10.885 -1.679  1.00 18.82 ? 47  PRO A N   1 
ATOM   372  C CA  . PRO A 1 48 ? -5.289  -11.378 -2.341  1.00 21.08 ? 47  PRO A CA  1 
ATOM   373  C C   . PRO A 1 48 ? -5.003  -10.698 -3.668  1.00 19.73 ? 47  PRO A C   1 
ATOM   374  O O   . PRO A 1 48 ? -3.834  -10.617 -4.054  1.00 22.59 ? 47  PRO A O   1 
ATOM   375  C CB  . PRO A 1 48 ? -5.584  -12.871 -2.527  1.00 20.08 ? 47  PRO A CB  1 
ATOM   376  C CG  . PRO A 1 48 ? -7.091  -12.944 -2.576  1.00 19.03 ? 47  PRO A CG  1 
ATOM   377  C CD  . PRO A 1 48 ? -7.502  -11.960 -1.520  1.00 21.91 ? 47  PRO A CD  1 
ATOM   378  N N   . VAL A 1 49 ? -6.016  -10.201 -4.383  1.00 17.24 ? 48  VAL A N   1 
ATOM   379  C CA  . VAL A 1 49 ? -5.729  -9.557  -5.668  1.00 15.79 ? 48  VAL A CA  1 
ATOM   380  C C   . VAL A 1 49 ? -5.007  -8.237  -5.438  1.00 17.10 ? 48  VAL A C   1 
ATOM   381  O O   . VAL A 1 49 ? -4.005  -7.934  -6.098  1.00 18.76 ? 48  VAL A O   1 
ATOM   382  C CB  . VAL A 1 49 ? -7.017  -9.363  -6.490  1.00 16.43 ? 48  VAL A CB  1 
ATOM   383  C CG1 . VAL A 1 49 ? -6.737  -8.509  -7.714  1.00 18.69 ? 48  VAL A CG1 1 
ATOM   384  C CG2 . VAL A 1 49 ? -7.565  -10.706 -6.927  1.00 20.61 ? 48  VAL A CG2 1 
ATOM   385  N N   . PHE A 1 50 ? -5.500  -7.429  -4.491  1.00 16.32 ? 49  PHE A N   1 
ATOM   386  C CA  . PHE A 1 50 ? -4.819  -6.176  -4.183  1.00 14.84 ? 49  PHE A CA  1 
ATOM   387  C C   . PHE A 1 50 ? -3.403  -6.434  -3.676  1.00 13.95 ? 49  PHE A C   1 
ATOM   388  O O   . PHE A 1 50 ? -2.467  -5.716  -4.035  1.00 14.62 ? 49  PHE A O   1 
ATOM   389  C CB  . PHE A 1 50 ? -5.611  -5.353  -3.162  1.00 18.48 ? 49  PHE A CB  1 
ATOM   390  C CG  . PHE A 1 50 ? -4.928  -4.074  -2.758  1.00 14.42 ? 49  PHE A CG  1 
ATOM   391  C CD1 . PHE A 1 50 ? -4.025  -4.058  -1.700  1.00 14.14 ? 49  PHE A CD1 1 
ATOM   392  C CD2 . PHE A 1 50 ? -5.173  -2.884  -3.439  1.00 16.66 ? 49  PHE A CD2 1 
ATOM   393  C CE1 . PHE A 1 50 ? -3.388  -2.874  -1.328  1.00 16.41 ? 49  PHE A CE1 1 
ATOM   394  C CE2 . PHE A 1 50 ? -4.538  -1.700  -3.071  1.00 18.77 ? 49  PHE A CE2 1 
ATOM   395  C CZ  . PHE A 1 50 ? -3.641  -1.699  -2.009  1.00 16.29 ? 49  PHE A CZ  1 
ATOM   396  N N   . ARG A 1 51 ? -3.224  -7.441  -2.821  1.00 17.02 ? 50  ARG A N   1 
ATOM   397  C CA  . ARG A 1 51 ? -1.876  -7.689  -2.325  1.00 15.67 ? 50  ARG A CA  1 
ATOM   398  C C   . ARG A 1 51 ? -0.939  -8.114  -3.450  1.00 17.08 ? 50  ARG A C   1 
ATOM   399  O O   . ARG A 1 51 ? 0.221   -7.691  -3.487  1.00 17.90 ? 50  ARG A O   1 
ATOM   400  C CB  . ARG A 1 51 ? -1.897  -8.736  -1.213  1.00 19.79 ? 50  ARG A CB  1 
ATOM   401  C CG  . ARG A 1 51 ? -2.467  -8.214  0.080   1.00 21.47 ? 50  ARG A CG  1 
ATOM   402  C CD  . ARG A 1 51 ? -2.366  -9.265  1.186   1.00 25.49 ? 50  ARG A CD  1 
ATOM   403  N NE  . ARG A 1 51 ? -3.242  -10.407 0.963   1.00 26.85 ? 50  ARG A NE  1 
ATOM   404  C CZ  . ARG A 1 51 ? -4.466  -10.519 1.469   1.00 29.71 ? 50  ARG A CZ  1 
ATOM   405  N NH1 . ARG A 1 51 ? -4.968  -9.544  2.216   1.00 31.56 ? 50  ARG A NH1 1 
ATOM   406  N NH2 . ARG A 1 51 ? -5.194  -11.601 1.214   1.00 28.91 ? 50  ARG A NH2 1 
ATOM   407  N N   . GLN A 1 52 ? -1.416  -8.952  -4.378  1.00 16.31 ? 51  GLN A N   1 
ATOM   408  C CA  . GLN A 1 52 ? -0.551  -9.354  -5.483  1.00 17.02 ? 51  GLN A CA  1 
ATOM   409  C C   . GLN A 1 52 ? -0.288  -8.182  -6.418  1.00 17.40 ? 51  GLN A C   1 
ATOM   410  O O   . GLN A 1 52 ? 0.830   -8.013  -6.919  1.00 17.15 ? 51  GLN A O   1 
ATOM   411  C CB  . GLN A 1 52 ? -1.165  -10.515 -6.255  1.00 18.37 ? 51  GLN A CB  1 
ATOM   412  C CG  . GLN A 1 52 ? -0.224  -11.134 -7.294  1.00 20.14 ? 51  GLN A CG  1 
ATOM   413  C CD  . GLN A 1 52 ? 1.038   -11.706 -6.675  1.00 25.21 ? 51  GLN A CD  1 
ATOM   414  O OE1 . GLN A 1 52 ? 0.980   -12.482 -5.717  1.00 28.61 ? 51  GLN A OE1 1 
ATOM   415  N NE2 . GLN A 1 52 ? 2.186   -11.326 -7.215  1.00 30.31 ? 51  GLN A NE2 1 
ATOM   416  N N   . CYS A 1 53 ? -1.312  -7.375  -6.683  1.00 14.88 ? 52  CYS A N   1 
ATOM   417  C CA  . CYS A 1 53 ? -1.109  -6.192  -7.512  1.00 13.91 ? 52  CYS A CA  1 
ATOM   418  C C   . CYS A 1 53 ? -0.091  -5.237  -6.903  1.00 15.39 ? 52  CYS A C   1 
ATOM   419  O O   . CYS A 1 53 ? 0.767   -4.706  -7.616  1.00 15.74 ? 52  CYS A O   1 
ATOM   420  C CB  . CYS A 1 53 ? -2.442  -5.492  -7.743  1.00 13.71 ? 52  CYS A CB  1 
ATOM   421  S SG  . CYS A 1 53 ? -3.350  -6.325  -9.073  1.00 16.75 ? 52  CYS A SG  1 
ATOM   422  N N   . MET A 1 54 ? -0.173  -5.003  -5.591  1.00 15.84 ? 53  MET A N   1 
ATOM   423  C CA  . MET A 1 54 ? 0.800   -4.150  -4.913  1.00 14.10 ? 53  MET A CA  1 
ATOM   424  C C   . MET A 1 54 ? 2.215   -4.711  -5.069  1.00 14.95 ? 53  MET A C   1 
ATOM   425  O O   . MET A 1 54 ? 3.176   -3.948  -5.243  1.00 16.79 ? 53  MET A O   1 
ATOM   426  C CB  . MET A 1 54 ? 0.365   -3.980  -3.433  1.00 10.87 ? 53  MET A CB  1 
ATOM   427  C CG  . MET A 1 54 ? 1.421   -3.544  -2.452  1.00 17.92 ? 53  MET A CG  1 
ATOM   428  S SD  . MET A 1 54 ? 0.551   -2.503  -1.237  1.00 21.86 ? 53  MET A SD  1 
ATOM   429  C CE  . MET A 1 54 ? -0.004  -1.431  -2.622  1.00 8.34  ? 53  MET A CE  1 
ATOM   430  N N   . ALA A 1 55 ? 2.352   -6.040  -5.100  1.00 14.82 ? 54  ALA A N   1 
ATOM   431  C CA  . ALA A 1 55 ? 3.652   -6.674  -5.298  1.00 17.68 ? 54  ALA A CA  1 
ATOM   432  C C   . ALA A 1 55 ? 4.229   -6.436  -6.688  1.00 17.93 ? 54  ALA A C   1 
ATOM   433  O O   . ALA A 1 55 ? 5.451   -6.549  -6.864  1.00 19.35 ? 54  ALA A O   1 
ATOM   434  C CB  . ALA A 1 55 ? 3.538   -8.176  -5.031  1.00 18.87 ? 54  ALA A CB  1 
ATOM   435  N N   . TYR A 1 56 ? 3.382   -6.145  -7.684  1.00 15.93 ? 55  TYR A N   1 
ATOM   436  C CA  . TYR A 1 56 ? 3.845   -5.810  -9.024  1.00 13.74 ? 55  TYR A CA  1 
ATOM   437  C C   . TYR A 1 56 ? 3.989   -4.303  -9.207  1.00 14.72 ? 55  TYR A C   1 
ATOM   438  O O   . TYR A 1 56 ? 4.997   -3.826  -9.745  1.00 17.71 ? 55  TYR A O   1 
ATOM   439  C CB  . TYR A 1 56 ? 2.874   -6.340  -10.091 1.00 14.09 ? 55  TYR A CB  1 
ATOM   440  C CG  . TYR A 1 56 ? 2.696   -7.839  -10.159 1.00 12.42 ? 55  TYR A CG  1 
ATOM   441  C CD1 . TYR A 1 56 ? 3.781   -8.694  -10.150 1.00 11.42 ? 55  TYR A CD1 1 
ATOM   442  C CD2 . TYR A 1 56 ? 1.424   -8.399  -10.299 1.00 14.85 ? 55  TYR A CD2 1 
ATOM   443  C CE1 . TYR A 1 56 ? 3.602   -10.075 -10.238 1.00 13.85 ? 55  TYR A CE1 1 
ATOM   444  C CE2 . TYR A 1 56 ? 1.236   -9.770  -10.382 1.00 15.39 ? 55  TYR A CE2 1 
ATOM   445  C CZ  . TYR A 1 56 ? 2.332   -10.604 -10.356 1.00 13.34 ? 55  TYR A CZ  1 
ATOM   446  O OH  . TYR A 1 56 ? 2.176   -11.969 -10.434 1.00 16.36 ? 55  TYR A OH  1 
ATOM   447  N N   . VAL A 1 57 ? 2.980   -3.552  -8.762  1.00 15.24 ? 56  VAL A N   1 
ATOM   448  C CA  . VAL A 1 57 ? 2.879   -2.130  -9.052  1.00 14.66 ? 56  VAL A CA  1 
ATOM   449  C C   . VAL A 1 57 ? 3.882   -1.326  -8.234  1.00 16.11 ? 56  VAL A C   1 
ATOM   450  O O   . VAL A 1 57 ? 4.533   -0.412  -8.752  1.00 16.12 ? 56  VAL A O   1 
ATOM   451  C CB  . VAL A 1 57 ? 1.434   -1.663  -8.798  1.00 14.92 ? 56  VAL A CB  1 
ATOM   452  C CG1 . VAL A 1 57 ? 1.358   -0.150  -8.825  1.00 16.16 ? 56  VAL A CG1 1 
ATOM   453  C CG2 . VAL A 1 57 ? 0.484   -2.308  -9.828  1.00 15.18 ? 56  VAL A CG2 1 
ATOM   454  N N   . VAL A 1 58 ? 4.040   -1.641  -6.948  1.00 18.01 ? 57  VAL A N   1 
ATOM   455  C CA  . VAL A 1 58 ? 4.979   -0.873  -6.122  1.00 17.21 ? 57  VAL A CA  1 
ATOM   456  C C   . VAL A 1 58 ? 6.418   -1.000  -6.624  1.00 18.89 ? 57  VAL A C   1 
ATOM   457  O O   . VAL A 1 58 ? 7.068   0.038   -6.828  1.00 19.15 ? 57  VAL A O   1 
ATOM   458  C CB  . VAL A 1 58 ? 4.821   -1.242  -4.640  1.00 19.65 ? 57  VAL A CB  1 
ATOM   459  C CG1 . VAL A 1 58 ? 6.033   -0.774  -3.862  1.00 24.62 ? 57  VAL A CG1 1 
ATOM   460  C CG2 . VAL A 1 58 ? 3.563   -0.618  -4.092  1.00 21.25 ? 57  VAL A CG2 1 
ATOM   461  N N   . PRO A 1 59 ? 6.967   -2.201  -6.857  1.00 19.59 ? 58  PRO A N   1 
ATOM   462  C CA  . PRO A 1 59 ? 8.345   -2.258  -7.383  1.00 21.97 ? 58  PRO A CA  1 
ATOM   463  C C   . PRO A 1 59 ? 8.490   -1.621  -8.755  1.00 20.81 ? 58  PRO A C   1 
ATOM   464  O O   . PRO A 1 59 ? 9.519   -0.985  -9.028  1.00 22.56 ? 58  PRO A O   1 
ATOM   465  C CB  . PRO A 1 59 ? 8.649   -3.762  -7.413  1.00 22.93 ? 58  PRO A CB  1 
ATOM   466  C CG  . PRO A 1 59 ? 7.704   -4.361  -6.432  1.00 24.66 ? 58  PRO A CG  1 
ATOM   467  C CD  . PRO A 1 59 ? 6.459   -3.545  -6.521  1.00 20.24 ? 58  PRO A CD  1 
ATOM   468  N N   . ALA A 1 60 ? 7.489   -1.764  -9.628  1.00 19.36 ? 59  ALA A N   1 
ATOM   469  C CA  . ALA A 1 60 ? 7.528   -1.070  -10.914 1.00 20.64 ? 59  ALA A CA  1 
ATOM   470  C C   . ALA A 1 60 ? 7.618   0.441   -10.728 1.00 20.49 ? 59  ALA A C   1 
ATOM   471  O O   . ALA A 1 60 ? 8.381   1.117   -11.428 1.00 23.53 ? 59  ALA A O   1 
ATOM   472  C CB  . ALA A 1 60 ? 6.302   -1.436  -11.749 1.00 20.70 ? 59  ALA A CB  1 
ATOM   473  N N   . HIS A 1 61 ? 6.870   0.986   -9.763  1.00 17.64 ? 60  HIS A N   1 
ATOM   474  C CA  . HIS A 1 61 ? 6.883   2.425   -9.519  1.00 20.01 ? 60  HIS A CA  1 
ATOM   475  C C   . HIS A 1 61 ? 8.157   2.863   -8.799  1.00 19.61 ? 60  HIS A C   1 
ATOM   476  O O   . HIS A 1 61 ? 8.655   3.970   -9.031  1.00 20.49 ? 60  HIS A O   1 
ATOM   477  C CB  . HIS A 1 61 ? 5.658   2.835   -8.691  1.00 20.09 ? 60  HIS A CB  1 
ATOM   478  C CG  . HIS A 1 61 ? 4.349   2.812   -9.432  1.00 23.86 ? 60  HIS A CG  1 
ATOM   479  N ND1 . HIS A 1 61 ? 4.222   2.398   -10.738 1.00 27.76 ? 60  HIS A ND1 1 
ATOM   480  C CD2 . HIS A 1 61 ? 3.101   3.143   -9.023  1.00 25.96 ? 60  HIS A CD2 1 
ATOM   481  C CE1 . HIS A 1 61 ? 2.956   2.488   -11.110 1.00 23.72 ? 60  HIS A CE1 1 
ATOM   482  N NE2 . HIS A 1 61 ? 2.255   2.943   -10.087 1.00 28.83 ? 60  HIS A NE2 1 
ATOM   483  N N   . LEU A 1 62 ? 8.674   2.028   -7.891  1.00 20.63 ? 61  LEU A N   1 
ATOM   484  C CA  . LEU A 1 62 ? 9.938   2.347   -7.228  1.00 18.35 ? 61  LEU A CA  1 
ATOM   485  C C   . LEU A 1 62 ? 11.089  2.380   -8.219  1.00 20.19 ? 61  LEU A C   1 
ATOM   486  O O   . LEU A 1 62 ? 12.027  3.175   -8.057  1.00 22.03 ? 61  LEU A O   1 
ATOM   487  C CB  . LEU A 1 62 ? 10.238  1.320   -6.135  1.00 18.61 ? 61  LEU A CB  1 
ATOM   488  C CG  . LEU A 1 62 ? 9.422   1.380   -4.839  1.00 19.57 ? 61  LEU A CG  1 
ATOM   489  C CD1 . LEU A 1 62 ? 9.702   0.197   -3.923  1.00 22.09 ? 61  LEU A CD1 1 
ATOM   490  C CD2 . LEU A 1 62 ? 9.684   2.695   -4.121  1.00 24.23 ? 61  LEU A CD2 1 
ATOM   491  N N   . HIS A 1 63 ? 11.041  1.523   -9.239  1.00 20.00 ? 62  HIS A N   1 
ATOM   492  C CA  . HIS A 1 63 ? 12.083  1.458   -10.256 1.00 23.92 ? 62  HIS A CA  1 
ATOM   493  C C   . HIS A 1 63 ? 11.993  2.581   -11.280 1.00 26.03 ? 62  HIS A C   1 
ATOM   494  O O   . HIS A 1 63 ? 12.941  2.751   -12.055 1.00 26.50 ? 62  HIS A O   1 
ATOM   495  C CB  . HIS A 1 63 ? 12.018  0.115   -10.983 1.00 22.87 ? 62  HIS A CB  1 
ATOM   496  C CG  . HIS A 1 63 ? 12.297  -1.066  -10.108 1.00 25.85 ? 62  HIS A CG  1 
ATOM   497  N ND1 . HIS A 1 63 ? 13.113  -0.995  -8.999  1.00 30.35 ? 62  HIS A ND1 1 
ATOM   498  C CD2 . HIS A 1 63 ? 11.866  -2.346  -10.179 1.00 29.08 ? 62  HIS A CD2 1 
ATOM   499  C CE1 . HIS A 1 63 ? 13.172  -2.185  -8.425  1.00 30.25 ? 62  HIS A CE1 1 
ATOM   500  N NE2 . HIS A 1 63 ? 12.421  -3.020  -9.120  1.00 30.72 ? 62  HIS A NE2 1 
ATOM   501  N N   . ASN A 1 64 ? 10.903  3.347   -11.284 1.00 27.96 ? 63  ASN A N   1 
ATOM   502  C CA  . ASN A 1 64 ? 10.640  4.405   -12.256 1.00 30.95 ? 63  ASN A CA  1 
ATOM   503  C C   . ASN A 1 64 ? 10.914  5.765   -11.623 1.00 33.06 ? 63  ASN A C   1 
ATOM   504  O O   . ASN A 1 64 ? 10.367  6.085   -10.564 1.00 33.04 ? 63  ASN A O   1 
ATOM   505  C CB  . ASN A 1 64 ? 9.189   4.334   -12.744 1.00 33.30 ? 63  ASN A CB  1 
ATOM   506  C CG  . ASN A 1 64 ? 8.892   5.286   -13.910 1.00 37.12 ? 63  ASN A CG  1 
ATOM   507  O OD1 . ASN A 1 64 ? 9.407   6.404   -13.982 1.00 40.39 ? 63  ASN A OD1 1 
ATOM   508  N ND2 . ASN A 1 64 ? 8.040   4.834   -14.827 1.00 42.96 ? 63  ASN A ND2 1 
ATOM   509  N N   . GLU A 1 65 ? 11.738  6.572   -12.290 1.00 34.90 ? 64  GLU A N   1 
ATOM   510  C CA  . GLU A 1 65 ? 12.122  7.859   -11.727 1.00 34.57 ? 64  GLU A CA  1 
ATOM   511  C C   . GLU A 1 65 ? 10.956  8.839   -11.671 1.00 38.00 ? 64  GLU A C   1 
ATOM   512  O O   . GLU A 1 65 ? 10.970  9.747   -10.834 1.00 40.40 ? 64  GLU A O   1 
ATOM   513  C CB  . GLU A 1 65 ? 13.289  8.454   -12.524 1.00 33.68 ? 64  GLU A CB  1 
ATOM   514  C CG  . GLU A 1 65 ? 13.316  8.050   -14.000 1.00 34.35 ? 64  GLU A CG  1 
ATOM   515  C CD  . GLU A 1 65 ? 14.201  6.841   -14.274 1.00 34.77 ? 64  GLU A CD  1 
ATOM   516  O OE1 . GLU A 1 65 ? 15.039  6.915   -15.196 1.00 30.74 ? 64  GLU A OE1 1 
ATOM   517  O OE2 . GLU A 1 65 ? 14.063  5.822   -13.569 1.00 34.10 ? 64  GLU A OE2 1 
ATOM   518  N N   . HIS A 1 66 ? 9.943   8.665   -12.518 1.00 42.87 ? 65  HIS A N   1 
ATOM   519  C CA  . HIS A 1 66 ? 8.810   9.581   -12.527 1.00 39.86 ? 65  HIS A CA  1 
ATOM   520  C C   . HIS A 1 66 ? 8.009   9.461   -11.232 1.00 42.56 ? 65  HIS A C   1 
ATOM   521  O O   . HIS A 1 66 ? 7.923   8.393   -10.621 1.00 39.53 ? 65  HIS A O   1 
ATOM   522  C CB  . HIS A 1 66 ? 7.914   9.312   -13.737 1.00 43.26 ? 65  HIS A CB  1 
ATOM   523  C CG  . HIS A 1 66 ? 8.557   9.644   -15.050 1.00 39.13 ? 65  HIS A CG  1 
ATOM   524  N ND1 . HIS A 1 66 ? 9.534   8.857   -15.622 1.00 40.85 ? 65  HIS A ND1 1 
ATOM   525  C CD2 . HIS A 1 66 ? 8.369   10.684  -15.898 1.00 38.79 ? 65  HIS A CD2 1 
ATOM   526  C CE1 . HIS A 1 66 ? 9.917   9.395   -16.767 1.00 37.22 ? 65  HIS A CE1 1 
ATOM   527  N NE2 . HIS A 1 66 ? 9.227   10.506  -16.957 1.00 39.25 ? 65  HIS A NE2 1 
ATOM   528  N N   . ARG A 1 67 ? 7.428   10.577  -10.807 1.00 45.64 ? 66  ARG A N   1 
ATOM   529  C CA  . ARG A 1 67 ? 6.760   10.634  -9.515  1.00 47.29 ? 66  ARG A CA  1 
ATOM   530  C C   . ARG A 1 67 ? 5.328   10.113  -9.614  1.00 50.05 ? 66  ARG A C   1 
ATOM   531  O O   . ARG A 1 67 ? 4.778   9.935   -10.704 1.00 52.64 ? 66  ARG A O   1 
ATOM   532  C CB  . ARG A 1 67 ? 6.764   12.062  -8.964  1.00 48.24 ? 66  ARG A CB  1 
ATOM   533  C CG  . ARG A 1 67 ? 8.131   12.570  -8.507  1.00 47.86 ? 66  ARG A CG  1 
ATOM   534  C CD  . ARG A 1 67 ? 8.738   11.669  -7.440  1.00 46.09 ? 66  ARG A CD  1 
ATOM   535  N NE  . ARG A 1 67 ? 9.623   10.655  -8.010  1.00 45.92 ? 66  ARG A NE  1 
ATOM   536  C CZ  . ARG A 1 67 ? 10.950  10.741  -8.009  1.00 44.19 ? 66  ARG A CZ  1 
ATOM   537  N NH1 . ARG A 1 67 ? 11.682  9.777   -8.555  1.00 43.05 ? 66  ARG A NH1 1 
ATOM   538  N NH2 . ARG A 1 67 ? 11.544  11.795  -7.464  1.00 51.69 ? 66  ARG A NH2 1 
ATOM   539  N N   . GLU A 1 68 ? 4.739   9.864   -8.447  1.00 48.37 ? 67  GLU A N   1 
ATOM   540  C CA  . GLU A 1 68 ? 3.369   9.369   -8.317  1.00 48.58 ? 67  GLU A CA  1 
ATOM   541  C C   . GLU A 1 68 ? 2.393   10.118  -9.218  1.00 53.33 ? 67  GLU A C   1 
ATOM   542  O O   . GLU A 1 68 ? 1.495   9.523   -9.812  1.00 58.35 ? 67  GLU A O   1 
ATOM   543  C CB  . GLU A 1 68 ? 2.903   9.486   -6.866  1.00 47.36 ? 67  GLU A CB  1 
ATOM   544  C CG  . GLU A 1 68 ? 2.867   10.909  -6.370  1.00 48.05 ? 67  GLU A CG  1 
ATOM   545  C CD  . GLU A 1 68 ? 4.225   11.571  -6.426  1.00 49.96 ? 67  GLU A CD  1 
ATOM   546  O OE1 . GLU A 1 68 ? 4.313   12.748  -6.839  1.00 56.26 ? 67  GLU A OE1 1 
ATOM   547  O OE2 . GLU A 1 68 ? 5.212   10.925  -6.050  1.00 51.89 ? 67  GLU A OE2 1 
ATOM   548  N N   . SER B 1 2  ? 21.555  3.992   -2.199  1.00 33.87 ? 1   SER B N   1 
ATOM   549  C CA  . SER B 1 2  ? 22.287  3.341   -3.279  1.00 28.59 ? 1   SER B CA  1 
ATOM   550  C C   . SER B 1 2  ? 21.379  2.453   -4.115  1.00 26.24 ? 1   SER B C   1 
ATOM   551  O O   . SER B 1 2  ? 20.433  1.854   -3.599  1.00 27.86 ? 1   SER B O   1 
ATOM   552  C CB  . SER B 1 2  ? 23.444  2.504   -2.720  1.00 30.42 ? 1   SER B CB  1 
ATOM   553  O OG  . SER B 1 2  ? 23.992  1.656   -3.714  1.00 27.54 ? 1   SER B OG  1 
ATOM   554  N N   . LEU B 1 3  ? 21.689  2.361   -5.412  1.00 27.20 ? 2   LEU B N   1 
ATOM   555  C CA  . LEU B 1 3  ? 21.008  1.404   -6.274  1.00 22.79 ? 2   LEU B CA  1 
ATOM   556  C C   . LEU B 1 3  ? 21.245  -0.032  -5.834  1.00 20.02 ? 2   LEU B C   1 
ATOM   557  O O   . LEU B 1 3  ? 20.455  -0.914  -6.169  1.00 21.24 ? 2   LEU B O   1 
ATOM   558  C CB  . LEU B 1 3  ? 21.462  1.570   -7.731  1.00 22.92 ? 2   LEU B CB  1 
ATOM   559  C CG  . LEU B 1 3  ? 20.901  2.734   -8.541  1.00 26.51 ? 2   LEU B CG  1 
ATOM   560  C CD1 . LEU B 1 3  ? 21.505  2.716   -9.933  1.00 24.81 ? 2   LEU B CD1 1 
ATOM   561  C CD2 . LEU B 1 3  ? 19.387  2.649   -8.609  1.00 23.45 ? 2   LEU B CD2 1 
ATOM   562  N N   . PHE B 1 4  ? 22.315  -0.297  -5.094  1.00 20.34 ? 3   PHE B N   1 
ATOM   563  C CA  . PHE B 1 4  ? 22.641  -1.659  -4.705  1.00 21.96 ? 3   PHE B CA  1 
ATOM   564  C C   . PHE B 1 4  ? 22.359  -1.914  -3.231  1.00 21.06 ? 3   PHE B C   1 
ATOM   565  O O   . PHE B 1 4  ? 22.969  -2.789  -2.624  1.00 23.20 ? 3   PHE B O   1 
ATOM   566  C CB  . PHE B 1 4  ? 24.093  -1.970  -5.055  1.00 22.56 ? 3   PHE B CB  1 
ATOM   567  C CG  . PHE B 1 4  ? 24.373  -1.852  -6.511  1.00 18.42 ? 3   PHE B CG  1 
ATOM   568  C CD1 . PHE B 1 4  ? 24.073  -2.904  -7.361  1.00 20.79 ? 3   PHE B CD1 1 
ATOM   569  C CD2 . PHE B 1 4  ? 24.873  -0.676  -7.049  1.00 20.05 ? 3   PHE B CD2 1 
ATOM   570  C CE1 . PHE B 1 4  ? 24.304  -2.800  -8.732  1.00 21.63 ? 3   PHE B CE1 1 
ATOM   571  C CE2 . PHE B 1 4  ? 25.106  -0.576  -8.416  1.00 20.44 ? 3   PHE B CE2 1 
ATOM   572  C CZ  . PHE B 1 4  ? 24.815  -1.640  -9.245  1.00 21.69 ? 3   PHE B CZ  1 
ATOM   573  N N   . ASP B 1 5  ? 21.428  -1.155  -2.650  1.00 21.14 ? 4   ASP B N   1 
ATOM   574  C CA  . ASP B 1 5  ? 20.934  -1.437  -1.307  1.00 21.02 ? 4   ASP B CA  1 
ATOM   575  C C   . ASP B 1 5  ? 20.262  -2.808  -1.261  1.00 22.18 ? 4   ASP B C   1 
ATOM   576  O O   . ASP B 1 5  ? 19.233  -3.005  -1.933  1.00 23.74 ? 4   ASP B O   1 
ATOM   577  C CB  . ASP B 1 5  ? 19.936  -0.360  -0.901  1.00 21.80 ? 4   ASP B CB  1 
ATOM   578  C CG  . ASP B 1 5  ? 19.736  -0.284  0.593   1.00 27.81 ? 4   ASP B CG  1 
ATOM   579  O OD1 . ASP B 1 5  ? 19.955  -1.305  1.285   1.00 27.10 ? 4   ASP B OD1 1 
ATOM   580  O OD2 . ASP B 1 5  ? 19.360  0.806   1.064   1.00 30.26 ? 4   ASP B OD2 1 
ATOM   581  N N   . PRO B 1 6  ? 20.781  -3.765  -0.479  1.00 19.88 ? 5   PRO B N   1 
ATOM   582  C CA  . PRO B 1 6  ? 20.159  -5.104  -0.429  1.00 23.30 ? 5   PRO B CA  1 
ATOM   583  C C   . PRO B 1 6  ? 18.706  -5.102  -0.006  1.00 24.92 ? 5   PRO B C   1 
ATOM   584  O O   . PRO B 1 6  ? 17.968  -6.026  -0.374  1.00 28.07 ? 5   PRO B O   1 
ATOM   585  C CB  . PRO B 1 6  ? 21.026  -5.863  0.590   1.00 23.29 ? 5   PRO B CB  1 
ATOM   586  C CG  . PRO B 1 6  ? 22.323  -5.129  0.635   1.00 23.82 ? 5   PRO B CG  1 
ATOM   587  C CD  . PRO B 1 6  ? 22.029  -3.690  0.303   1.00 21.77 ? 5   PRO B CD  1 
ATOM   588  N N   . SER B 1 7  ? 18.272  -4.115  0.776   1.00 23.68 ? 6   SER B N   1 
ATOM   589  C CA  . SER B 1 7  ? 16.879  -4.103  1.202   1.00 22.99 ? 6   SER B CA  1 
ATOM   590  C C   . SER B 1 7  ? 15.934  -3.873  0.030   1.00 24.70 ? 6   SER B C   1 
ATOM   591  O O   . SER B 1 7  ? 14.823  -4.418  0.020   1.00 24.42 ? 6   SER B O   1 
ATOM   592  C CB  . SER B 1 7  ? 16.669  -3.047  2.282   1.00 25.26 ? 6   SER B CB  1 
ATOM   593  O OG  . SER B 1 7  ? 16.940  -1.751  1.798   1.00 27.46 ? 6   SER B OG  1 
ATOM   594  N N   . CYS B 1 8  ? 16.353  -3.091  -0.969  1.00 20.87 ? 7   CYS B N   1 
ATOM   595  C CA  . CYS B 1 8  ? 15.570  -2.879  -2.180  1.00 21.41 ? 7   CYS B CA  1 
ATOM   596  C C   . CYS B 1 8  ? 16.462  -2.225  -3.222  1.00 20.38 ? 7   CYS B C   1 
ATOM   597  O O   . CYS B 1 8  ? 16.802  -1.046  -3.089  1.00 21.47 ? 7   CYS B O   1 
ATOM   598  C CB  . CYS B 1 8  ? 14.343  -2.006  -1.912  1.00 24.39 ? 7   CYS B CB  1 
ATOM   599  S SG  . CYS B 1 8  ? 13.214  -1.923  -3.304  1.00 23.17 ? 7   CYS B SG  1 
ATOM   600  N N   . THR B 1 9  ? 16.857  -2.982  -4.240  1.00 23.46 ? 8   THR B N   1 
ATOM   601  C CA  . THR B 1 9  ? 17.764  -2.492  -5.267  1.00 20.39 ? 8   THR B CA  1 
ATOM   602  C C   . THR B 1 9  ? 16.997  -1.741  -6.348  1.00 20.85 ? 8   THR B C   1 
ATOM   603  O O   . THR B 1 9  ? 15.792  -1.916  -6.534  1.00 23.25 ? 8   THR B O   1 
ATOM   604  C CB  . THR B 1 9  ? 18.552  -3.643  -5.906  1.00 23.33 ? 8   THR B CB  1 
ATOM   605  O OG1 . THR B 1 9  ? 17.652  -4.527  -6.587  1.00 24.92 ? 8   THR B OG1 1 
ATOM   606  C CG2 . THR B 1 9  ? 19.322  -4.422  -4.852  1.00 24.24 ? 8   THR B CG2 1 
ATOM   607  N N   . GLY B 1 10 ? 17.720  -0.885  -7.054  1.00 19.77 ? 9   GLY B N   1 
ATOM   608  C CA  . GLY B 1 10 ? 17.153  -0.244  -8.222  1.00 20.76 ? 9   GLY B CA  1 
ATOM   609  C C   . GLY B 1 10 ? 16.099  0.797   -7.932  1.00 20.39 ? 9   GLY B C   1 
ATOM   610  O O   . GLY B 1 10 ? 15.229  1.030   -8.776  1.00 21.64 ? 9   GLY B O   1 
ATOM   611  N N   . VAL B 1 11 ? 16.148  1.446   -6.771  1.00 18.64 ? 10  VAL B N   1 
ATOM   612  C CA  . VAL B 1 11 ? 15.129  2.434   -6.420  1.00 19.45 ? 10  VAL B CA  1 
ATOM   613  C C   . VAL B 1 11 ? 15.516  3.796   -6.988  1.00 22.24 ? 10  VAL B C   1 
ATOM   614  O O   . VAL B 1 11 ? 16.551  4.367   -6.622  1.00 23.64 ? 10  VAL B O   1 
ATOM   615  C CB  . VAL B 1 11 ? 14.912  2.513   -4.904  1.00 22.63 ? 10  VAL B CB  1 
ATOM   616  C CG1 . VAL B 1 11 ? 13.914  3.611   -4.570  1.00 23.48 ? 10  VAL B CG1 1 
ATOM   617  C CG2 . VAL B 1 11 ? 14.420  1.185   -4.392  1.00 20.19 ? 10  VAL B CG2 1 
ATOM   618  N N   . PHE B 1 12 ? 14.669  4.316   -7.877  1.00 21.01 ? 11  PHE B N   1 
ATOM   619  C CA  . PHE B 1 12 ? 14.827  5.661   -8.414  1.00 22.25 ? 11  PHE B CA  1 
ATOM   620  C C   . PHE B 1 12 ? 13.759  6.627   -7.926  1.00 27.06 ? 11  PHE B C   1 
ATOM   621  O O   . PHE B 1 12 ? 13.894  7.835   -8.140  1.00 30.87 ? 11  PHE B O   1 
ATOM   622  C CB  . PHE B 1 12 ? 14.821  5.624   -9.951  1.00 22.73 ? 11  PHE B CB  1 
ATOM   623  C CG  . PHE B 1 12 ? 16.035  4.972   -10.535 1.00 21.41 ? 11  PHE B CG  1 
ATOM   624  C CD1 . PHE B 1 12 ? 17.244  5.639   -10.550 1.00 22.03 ? 11  PHE B CD1 1 
ATOM   625  C CD2 . PHE B 1 12 ? 15.971  3.695   -11.065 1.00 22.23 ? 11  PHE B CD2 1 
ATOM   626  C CE1 . PHE B 1 12 ? 18.373  5.039   -11.076 1.00 28.48 ? 11  PHE B CE1 1 
ATOM   627  C CE2 . PHE B 1 12 ? 17.087  3.091   -11.592 1.00 22.25 ? 11  PHE B CE2 1 
ATOM   628  C CZ  . PHE B 1 12 ? 18.298  3.768   -11.607 1.00 25.99 ? 11  PHE B CZ  1 
ATOM   629  N N   . ASP B 1 13 ? 12.700  6.132   -7.296  1.00 26.34 ? 12  ASP B N   1 
ATOM   630  C CA  . ASP B 1 13 ? 11.621  6.968   -6.784  1.00 21.98 ? 12  ASP B CA  1 
ATOM   631  C C   . ASP B 1 13 ? 11.718  6.911   -5.263  1.00 26.76 ? 12  ASP B C   1 
ATOM   632  O O   . ASP B 1 13 ? 11.069  6.095   -4.604  1.00 24.73 ? 12  ASP B O   1 
ATOM   633  C CB  . ASP B 1 13 ? 10.273  6.473   -7.313  1.00 23.99 ? 12  ASP B CB  1 
ATOM   634  C CG  . ASP B 1 13 ? 9.103   7.360   -6.902  1.00 29.09 ? 12  ASP B CG  1 
ATOM   635  O OD1 . ASP B 1 13 ? 9.312   8.324   -6.140  1.00 31.27 ? 12  ASP B OD1 1 
ATOM   636  O OD2 . ASP B 1 13 ? 7.966   7.065   -7.335  1.00 28.35 ? 12  ASP B OD2 1 
ATOM   637  N N   . ARG B 1 14 ? 12.568  7.781   -4.711  1.00 28.79 ? 13  ARG B N   1 
ATOM   638  C CA  . ARG B 1 14 ? 12.798  7.793   -3.270  1.00 30.81 ? 13  ARG B CA  1 
ATOM   639  C C   . ARG B 1 14 ? 11.558  8.243   -2.518  1.00 27.04 ? 13  ARG B C   1 
ATOM   640  O O   . ARG B 1 14 ? 11.274  7.750   -1.418  1.00 28.66 ? 13  ARG B O   1 
ATOM   641  C CB  . ARG B 1 14 ? 13.968  8.715   -2.929  1.00 30.15 ? 13  ARG B CB  1 
ATOM   642  C CG  . ARG B 1 14 ? 15.298  8.304   -3.517  1.00 35.54 ? 13  ARG B CG  1 
ATOM   643  C CD  . ARG B 1 14 ? 15.859  7.082   -2.823  1.00 33.82 ? 13  ARG B CD  1 
ATOM   644  N NE  . ARG B 1 14 ? 17.150  6.701   -3.387  1.00 41.52 ? 13  ARG B NE  1 
ATOM   645  C CZ  . ARG B 1 14 ? 17.832  5.620   -3.028  1.00 38.18 ? 13  ARG B CZ  1 
ATOM   646  N NH1 . ARG B 1 14 ? 17.346  4.802   -2.104  1.00 40.15 ? 13  ARG B NH1 1 
ATOM   647  N NH2 . ARG B 1 14 ? 19.000  5.351   -3.601  1.00 41.85 ? 13  ARG B NH2 1 
ATOM   648  N N   . GLN B 1 15 ? 10.813  9.193   -3.081  1.00 28.27 ? 14  GLN B N   1 
ATOM   649  C CA  . GLN B 1 15 ? 9.645   9.709   -2.379  1.00 29.08 ? 14  GLN B CA  1 
ATOM   650  C C   . GLN B 1 15 ? 8.602   8.617   -2.152  1.00 29.43 ? 14  GLN B C   1 
ATOM   651  O O   . GLN B 1 15 ? 7.960   8.572   -1.095  1.00 29.24 ? 14  GLN B O   1 
ATOM   652  C CB  . GLN B 1 15 ? 9.060   10.887  -3.140  1.00 34.09 ? 14  GLN B CB  1 
ATOM   653  C CG  . GLN B 1 15 ? 7.620   11.149  -2.821  1.00 40.33 ? 14  GLN B CG  1 
ATOM   654  C CD  . GLN B 1 15 ? 6.739   10.752  -3.956  1.00 39.48 ? 14  GLN B CD  1 
ATOM   655  O OE1 . GLN B 1 15 ? 6.050   9.727   -3.902  1.00 42.78 ? 14  GLN B OE1 1 
ATOM   656  N NE2 . GLN B 1 15 ? 6.698   11.583  -4.986  1.00 42.61 ? 14  GLN B NE2 1 
ATOM   657  N N   . LEU B 1 16 ? 8.429   7.710   -3.121  1.00 25.02 ? 15  LEU B N   1 
ATOM   658  C CA  . LEU B 1 16 ? 7.525   6.580   -2.900  1.00 23.39 ? 15  LEU B CA  1 
ATOM   659  C C   . LEU B 1 16 ? 8.072   5.639   -1.829  1.00 23.34 ? 15  LEU B C   1 
ATOM   660  O O   . LEU B 1 16 ? 7.312   5.136   -1.000  1.00 24.27 ? 15  LEU B O   1 
ATOM   661  C CB  . LEU B 1 16 ? 7.285   5.827   -4.212  1.00 23.81 ? 15  LEU B CB  1 
ATOM   662  C CG  . LEU B 1 16 ? 6.439   4.557   -4.113  1.00 24.98 ? 15  LEU B CG  1 
ATOM   663  C CD1 . LEU B 1 16 ? 5.059   4.870   -3.571  1.00 24.35 ? 15  LEU B CD1 1 
ATOM   664  C CD2 . LEU B 1 16 ? 6.342   3.855   -5.459  1.00 23.62 ? 15  LEU B CD2 1 
ATOM   665  N N   . LEU B 1 17 ? 9.387   5.394   -1.828  1.00 21.47 ? 16  LEU B N   1 
ATOM   666  C CA  . LEU B 1 17 ? 9.985   4.568   -0.780  1.00 21.52 ? 16  LEU B CA  1 
ATOM   667  C C   . LEU B 1 17 ? 9.734   5.172   0.600   1.00 23.53 ? 16  LEU B C   1 
ATOM   668  O O   . LEU B 1 17 ? 9.478   4.449   1.570   1.00 22.74 ? 16  LEU B O   1 
ATOM   669  C CB  . LEU B 1 17 ? 11.487  4.409   -1.040  1.00 24.55 ? 16  LEU B CB  1 
ATOM   670  C CG  . LEU B 1 17 ? 12.239  3.245   -0.376  1.00 24.09 ? 16  LEU B CG  1 
ATOM   671  C CD1 . LEU B 1 17 ? 11.869  1.915   -1.018  1.00 27.36 ? 16  LEU B CD1 1 
ATOM   672  C CD2 . LEU B 1 17 ? 13.750  3.468   -0.424  1.00 27.73 ? 16  LEU B CD2 1 
ATOM   673  N N   . ARG B 1 18 ? 9.791   6.504   0.700   1.00 24.41 ? 17  ARG B N   1 
ATOM   674  C CA  . ARG B 1 18 ? 9.502   7.180   1.964   1.00 24.89 ? 17  ARG B CA  1 
ATOM   675  C C   . ARG B 1 18 ? 8.047   6.989   2.390   1.00 25.42 ? 17  ARG B C   1 
ATOM   676  O O   . ARG B 1 18 ? 7.767   6.732   3.570   1.00 24.45 ? 17  ARG B O   1 
ATOM   677  C CB  . ARG B 1 18 ? 9.826   8.669   1.845   1.00 28.38 ? 17  ARG B CB  1 
ATOM   678  C CG  . ARG B 1 18 ? 11.292  8.999   2.010   1.00 32.92 ? 17  ARG B CG  1 
ATOM   679  C CD  . ARG B 1 18 ? 11.489  10.486  2.282   1.00 35.73 ? 17  ARG B CD  1 
ATOM   680  N NE  . ARG B 1 18 ? 12.846  10.775  2.736   1.00 37.52 ? 17  ARG B NE  1 
ATOM   681  C CZ  . ARG B 1 18 ? 13.368  11.995  2.819   1.00 38.57 ? 17  ARG B CZ  1 
ATOM   682  N NH1 . ARG B 1 18 ? 12.647  13.054  2.480   1.00 42.14 ? 17  ARG B NH1 1 
ATOM   683  N NH2 . ARG B 1 18 ? 14.616  12.155  3.241   1.00 42.95 ? 17  ARG B NH2 1 
ATOM   684  N N   . ARG B 1 19 ? 7.107   7.123   1.448   1.00 25.12 ? 18  ARG B N   1 
ATOM   685  C CA  . ARG B 1 19 ? 5.686   6.990   1.775   1.00 25.34 ? 18  ARG B CA  1 
ATOM   686  C C   . ARG B 1 19 ? 5.365   5.604   2.311   1.00 23.81 ? 18  ARG B C   1 
ATOM   687  O O   . ARG B 1 19 ? 4.613   5.465   3.285   1.00 22.24 ? 18  ARG B O   1 
ATOM   688  C CB  . ARG B 1 19 ? 4.824   7.282   0.549   1.00 31.10 ? 18  ARG B CB  1 
ATOM   689  C CG  . ARG B 1 19 ? 5.083   8.626   -0.072  1.00 34.70 ? 18  ARG B CG  1 
ATOM   690  C CD  . ARG B 1 19 ? 3.861   9.514   -0.072  1.00 39.94 ? 18  ARG B CD  1 
ATOM   691  N NE  . ARG B 1 19 ? 4.191   10.806  -0.665  1.00 41.60 ? 18  ARG B NE  1 
ATOM   692  C CZ  . ARG B 1 19 ? 4.047   11.093  -1.956  1.00 41.74 ? 18  ARG B CZ  1 
ATOM   693  N NH1 . ARG B 1 19 ? 3.550   10.193  -2.787  1.00 46.05 ? 18  ARG B NH1 1 
ATOM   694  N NH2 . ARG B 1 19 ? 4.386   12.293  -2.409  1.00 44.47 ? 18  ARG B NH2 1 
ATOM   695  N N   . LEU B 1 20 ? 5.905   4.563   1.669   1.00 20.70 ? 19  LEU B N   1 
ATOM   696  C CA  . LEU B 1 20 ? 5.725   3.209   2.175   1.00 21.80 ? 19  LEU B CA  1 
ATOM   697  C C   . LEU B 1 20 ? 6.322   3.059   3.568   1.00 20.87 ? 19  LEU B C   1 
ATOM   698  O O   . LEU B 1 20 ? 5.772   2.350   4.415   1.00 18.12 ? 19  LEU B O   1 
ATOM   699  C CB  . LEU B 1 20 ? 6.357   2.205   1.212   1.00 20.80 ? 19  LEU B CB  1 
ATOM   700  C CG  . LEU B 1 20 ? 5.745   2.176   -0.179  1.00 26.12 ? 19  LEU B CG  1 
ATOM   701  C CD1 . LEU B 1 20 ? 6.740   1.518   -1.132  1.00 26.84 ? 19  LEU B CD1 1 
ATOM   702  C CD2 . LEU B 1 20 ? 4.433   1.416   -0.131  1.00 26.94 ? 19  LEU B CD2 1 
ATOM   703  N N   . GLY B 1 21 ? 7.449   3.716   3.825   1.00 21.63 ? 20  GLY B N   1 
ATOM   704  C CA  . GLY B 1 21 ? 8.030   3.673   5.159   1.00 17.89 ? 20  GLY B CA  1 
ATOM   705  C C   . GLY B 1 21 ? 7.119   4.223   6.240   1.00 20.80 ? 20  GLY B C   1 
ATOM   706  O O   . GLY B 1 21 ? 7.191   3.789   7.398   1.00 18.62 ? 20  GLY B O   1 
ATOM   707  N N   . ARG B 1 22 ? 6.248   5.171   5.883   1.00 17.84 ? 21  ARG B N   1 
ATOM   708  C CA  . ARG B 1 22 ? 5.290   5.693   6.855   1.00 18.39 ? 21  ARG B CA  1 
ATOM   709  C C   . ARG B 1 22 ? 4.283   4.633   7.296   1.00 17.44 ? 21  ARG B C   1 
ATOM   710  O O   . ARG B 1 22 ? 3.792   4.695   8.431   1.00 16.75 ? 21  ARG B O   1 
ATOM   711  C CB  . ARG B 1 22 ? 4.556   6.909   6.288   1.00 22.65 ? 21  ARG B CB  1 
ATOM   712  C CG  . ARG B 1 22 ? 5.440   8.110   5.956   1.00 24.56 ? 21  ARG B CG  1 
ATOM   713  C CD  . ARG B 1 22 ? 6.183   8.642   7.173   1.00 25.60 ? 21  ARG B CD  1 
ATOM   714  N NE  . ARG B 1 22 ? 5.325   8.650   8.352   1.00 27.42 ? 21  ARG B NE  1 
ATOM   715  C CZ  . ARG B 1 22 ? 5.769   8.779   9.600   1.00 29.64 ? 21  ARG B CZ  1 
ATOM   716  N NH1 . ARG B 1 22 ? 7.068   8.920   9.843   1.00 32.05 ? 21  ARG B NH1 1 
ATOM   717  N NH2 . ARG B 1 22 ? 4.911   8.765   10.609  1.00 29.90 ? 21  ARG B NH2 1 
ATOM   718  N N   . VAL B 1 23 ? 3.943   3.670   6.428   1.00 16.20 ? 22  VAL B N   1 
ATOM   719  C CA  . VAL B 1 23 ? 3.085   2.560   6.857   1.00 16.14 ? 22  VAL B CA  1 
ATOM   720  C C   . VAL B 1 23 ? 3.695   1.853   8.062   1.00 15.47 ? 22  VAL B C   1 
ATOM   721  O O   . VAL B 1 23 ? 3.024   1.598   9.076   1.00 16.44 ? 22  VAL B O   1 
ATOM   722  C CB  . VAL B 1 23 ? 2.863   1.575   5.696   1.00 16.92 ? 22  VAL B CB  1 
ATOM   723  C CG1 . VAL B 1 23 ? 2.094   0.329   6.174   1.00 18.89 ? 22  VAL B CG1 1 
ATOM   724  C CG2 . VAL B 1 23 ? 2.139   2.256   4.548   1.00 23.37 ? 22  VAL B CG2 1 
ATOM   725  N N   . CYS B 1 24 ? 4.986   1.544   7.967   1.00 18.00 ? 23  CYS B N   1 
ATOM   726  C CA  . CYS B 1 24 ? 5.711   0.932   9.072   1.00 15.33 ? 23  CYS B CA  1 
ATOM   727  C C   . CYS B 1 24 ? 5.726   1.845   10.294  1.00 14.18 ? 23  CYS B C   1 
ATOM   728  O O   . CYS B 1 24 ? 5.456   1.411   11.415  1.00 15.48 ? 23  CYS B O   1 
ATOM   729  C CB  . CYS B 1 24 ? 7.141   0.612   8.632   1.00 15.20 ? 23  CYS B CB  1 
ATOM   730  S SG  . CYS B 1 24 ? 7.282   -0.521  7.228   1.00 17.75 ? 23  CYS B SG  1 
ATOM   731  N N   . ASP B 1 25 ? 6.058   3.120   10.099  1.00 13.37 ? 24  ASP B N   1 
ATOM   732  C CA  . ASP B 1 25 ? 6.160   4.039   11.232  1.00 13.46 ? 24  ASP B CA  1 
ATOM   733  C C   . ASP B 1 25 ? 4.823   4.236   11.930  1.00 14.65 ? 24  ASP B C   1 
ATOM   734  O O   . ASP B 1 25 ? 4.791   4.491   13.140  1.00 15.89 ? 24  ASP B O   1 
ATOM   735  C CB  . ASP B 1 25 ? 6.666   5.400   10.763  1.00 16.39 ? 24  ASP B CB  1 
ATOM   736  C CG  . ASP B 1 25 ? 8.063   5.344   10.195  1.00 20.29 ? 24  ASP B CG  1 
ATOM   737  O OD1 . ASP B 1 25 ? 8.791   4.353   10.434  1.00 20.62 ? 24  ASP B OD1 1 
ATOM   738  O OD2 . ASP B 1 25 ? 8.432   6.319   9.507   1.00 24.38 ? 24  ASP B OD2 1 
ATOM   739  N N   . ASP B 1 26 ? 3.714   4.153   11.179  1.00 13.75 ? 25  ASP B N   1 
ATOM   740  C CA  . ASP B 1 26 ? 2.375   4.338   11.739  1.00 13.52 ? 25  ASP B CA  1 
ATOM   741  C C   . ASP B 1 26 ? 1.832   3.076   12.390  1.00 15.54 ? 25  ASP B C   1 
ATOM   742  O O   . ASP B 1 26 ? 0.762   3.122   13.014  1.00 17.59 ? 25  ASP B O   1 
ATOM   743  C CB  . ASP B 1 26 ? 1.372   4.761   10.661  1.00 15.25 ? 25  ASP B CB  1 
ATOM   744  C CG  . ASP B 1 26 ? 1.612   6.153   10.132  1.00 19.55 ? 25  ASP B CG  1 
ATOM   745  O OD1 . ASP B 1 26 ? 2.458   6.878   10.682  1.00 21.42 ? 25  ASP B OD1 1 
ATOM   746  O OD2 . ASP B 1 26 ? 0.924   6.520   9.150   1.00 24.37 ? 25  ASP B OD2 1 
ATOM   747  N N   . CYS B 1 27 ? 2.527   1.957   12.238  1.00 13.38 ? 26  CYS B N   1 
ATOM   748  C CA  . CYS B 1 27 ? 2.006   0.671   12.668  1.00 11.88 ? 26  CYS B CA  1 
ATOM   749  C C   . CYS B 1 27 ? 2.297   0.370   14.129  1.00 11.64 ? 26  CYS B C   1 
ATOM   750  O O   . CYS B 1 27 ? 1.557   -0.390  14.753  1.00 13.85 ? 26  CYS B O   1 
ATOM   751  C CB  . CYS B 1 27 ? 2.602   -0.413  11.775  1.00 14.78 ? 26  CYS B CB  1 
ATOM   752  S SG  . CYS B 1 27 ? 1.965   -2.075  12.063  1.00 15.99 ? 26  CYS B SG  1 
ATOM   753  N N   . PHE B 1 28 ? 3.390   0.905   14.655  1.00 11.64 ? 27  PHE B N   1 
ATOM   754  C CA  . PHE B 1 28 ? 3.816   0.735   16.036  1.00 12.74 ? 27  PHE B CA  1 
ATOM   755  C C   . PHE B 1 28 ? 4.987   1.688   16.261  1.00 12.69 ? 27  PHE B C   1 
ATOM   756  O O   . PHE B 1 28 ? 5.499   2.315   15.322  1.00 12.16 ? 27  PHE B O   1 
ATOM   757  C CB  . PHE B 1 28 ? 4.219   -0.715  16.321  1.00 13.38 ? 27  PHE B CB  1 
ATOM   758  C CG  . PHE B 1 28 ? 5.261   -1.245  15.365  1.00 13.53 ? 27  PHE B CG  1 
ATOM   759  C CD1 . PHE B 1 28 ? 4.887   -1.843  14.163  1.00 14.06 ? 27  PHE B CD1 1 
ATOM   760  C CD2 . PHE B 1 28 ? 6.608   -1.150  15.673  1.00 14.03 ? 27  PHE B CD2 1 
ATOM   761  C CE1 . PHE B 1 28 ? 5.843   -2.316  13.274  1.00 17.29 ? 27  PHE B CE1 1 
ATOM   762  C CE2 . PHE B 1 28 ? 7.573   -1.611  14.798  1.00 15.85 ? 27  PHE B CE2 1 
ATOM   763  C CZ  . PHE B 1 28 ? 7.201   -2.203  13.593  1.00 14.89 ? 27  PHE B CZ  1 
ATOM   764  N N   . ASN B 1 29 ? 5.415   1.776   17.524  1.00 13.92 ? 28  ASN B N   1 
ATOM   765  C CA  . ASN B 1 29 ? 6.591   2.582   17.854  1.00 13.68 ? 28  ASN B CA  1 
ATOM   766  C C   . ASN B 1 29 ? 7.840   1.849   17.356  1.00 14.35 ? 28  ASN B C   1 
ATOM   767  O O   . ASN B 1 29 ? 8.321   0.897   17.982  1.00 13.57 ? 28  ASN B O   1 
ATOM   768  C CB  . ASN B 1 29 ? 6.629   2.855   19.356  1.00 14.14 ? 28  ASN B CB  1 
ATOM   769  C CG  . ASN B 1 29 ? 7.864   3.632   19.790  1.00 13.19 ? 28  ASN B CG  1 
ATOM   770  O OD1 . ASN B 1 29 ? 8.870   3.661   19.097  1.00 14.00 ? 28  ASN B OD1 1 
ATOM   771  N ND2 . ASN B 1 29 ? 7.773   4.277   20.958  1.00 14.99 ? 28  ASN B ND2 1 
ATOM   772  N N   . VAL B 1 30 ? 8.378   2.287   16.209  1.00 13.80 ? 29  VAL B N   1 
ATOM   773  C CA  . VAL B 1 30 ? 9.496   1.565   15.583  1.00 13.09 ? 29  VAL B CA  1 
ATOM   774  C C   . VAL B 1 30 ? 10.738  1.535   16.477  1.00 14.89 ? 29  VAL B C   1 
ATOM   775  O O   . VAL B 1 30 ? 11.544  0.600   16.399  1.00 16.12 ? 29  VAL B O   1 
ATOM   776  C CB  . VAL B 1 30 ? 9.817   2.177   14.207  1.00 13.37 ? 29  VAL B CB  1 
ATOM   777  C CG1 . VAL B 1 30 ? 8.682   1.884   13.201  1.00 16.36 ? 29  VAL B CG1 1 
ATOM   778  C CG2 . VAL B 1 30 ? 10.055  3.689   14.338  1.00 16.02 ? 29  VAL B CG2 1 
ATOM   779  N N   . PHE B 1 31 ? 10.924  2.537   17.339  1.00 15.15 ? 30  PHE B N   1 
ATOM   780  C CA  . PHE B 1 31 ? 12.103  2.490   18.191  1.00 14.32 ? 30  PHE B CA  1 
ATOM   781  C C   . PHE B 1 31 ? 11.986  1.438   19.273  1.00 15.03 ? 30  PHE B C   1 
ATOM   782  O O   . PHE B 1 31 ? 13.010  0.960   19.770  1.00 16.33 ? 30  PHE B O   1 
ATOM   783  C CB  . PHE B 1 31 ? 12.380  3.851   18.820  1.00 14.66 ? 30  PHE B CB  1 
ATOM   784  C CG  . PHE B 1 31 ? 12.527  4.949   17.819  1.00 14.52 ? 30  PHE B CG  1 
ATOM   785  C CD1 . PHE B 1 31 ? 13.645  5.018   17.005  1.00 18.83 ? 30  PHE B CD1 1 
ATOM   786  C CD2 . PHE B 1 31 ? 11.540  5.900   17.676  1.00 16.31 ? 30  PHE B CD2 1 
ATOM   787  C CE1 . PHE B 1 31 ? 13.777  6.047   16.070  1.00 15.89 ? 30  PHE B CE1 1 
ATOM   788  C CE2 . PHE B 1 31 ? 11.674  6.925   16.746  1.00 17.93 ? 30  PHE B CE2 1 
ATOM   789  C CZ  . PHE B 1 31 ? 12.789  6.987   15.948  1.00 18.76 ? 30  PHE B CZ  1 
ATOM   790  N N   . ARG B 1 32 ? 10.769  1.044   19.642  1.00 15.03 ? 31  ARG B N   1 
ATOM   791  C CA  . ARG B 1 32 ? 10.622  0.044   20.687  1.00 13.96 ? 31  ARG B CA  1 
ATOM   792  C C   . ARG B 1 32 ? 10.604  -1.362  20.131  1.00 18.36 ? 31  ARG B C   1 
ATOM   793  O O   . ARG B 1 32 ? 10.876  -2.306  20.875  1.00 17.89 ? 31  ARG B O   1 
ATOM   794  C CB  . ARG B 1 32 ? 9.357   0.297   21.512  1.00 18.67 ? 31  ARG B CB  1 
ATOM   795  C CG  . ARG B 1 32 ? 9.497   1.493   22.419  1.00 17.27 ? 31  ARG B CG  1 
ATOM   796  C CD  . ARG B 1 32 ? 8.221   1.847   23.130  1.00 21.49 ? 31  ARG B CD  1 
ATOM   797  N NE  . ARG B 1 32 ? 7.799   0.797   24.043  1.00 25.67 ? 31  ARG B NE  1 
ATOM   798  C CZ  . ARG B 1 32 ? 6.609   0.774   24.631  1.00 31.43 ? 31  ARG B CZ  1 
ATOM   799  N NH1 . ARG B 1 32 ? 5.732   1.740   24.387  1.00 32.09 ? 31  ARG B NH1 1 
ATOM   800  N NH2 . ARG B 1 32 ? 6.290   -0.217  25.455  1.00 36.68 ? 31  ARG B NH2 1 
ATOM   801  N N   . GLU B 1 33 ? 10.327  -1.527  18.839  1.00 15.87 ? 32  GLU B N   1 
ATOM   802  C CA  . GLU B 1 33 ? 10.408  -2.834  18.179  1.00 17.89 ? 32  GLU B CA  1 
ATOM   803  C C   . GLU B 1 33 ? 11.288  -2.705  16.946  1.00 16.42 ? 32  GLU B C   1 
ATOM   804  O O   . GLU B 1 33 ? 10.843  -2.907  15.811  1.00 16.29 ? 32  GLU B O   1 
ATOM   805  C CB  . GLU B 1 33 ? 9.018   -3.348  17.815  1.00 16.77 ? 32  GLU B CB  1 
ATOM   806  C CG  . GLU B 1 33 ? 8.171   -3.652  19.024  1.00 17.14 ? 32  GLU B CG  1 
ATOM   807  C CD  . GLU B 1 33 ? 6.746   -3.975  18.647  1.00 21.33 ? 32  GLU B CD  1 
ATOM   808  O OE1 . GLU B 1 33 ? 6.489   -5.062  18.092  1.00 27.93 ? 32  GLU B OE1 1 
ATOM   809  O OE2 . GLU B 1 33 ? 5.890   -3.117  18.888  1.00 19.62 ? 32  GLU B OE2 1 
ATOM   810  N N   . PRO B 1 34 ? 12.559  -2.350  17.138  1.00 15.34 ? 33  PRO B N   1 
ATOM   811  C CA  . PRO B 1 34 ? 13.379  -1.931  15.992  1.00 17.33 ? 33  PRO B CA  1 
ATOM   812  C C   . PRO B 1 34 ? 13.667  -3.046  15.006  1.00 15.38 ? 33  PRO B C   1 
ATOM   813  O O   . PRO B 1 34 ? 13.838  -2.776  13.803  1.00 16.28 ? 33  PRO B O   1 
ATOM   814  C CB  . PRO B 1 34 ? 14.662  -1.422  16.659  1.00 16.56 ? 33  PRO B CB  1 
ATOM   815  C CG  . PRO B 1 34 ? 14.692  -2.104  17.992  1.00 17.08 ? 33  PRO B CG  1 
ATOM   816  C CD  . PRO B 1 34 ? 13.270  -2.239  18.423  1.00 17.65 ? 33  PRO B CD  1 
ATOM   817  N N   . ASN B 1 35 ? 13.705  -4.296  15.479  1.00 18.93 ? 34  ASN B N   1 
ATOM   818  C CA  . ASN B 1 35 ? 13.892  -5.424  14.574  1.00 21.24 ? 34  ASN B CA  1 
ATOM   819  C C   . ASN B 1 35 ? 12.647  -5.655  13.719  1.00 19.84 ? 34  ASN B C   1 
ATOM   820  O O   . ASN B 1 35 ? 12.748  -5.982  12.531  1.00 18.73 ? 34  ASN B O   1 
ATOM   821  C CB  . ASN B 1 35 ? 14.246  -6.677  15.374  1.00 19.79 ? 34  ASN B CB  1 
ATOM   822  C CG  . ASN B 1 35 ? 15.373  -6.443  16.388  1.00 23.40 ? 34  ASN B CG  1 
ATOM   823  O OD1 . ASN B 1 35 ? 15.151  -6.485  17.598  1.00 28.87 ? 34  ASN B OD1 1 
ATOM   824  N ND2 . ASN B 1 35 ? 16.585  -6.213  15.893  1.00 25.00 ? 34  ASN B ND2 1 
ATOM   825  N N   . VAL B 1 36 ? 11.462  -5.492  14.303  1.00 19.10 ? 35  VAL B N   1 
ATOM   826  C CA  . VAL B 1 36 ? 10.243  -5.578  13.503  1.00 16.02 ? 35  VAL B CA  1 
ATOM   827  C C   . VAL B 1 36 ? 10.163  -4.413  12.530  1.00 17.09 ? 35  VAL B C   1 
ATOM   828  O O   . VAL B 1 36 ? 9.732   -4.578  11.381  1.00 15.27 ? 35  VAL B O   1 
ATOM   829  C CB  . VAL B 1 36 ? 9.006   -5.637  14.412  1.00 15.94 ? 35  VAL B CB  1 
ATOM   830  C CG1 . VAL B 1 36 ? 7.728   -5.721  13.578  1.00 14.41 ? 35  VAL B CG1 1 
ATOM   831  C CG2 . VAL B 1 36 ? 9.127   -6.829  15.366  1.00 19.56 ? 35  VAL B CG2 1 
ATOM   832  N N   . ALA B 1 37 ? 10.590  -3.219  12.970  1.00 15.35 ? 36  ALA B N   1 
ATOM   833  C CA  . ALA B 1 37 ? 10.581  -2.044  12.102  1.00 17.35 ? 36  ALA B CA  1 
ATOM   834  C C   . ALA B 1 37 ? 11.500  -2.242  10.909  1.00 18.90 ? 36  ALA B C   1 
ATOM   835  O O   . ALA B 1 37 ? 11.178  -1.847  9.780   1.00 20.19 ? 36  ALA B O   1 
ATOM   836  C CB  . ALA B 1 37 ? 11.020  -0.820  12.898  1.00 16.82 ? 36  ALA B CB  1 
ATOM   837  N N   . THR B 1 38 ? 12.658  -2.852  11.151  1.00 17.63 ? 37  THR B N   1 
ATOM   838  C CA  . THR B 1 38 ? 13.577  -3.143  10.070  1.00 16.93 ? 37  THR B CA  1 
ATOM   839  C C   . THR B 1 38 ? 13.008  -4.200  9.128   1.00 17.20 ? 37  THR B C   1 
ATOM   840  O O   . THR B 1 38 ? 13.058  -4.030  7.901   1.00 18.72 ? 37  THR B O   1 
ATOM   841  C CB  . THR B 1 38 ? 14.911  -3.560  10.673  1.00 19.06 ? 37  THR B CB  1 
ATOM   842  O OG1 . THR B 1 38 ? 15.356  -2.517  11.549  1.00 22.86 ? 37  THR B OG1 1 
ATOM   843  C CG2 . THR B 1 38 ? 15.933  -3.756  9.610   1.00 24.28 ? 37  THR B CG2 1 
ATOM   844  N N   . GLU B 1 39 ? 12.428  -5.280  9.670   1.00 16.89 ? 38  GLU B N   1 
ATOM   845  C CA  . GLU B 1 39 ? 11.806  -6.271  8.792   1.00 18.79 ? 38  GLU B CA  1 
ATOM   846  C C   . GLU B 1 39 ? 10.706  -5.650  7.938   1.00 19.75 ? 38  GLU B C   1 
ATOM   847  O O   . GLU B 1 39 ? 10.539  -5.997  6.760   1.00 19.20 ? 38  GLU B O   1 
ATOM   848  C CB  . GLU B 1 39 ? 11.238  -7.428  9.609   1.00 19.80 ? 38  GLU B CB  1 
ATOM   849  C CG  . GLU B 1 39 ? 10.384  -8.381  8.771   1.00 22.11 ? 38  GLU B CG  1 
ATOM   850  C CD  . GLU B 1 39 ? 11.199  -9.222  7.804   1.00 27.54 ? 38  GLU B CD  1 
ATOM   851  O OE1 . GLU B 1 39 ? 12.442  -9.220  7.896   1.00 28.40 ? 38  GLU B OE1 1 
ATOM   852  O OE2 . GLU B 1 39 ? 10.580  -9.894  6.948   1.00 32.40 ? 38  GLU B OE2 1 
ATOM   853  N N   . CYS B 1 40 ? 9.957   -4.711  8.507   1.00 16.96 ? 39  CYS B N   1 
ATOM   854  C CA  . CYS B 1 40 ? 8.890   -4.066  7.751   1.00 17.09 ? 39  CYS B CA  1 
ATOM   855  C C   . CYS B 1 40 ? 9.388   -3.486  6.425   1.00 17.30 ? 39  CYS B C   1 
ATOM   856  O O   . CYS B 1 40 ? 8.664   -3.507  5.428   1.00 17.65 ? 39  CYS B O   1 
ATOM   857  C CB  . CYS B 1 40 ? 8.255   -2.990  8.636   1.00 16.74 ? 39  CYS B CB  1 
ATOM   858  S SG  . CYS B 1 40 ? 6.704   -2.288  8.051   1.00 17.31 ? 39  CYS B SG  1 
ATOM   859  N N   . ARG B 1 41 ? 10.624  -2.988  6.390   1.00 18.17 ? 40  ARG B N   1 
ATOM   860  C CA  . ARG B 1 41 ? 11.183  -2.348  5.207   1.00 21.09 ? 40  ARG B CA  1 
ATOM   861  C C   . ARG B 1 41 ? 11.863  -3.330  4.264   1.00 19.29 ? 40  ARG B C   1 
ATOM   862  O O   . ARG B 1 41 ? 12.171  -2.963  3.116   1.00 22.00 ? 40  ARG B O   1 
ATOM   863  C CB  . ARG B 1 41 ? 12.176  -1.260  5.640   1.00 21.93 ? 40  ARG B CB  1 
ATOM   864  C CG  . ARG B 1 41 ? 11.625  -0.433  6.789   1.00 23.37 ? 40  ARG B CG  1 
ATOM   865  C CD  . ARG B 1 41 ? 12.473  0.781   7.069   1.00 31.13 ? 40  ARG B CD  1 
ATOM   866  N NE  . ARG B 1 41 ? 11.652  1.964   7.315   1.00 34.43 ? 40  ARG B NE  1 
ATOM   867  C CZ  . ARG B 1 41 ? 10.856  2.128   8.369   1.00 29.46 ? 40  ARG B CZ  1 
ATOM   868  N NH1 . ARG B 1 41 ? 10.741  1.175   9.287   1.00 26.67 ? 40  ARG B NH1 1 
ATOM   869  N NH2 . ARG B 1 41 ? 10.168  3.253   8.496   1.00 31.21 ? 40  ARG B NH2 1 
ATOM   870  N N   . SER B 1 42 ? 12.074  -4.570  4.698   1.00 19.84 ? 41  SER B N   1 
ATOM   871  C CA  . SER B 1 42 ? 12.850  -5.525  3.914   1.00 21.71 ? 41  SER B CA  1 
ATOM   872  C C   . SER B 1 42 ? 12.164  -5.889  2.598   1.00 18.89 ? 41  SER B C   1 
ATOM   873  O O   . SER B 1 42 ? 10.934  -5.900  2.481   1.00 19.93 ? 41  SER B O   1 
ATOM   874  C CB  . SER B 1 42 ? 13.119  -6.798  4.725   1.00 21.03 ? 41  SER B CB  1 
ATOM   875  O OG  . SER B 1 42 ? 11.945  -7.551  4.996   1.00 24.32 ? 41  SER B OG  1 
ATOM   876  N N   . ASN B 1 43 ? 12.988  -6.181  1.592   1.00 18.87 ? 42  ASN B N   1 
ATOM   877  C CA  . ASN B 1 43 ? 12.515  -6.738  0.315   1.00 20.07 ? 42  ASN B CA  1 
ATOM   878  C C   . ASN B 1 43 ? 11.539  -5.810  -0.409  1.00 17.16 ? 42  ASN B C   1 
ATOM   879  O O   . ASN B 1 43 ? 10.499  -6.246  -0.906  1.00 19.83 ? 42  ASN B O   1 
ATOM   880  C CB  . ASN B 1 43 ? 11.871  -8.110  0.529   1.00 21.34 ? 42  ASN B CB  1 
ATOM   881  C CG  . ASN B 1 43 ? 11.727  -8.893  -0.763  1.00 24.08 ? 42  ASN B CG  1 
ATOM   882  O OD1 . ASN B 1 43 ? 12.671  -8.976  -1.556  1.00 28.52 ? 42  ASN B OD1 1 
ATOM   883  N ND2 . ASN B 1 43 ? 10.545  -9.462  -0.987  1.00 23.08 ? 42  ASN B ND2 1 
ATOM   884  N N   . CYS B 1 44 ? 11.879  -4.524  -0.477  1.00 19.41 ? 43  CYS B N   1 
ATOM   885  C CA  . CYS B 1 44 ? 11.016  -3.540  -1.134  1.00 22.01 ? 43  CYS B CA  1 
ATOM   886  C C   . CYS B 1 44 ? 9.611   -3.550  -0.541  1.00 19.43 ? 43  CYS B C   1 
ATOM   887  O O   . CYS B 1 44 ? 8.620   -3.378  -1.253  1.00 18.95 ? 43  CYS B O   1 
ATOM   888  C CB  . CYS B 1 44 ? 10.932  -3.776  -2.638  1.00 22.16 ? 43  CYS B CB  1 
ATOM   889  S SG  . CYS B 1 44 ? 12.495  -3.792  -3.503  1.00 23.47 ? 43  CYS B SG  1 
ATOM   890  N N   . TYR B 1 45 ? 9.532   -3.774  0.771   1.00 16.72 ? 44  TYR B N   1 
ATOM   891  C CA  . TYR B 1 45 ? 8.297   -3.816  1.565   1.00 17.10 ? 44  TYR B CA  1 
ATOM   892  C C   . TYR B 1 45 ? 7.452   -5.045  1.275   1.00 18.82 ? 44  TYR B C   1 
ATOM   893  O O   . TYR B 1 45 ? 6.325   -5.148  1.785   1.00 18.17 ? 44  TYR B O   1 
ATOM   894  C CB  . TYR B 1 45 ? 7.454   -2.547  1.387   1.00 16.86 ? 44  TYR B CB  1 
ATOM   895  C CG  . TYR B 1 45 ? 8.168   -1.296  1.841   1.00 19.76 ? 44  TYR B CG  1 
ATOM   896  C CD1 . TYR B 1 45 ? 8.270   -0.979  3.200   1.00 20.59 ? 44  TYR B CD1 1 
ATOM   897  C CD2 . TYR B 1 45 ? 8.743   -0.430  0.920   1.00 21.55 ? 44  TYR B CD2 1 
ATOM   898  C CE1 . TYR B 1 45 ? 8.932   0.174   3.629   1.00 17.19 ? 44  TYR B CE1 1 
ATOM   899  C CE2 . TYR B 1 45 ? 9.407   0.726   1.338   1.00 24.44 ? 44  TYR B CE2 1 
ATOM   900  C CZ  . TYR B 1 45 ? 9.503   1.015   2.688   1.00 21.14 ? 44  TYR B CZ  1 
ATOM   901  O OH  . TYR B 1 45 ? 10.145  2.166   3.091   1.00 24.98 ? 44  TYR B OH  1 
ATOM   902  N N   . ASN B 1 46 ? 7.977   -5.997  0.503   1.00 20.33 ? 45  ASN B N   1 
ATOM   903  C CA  . ASN B 1 46 ? 7.267   -7.236  0.195   1.00 21.03 ? 45  ASN B CA  1 
ATOM   904  C C   . ASN B 1 46 ? 7.614   -8.266  1.266   1.00 20.62 ? 45  ASN B C   1 
ATOM   905  O O   . ASN B 1 46 ? 8.488   -9.125  1.101   1.00 21.87 ? 45  ASN B O   1 
ATOM   906  C CB  . ASN B 1 46 ? 7.640   -7.713  -1.201  1.00 21.34 ? 45  ASN B CB  1 
ATOM   907  C CG  . ASN B 1 46 ? 6.842   -8.929  -1.643  1.00 28.47 ? 45  ASN B CG  1 
ATOM   908  O OD1 . ASN B 1 46 ? 6.302   -9.681  -0.824  1.00 32.58 ? 45  ASN B OD1 1 
ATOM   909  N ND2 . ASN B 1 46 ? 6.778   -9.135  -2.955  1.00 28.36 ? 45  ASN B ND2 1 
ATOM   910  N N   . ASN B 1 47 ? 6.902   -8.187  2.387   1.00 19.58 ? 46  ASN B N   1 
ATOM   911  C CA  . ASN B 1 47 ? 7.182   -9.049  3.524   1.00 20.66 ? 46  ASN B CA  1 
ATOM   912  C C   . ASN B 1 47 ? 5.942   -9.088  4.410   1.00 18.67 ? 46  ASN B C   1 
ATOM   913  O O   . ASN B 1 47 ? 5.062   -8.221  4.291   1.00 21.02 ? 46  ASN B O   1 
ATOM   914  C CB  . ASN B 1 47 ? 8.402   -8.542  4.310   1.00 18.58 ? 46  ASN B CB  1 
ATOM   915  C CG  . ASN B 1 47 ? 8.137   -7.218  4.968   1.00 17.15 ? 46  ASN B CG  1 
ATOM   916  O OD1 . ASN B 1 47 ? 7.438   -7.158  5.977   1.00 19.08 ? 46  ASN B OD1 1 
ATOM   917  N ND2 . ASN B 1 47 ? 8.674   -6.144  4.396   1.00 18.34 ? 46  ASN B ND2 1 
ATOM   918  N N   . PRO B 1 48 ? 5.838   -10.086 5.299   1.00 22.17 ? 47  PRO B N   1 
ATOM   919  C CA  . PRO B 1 48 ? 4.612   -10.246 6.092   1.00 19.65 ? 47  PRO B CA  1 
ATOM   920  C C   . PRO B 1 48 ? 4.364   -9.129  7.082   1.00 19.28 ? 47  PRO B C   1 
ATOM   921  O O   . PRO B 1 48 ? 3.199   -8.868  7.414   1.00 20.07 ? 47  PRO B O   1 
ATOM   922  C CB  . PRO B 1 48 ? 4.854   -11.583 6.807   1.00 19.62 ? 47  PRO B CB  1 
ATOM   923  C CG  . PRO B 1 48 ? 5.773   -12.321 5.869   1.00 16.78 ? 47  PRO B CG  1 
ATOM   924  C CD  . PRO B 1 48 ? 6.730   -11.247 5.463   1.00 22.22 ? 47  PRO B CD  1 
ATOM   925  N N   . VAL B 1 49 ? 5.411   -8.476  7.586   1.00 17.29 ? 48  VAL B N   1 
ATOM   926  C CA  . VAL B 1 49 ? 5.204   -7.414  8.571   1.00 16.70 ? 48  VAL B CA  1 
ATOM   927  C C   . VAL B 1 49 ? 4.577   -6.194  7.903   1.00 16.55 ? 48  VAL B C   1 
ATOM   928  O O   . VAL B 1 49 ? 3.607   -5.610  8.412   1.00 15.69 ? 48  VAL B O   1 
ATOM   929  C CB  . VAL B 1 49 ? 6.530   -7.063  9.267   1.00 16.30 ? 48  VAL B CB  1 
ATOM   930  C CG1 . VAL B 1 49 ? 6.357   -5.814  10.102  1.00 16.95 ? 48  VAL B CG1 1 
ATOM   931  C CG2 . VAL B 1 49 ? 6.997   -8.234  10.153  1.00 19.13 ? 48  VAL B CG2 1 
ATOM   932  N N   . PHE B 1 50 ? 5.114   -5.789  6.749   1.00 15.51 ? 49  PHE B N   1 
ATOM   933  C CA  . PHE B 1 50 ? 4.491   -4.690  6.013   1.00 15.66 ? 49  PHE B CA  1 
ATOM   934  C C   . PHE B 1 50 ? 3.046   -5.018  5.647   1.00 14.93 ? 49  PHE B C   1 
ATOM   935  O O   . PHE B 1 50 ? 2.153   -4.169  5.776   1.00 15.00 ? 49  PHE B O   1 
ATOM   936  C CB  . PHE B 1 50 ? 5.291   -4.357  4.755   1.00 15.55 ? 49  PHE B CB  1 
ATOM   937  C CG  . PHE B 1 50 ? 4.707   -3.228  3.962   1.00 15.46 ? 49  PHE B CG  1 
ATOM   938  C CD1 . PHE B 1 50 ? 5.007   -1.909  4.285   1.00 16.78 ? 49  PHE B CD1 1 
ATOM   939  C CD2 . PHE B 1 50 ? 3.841   -3.479  2.906   1.00 17.84 ? 49  PHE B CD2 1 
ATOM   940  C CE1 . PHE B 1 50 ? 4.456   -0.873  3.565   1.00 17.81 ? 49  PHE B CE1 1 
ATOM   941  C CE2 . PHE B 1 50 ? 3.297   -2.435  2.177   1.00 17.87 ? 49  PHE B CE2 1 
ATOM   942  C CZ  . PHE B 1 50 ? 3.600   -1.136  2.509   1.00 16.63 ? 49  PHE B CZ  1 
ATOM   943  N N   . ARG B 1 51 ? 2.793   -6.242  5.173   1.00 17.37 ? 50  ARG B N   1 
ATOM   944  C CA  . ARG B 1 51 ? 1.439   -6.582  4.742   1.00 16.59 ? 50  ARG B CA  1 
ATOM   945  C C   . ARG B 1 51 ? 0.452   -6.552  5.901   1.00 15.74 ? 50  ARG B C   1 
ATOM   946  O O   . ARG B 1 51 ? -0.678  -6.065  5.756   1.00 16.15 ? 50  ARG B O   1 
ATOM   947  C CB  . ARG B 1 51 ? 1.431   -7.953  4.077   1.00 18.89 ? 50  ARG B CB  1 
ATOM   948  C CG  . ARG B 1 51 ? 1.904   -7.933  2.652   1.00 24.43 ? 50  ARG B CG  1 
ATOM   949  C CD  . ARG B 1 51 ? 1.621   -9.269  1.978   1.00 26.55 ? 50  ARG B CD  1 
ATOM   950  N NE  . ARG B 1 51 ? 2.530   -10.323 2.413   1.00 30.93 ? 50  ARG B NE  1 
ATOM   951  C CZ  . ARG B 1 51 ? 3.743   -10.514 1.903   1.00 28.87 ? 50  ARG B CZ  1 
ATOM   952  N NH1 . ARG B 1 51 ? 4.194   -9.711  0.952   1.00 27.55 ? 50  ARG B NH1 1 
ATOM   953  N NH2 . ARG B 1 51 ? 4.509   -11.498 2.352   1.00 31.33 ? 50  ARG B NH2 1 
ATOM   954  N N   . GLN B 1 52 ? 0.852   -7.086  7.055   1.00 16.68 ? 51  GLN B N   1 
ATOM   955  C CA  . GLN B 1 52 ? -0.034  -7.041  8.214   1.00 16.11 ? 51  GLN B CA  1 
ATOM   956  C C   . GLN B 1 52 ? -0.188  -5.610  8.720   1.00 14.71 ? 51  GLN B C   1 
ATOM   957  O O   . GLN B 1 52 ? -1.285  -5.206  9.120   1.00 14.80 ? 51  GLN B O   1 
ATOM   958  C CB  . GLN B 1 52 ? 0.492   -7.949  9.323   1.00 17.31 ? 51  GLN B CB  1 
ATOM   959  C CG  . GLN B 1 52 ? -0.391  -7.974  10.569  1.00 15.98 ? 51  GLN B CG  1 
ATOM   960  C CD  . GLN B 1 52 ? -1.778  -8.502  10.278  1.00 23.25 ? 51  GLN B CD  1 
ATOM   961  O OE1 . GLN B 1 52 ? -1.943  -9.669  9.917   1.00 32.32 ? 51  GLN B OE1 1 
ATOM   962  N NE2 . GLN B 1 52 ? -2.781  -7.642  10.402  1.00 25.05 ? 51  GLN B NE2 1 
ATOM   963  N N   . CYS B 1 53 ? 0.906   -4.833  8.714   1.00 15.26 ? 52  CYS B N   1 
ATOM   964  C CA  . CYS B 1 53 ? 0.809   -3.419  9.069   1.00 15.47 ? 52  CYS B CA  1 
ATOM   965  C C   . CYS B 1 53 ? -0.135  -2.672  8.128   1.00 15.24 ? 52  CYS B C   1 
ATOM   966  O O   . CYS B 1 53 ? -0.942  -1.850  8.588   1.00 16.08 ? 52  CYS B O   1 
ATOM   967  C CB  . CYS B 1 53 ? 2.202   -2.784  9.096   1.00 16.95 ? 52  CYS B CB  1 
ATOM   968  S SG  . CYS B 1 53 ? 3.059   -3.119  10.667  1.00 15.41 ? 52  CYS B SG  1 
ATOM   969  N N   . MET B 1 54 ? -0.038  -2.932  6.810   1.00 15.62 ? 53  MET B N   1 
ATOM   970  C CA  . MET B 1 54 ? -1.016  -2.454  5.830   1.00 17.06 ? 53  MET B CA  1 
ATOM   971  C C   . MET B 1 54 ? -2.421  -2.639  6.357   1.00 17.28 ? 53  MET B C   1 
ATOM   972  O O   . MET B 1 54 ? -3.248  -1.721  6.309   1.00 17.21 ? 53  MET B O   1 
ATOM   973  C CB  . MET B 1 54 ? -0.909  -3.231  4.503   1.00 18.52 ? 53  MET B CB  1 
ATOM   974  C CG  . MET B 1 54 ? 0.147   -2.793  3.454   1.00 15.54 ? 53  MET B CG  1 
ATOM   975  S SD  . MET B 1 54 ? -0.491  -1.902  1.959   1.00 20.85 ? 53  MET B SD  1 
ATOM   976  C CE  . MET B 1 54 ? -0.195  -0.347  2.860   1.00 8.47  ? 53  MET B CE  1 
ATOM   977  N N   . ALA B 1 55 ? -2.700  -3.859  6.819   1.00 15.96 ? 54  ALA B N   1 
ATOM   978  C CA  . ALA B 1 55 ? -4.056  -4.264  7.143   1.00 14.25 ? 54  ALA B CA  1 
ATOM   979  C C   . ALA B 1 55 ? -4.580  -3.560  8.382   1.00 18.00 ? 54  ALA B C   1 
ATOM   980  O O   . ALA B 1 55 ? -5.798  -3.450  8.538   1.00 18.64 ? 54  ALA B O   1 
ATOM   981  C CB  . ALA B 1 55 ? -4.122  -5.786  7.307   1.00 18.44 ? 54  ALA B CB  1 
ATOM   982  N N   . TYR B 1 56 ? -3.693  -3.060  9.247   1.00 15.46 ? 55  TYR B N   1 
ATOM   983  C CA  . TYR B 1 56 ? -4.078  -2.230  10.382  1.00 14.12 ? 55  TYR B CA  1 
ATOM   984  C C   . TYR B 1 56 ? -4.119  -0.750  10.018  1.00 14.69 ? 55  TYR B C   1 
ATOM   985  O O   . TYR B 1 56 ? -5.076  -0.053  10.365  1.00 17.80 ? 55  TYR B O   1 
ATOM   986  C CB  . TYR B 1 56 ? -3.096  -2.413  11.544  1.00 14.87 ? 55  TYR B CB  1 
ATOM   987  C CG  . TYR B 1 56 ? -3.039  -3.792  12.125  1.00 14.45 ? 55  TYR B CG  1 
ATOM   988  C CD1 . TYR B 1 56 ? -4.197  -4.500  12.419  1.00 11.69 ? 55  TYR B CD1 1 
ATOM   989  C CD2 . TYR B 1 56 ? -1.813  -4.384  12.400  1.00 13.72 ? 55  TYR B CD2 1 
ATOM   990  C CE1 . TYR B 1 56 ? -4.127  -5.780  12.973  1.00 13.78 ? 55  TYR B CE1 1 
ATOM   991  C CE2 . TYR B 1 56 ? -1.736  -5.658  12.949  1.00 16.38 ? 55  TYR B CE2 1 
ATOM   992  C CZ  . TYR B 1 56 ? -2.891  -6.339  13.237  1.00 17.08 ? 55  TYR B CZ  1 
ATOM   993  O OH  . TYR B 1 56 ? -2.826  -7.592  13.797  1.00 15.85 ? 55  TYR B OH  1 
ATOM   994  N N   . VAL B 1 57 ? -3.085  -0.274  9.316   1.00 13.82 ? 56  VAL B N   1 
ATOM   995  C CA  . VAL B 1 57 ? -2.875  1.156   9.100   1.00 15.65 ? 56  VAL B CA  1 
ATOM   996  C C   . VAL B 1 57 ? -3.845  1.714   8.075   1.00 16.04 ? 56  VAL B C   1 
ATOM   997  O O   . VAL B 1 57 ? -4.381  2.811   8.257   1.00 15.39 ? 56  VAL B O   1 
ATOM   998  C CB  . VAL B 1 57 ? -1.414  1.412   8.686   1.00 13.59 ? 56  VAL B CB  1 
ATOM   999  C CG1 . VAL B 1 57 ? -1.231  2.849   8.193   1.00 18.55 ? 56  VAL B CG1 1 
ATOM   1000 C CG2 . VAL B 1 57 ? -0.499  1.176   9.875   1.00 16.58 ? 56  VAL B CG2 1 
ATOM   1001 N N   . VAL B 1 58 ? -4.069  0.995   6.971   1.00 16.23 ? 57  VAL B N   1 
ATOM   1002 C CA  . VAL B 1 58 ? -4.955  1.513   5.931   1.00 19.02 ? 57  VAL B CA  1 
ATOM   1003 C C   . VAL B 1 58 ? -6.384  1.653   6.437   1.00 18.13 ? 57  VAL B C   1 
ATOM   1004 O O   . VAL B 1 58 ? -6.964  2.737   6.276   1.00 18.66 ? 57  VAL B O   1 
ATOM   1005 C CB  . VAL B 1 58 ? -4.859  0.657   4.661   1.00 20.88 ? 57  VAL B CB  1 
ATOM   1006 C CG1 . VAL B 1 58 ? -6.018  0.994   3.755   1.00 21.63 ? 57  VAL B CG1 1 
ATOM   1007 C CG2 . VAL B 1 58 ? -3.555  0.916   3.961   1.00 22.31 ? 57  VAL B CG2 1 
ATOM   1008 N N   . PRO B 1 59 ? -7.007  0.624   7.037   1.00 19.70 ? 58  PRO B N   1 
ATOM   1009 C CA  . PRO B 1 59 ? -8.349  0.824   7.604   1.00 21.16 ? 58  PRO B CA  1 
ATOM   1010 C C   . PRO B 1 59 ? -8.398  1.939   8.616   1.00 18.86 ? 58  PRO B C   1 
ATOM   1011 O O   . PRO B 1 59 ? -9.349  2.729   8.589   1.00 22.24 ? 58  PRO B O   1 
ATOM   1012 C CB  . PRO B 1 59 ? -8.665  -0.536  8.237   1.00 23.39 ? 58  PRO B CB  1 
ATOM   1013 C CG  . PRO B 1 59 ? -7.929  -1.484  7.403   1.00 23.46 ? 58  PRO B CG  1 
ATOM   1014 C CD  . PRO B 1 59 ? -6.628  -0.803  7.086   1.00 20.63 ? 58  PRO B CD  1 
ATOM   1015 N N   . ALA B 1 60 ? -7.394  2.043   9.493   1.00 20.18 ? 59  ALA B N   1 
ATOM   1016 C CA  . ALA B 1 60 ? -7.376  3.141   10.457  1.00 21.33 ? 59  ALA B CA  1 
ATOM   1017 C C   . ALA B 1 60 ? -7.442  4.479   9.752   1.00 22.05 ? 59  ALA B C   1 
ATOM   1018 O O   . ALA B 1 60 ? -8.220  5.359   10.136  1.00 22.95 ? 59  ALA B O   1 
ATOM   1019 C CB  . ALA B 1 60 ? -6.131  3.074   11.338  1.00 21.36 ? 59  ALA B CB  1 
ATOM   1020 N N   . HIS B 1 61 ? -6.641  4.641   8.698   1.00 19.17 ? 60  HIS B N   1 
ATOM   1021 C CA  . HIS B 1 61 ? -6.612  5.918   7.993   1.00 19.96 ? 60  HIS B CA  1 
ATOM   1022 C C   . HIS B 1 61 ? -7.877  6.147   7.168   1.00 20.71 ? 60  HIS B C   1 
ATOM   1023 O O   . HIS B 1 61 ? -8.294  7.302   6.985   1.00 23.58 ? 60  HIS B O   1 
ATOM   1024 C CB  . HIS B 1 61 ? -5.371  5.994   7.104   1.00 21.87 ? 60  HIS B CB  1 
ATOM   1025 C CG  . HIS B 1 61 ? -4.085  6.114   7.860   1.00 24.52 ? 60  HIS B CG  1 
ATOM   1026 N ND1 . HIS B 1 61 ? -2.879  6.342   7.233   1.00 30.75 ? 60  HIS B ND1 1 
ATOM   1027 C CD2 . HIS B 1 61 ? -3.812  6.047   9.184   1.00 25.39 ? 60  HIS B CD2 1 
ATOM   1028 C CE1 . HIS B 1 61 ? -1.919  6.412   8.139   1.00 30.78 ? 60  HIS B CE1 1 
ATOM   1029 N NE2 . HIS B 1 61 ? -2.460  6.250   9.332   1.00 24.00 ? 60  HIS B NE2 1 
ATOM   1030 N N   . LEU B 1 62 ? -8.492  5.076   6.654   1.00 19.42 ? 61  LEU B N   1 
ATOM   1031 C CA  . LEU B 1 62 ? -9.733  5.206   5.893   1.00 17.49 ? 61  LEU B CA  1 
ATOM   1032 C C   . LEU B 1 62 ? -10.880 5.654   6.783   1.00 22.60 ? 61  LEU B C   1 
ATOM   1033 O O   . LEU B 1 62 ? -11.765 6.391   6.331   1.00 23.18 ? 61  LEU B O   1 
ATOM   1034 C CB  . LEU B 1 62 ? -10.086 3.871   5.224   1.00 16.28 ? 61  LEU B CB  1 
ATOM   1035 C CG  . LEU B 1 62 ? -9.303  3.520   3.972   1.00 17.85 ? 61  LEU B CG  1 
ATOM   1036 C CD1 . LEU B 1 62 ? -9.670  2.105   3.547   1.00 18.97 ? 61  LEU B CD1 1 
ATOM   1037 C CD2 . LEU B 1 62 ? -9.610  4.523   2.870   1.00 19.17 ? 61  LEU B CD2 1 
ATOM   1038 N N   . HIS B 1 63 ? -10.869 5.234   8.047   1.00 22.43 ? 62  HIS B N   1 
ATOM   1039 C CA  . HIS B 1 63 ? -11.927 5.598   8.976   1.00 24.39 ? 62  HIS B CA  1 
ATOM   1040 C C   . HIS B 1 63 ? -11.739 6.986   9.578   1.00 27.17 ? 62  HIS B C   1 
ATOM   1041 O O   . HIS B 1 63 ? -12.651 7.471   10.260  1.00 30.43 ? 62  HIS B O   1 
ATOM   1042 C CB  . HIS B 1 63 ? -12.021 4.526   10.068  1.00 25.80 ? 62  HIS B CB  1 
ATOM   1043 C CG  . HIS B 1 63 ? -12.354 3.168   9.537   1.00 25.17 ? 62  HIS B CG  1 
ATOM   1044 N ND1 . HIS B 1 63 ? -11.891 2.004   10.109  1.00 28.61 ? 62  HIS B ND1 1 
ATOM   1045 C CD2 . HIS B 1 63 ? -13.105 2.791   8.475   1.00 29.44 ? 62  HIS B CD2 1 
ATOM   1046 C CE1 . HIS B 1 63 ? -12.337 0.968   9.418   1.00 25.58 ? 62  HIS B CE1 1 
ATOM   1047 N NE2 . HIS B 1 63 ? -13.080 1.417   8.425   1.00 31.45 ? 62  HIS B NE2 1 
ATOM   1048 N N   . ASN B 1 64 ? -10.611 7.652   9.317   1.00 28.97 ? 63  ASN B N   1 
ATOM   1049 C CA  . ASN B 1 64 ? -10.286 8.943   9.919   1.00 32.99 ? 63  ASN B CA  1 
ATOM   1050 C C   . ASN B 1 64 ? -10.308 10.040  8.859   1.00 33.06 ? 63  ASN B C   1 
ATOM   1051 O O   . ASN B 1 64 ? -9.560  9.973   7.876   1.00 33.73 ? 63  ASN B O   1 
ATOM   1052 C CB  . ASN B 1 64 ? -8.921  8.901   10.608  1.00 35.74 ? 63  ASN B CB  1 
ATOM   1053 C CG  . ASN B 1 64 ? -8.603  10.188  11.368  1.00 38.00 ? 63  ASN B CG  1 
ATOM   1054 O OD1 . ASN B 1 64 ? -9.260  11.216  11.186  1.00 40.14 ? 63  ASN B OD1 1 
ATOM   1055 N ND2 . ASN B 1 64 ? -7.580  10.136  12.218  1.00 43.97 ? 63  ASN B ND2 1 
ATOM   1056 N N   . GLU B 1 65 ? -11.130 11.071  9.094   1.00 36.50 ? 64  GLU B N   1 
ATOM   1057 C CA  . GLU B 1 65 ? -11.268 12.169  8.141   1.00 37.10 ? 64  GLU B CA  1 
ATOM   1058 C C   . GLU B 1 65 ? -9.929  12.824  7.812   1.00 40.85 ? 64  GLU B C   1 
ATOM   1059 O O   . GLU B 1 65 ? -9.766  13.378  6.718   1.00 40.57 ? 64  GLU B O   1 
ATOM   1060 C CB  . GLU B 1 65 ? -12.244 13.218  8.692   1.00 40.22 ? 64  GLU B CB  1 
ATOM   1061 C CG  . GLU B 1 65 ? -11.691 14.087  9.839   1.00 39.87 ? 64  GLU B CG  1 
ATOM   1062 C CD  . GLU B 1 65 ? -11.797 13.427  11.210  1.00 41.06 ? 64  GLU B CD  1 
ATOM   1063 O OE1 . GLU B 1 65 ? -12.370 12.322  11.297  1.00 42.25 ? 64  GLU B OE1 1 
ATOM   1064 O OE2 . GLU B 1 65 ? -11.303 14.010  12.200  1.00 39.38 ? 64  GLU B OE2 1 
ATOM   1065 N N   . HIS B 1 66 ? -8.965  12.761  8.731   1.00 37.98 ? 65  HIS B N   1 
ATOM   1066 C CA  . HIS B 1 66 ? -7.685  13.442  8.554   1.00 42.18 ? 65  HIS B CA  1 
ATOM   1067 C C   . HIS B 1 66 ? -6.943  12.902  7.338   1.00 43.41 ? 65  HIS B C   1 
ATOM   1068 O O   . HIS B 1 66 ? -6.587  11.720  7.290   1.00 42.36 ? 65  HIS B O   1 
ATOM   1069 C CB  . HIS B 1 66 ? -6.832  13.284  9.811   1.00 41.32 ? 65  HIS B CB  1 
ATOM   1070 C CG  . HIS B 1 66 ? -7.316  14.093  10.973  1.00 43.10 ? 65  HIS B CG  1 
ATOM   1071 N ND1 . HIS B 1 66 ? -7.393  13.584  12.252  1.00 40.30 ? 65  HIS B ND1 1 
ATOM   1072 C CD2 . HIS B 1 66 ? -7.739  15.378  11.052  1.00 41.68 ? 65  HIS B CD2 1 
ATOM   1073 C CE1 . HIS B 1 66 ? -7.851  14.519  13.067  1.00 38.87 ? 65  HIS B CE1 1 
ATOM   1074 N NE2 . HIS B 1 66 ? -8.067  15.617  12.364  1.00 43.19 ? 65  HIS B NE2 1 
ATOM   1075 N N   . ARG B 1 67 ? -6.701  13.776  6.364   1.00 44.70 ? 66  ARG B N   1 
ATOM   1076 C CA  . ARG B 1 67 ? -6.063  13.377  5.121   1.00 42.96 ? 66  ARG B CA  1 
ATOM   1077 C C   . ARG B 1 67 ? -4.550  13.284  5.292   1.00 43.68 ? 66  ARG B C   1 
ATOM   1078 O O   . ARG B 1 67 ? -3.958  13.870  6.206   1.00 44.95 ? 66  ARG B O   1 
ATOM   1079 C CB  . ARG B 1 67 ? -6.411  14.356  3.995   1.00 45.10 ? 66  ARG B CB  1 
ATOM   1080 C CG  . ARG B 1 67 ? -7.895  14.415  3.654   1.00 43.74 ? 66  ARG B CG  1 
ATOM   1081 C CD  . ARG B 1 67 ? -8.519  13.038  3.771   1.00 41.92 ? 66  ARG B CD  1 
ATOM   1082 N NE  . ARG B 1 67 ? -9.530  12.781  2.753   1.00 43.62 ? 66  ARG B NE  1 
ATOM   1083 C CZ  . ARG B 1 67 ? -10.842 12.838  2.963   1.00 39.59 ? 66  ARG B CZ  1 
ATOM   1084 N NH1 . ARG B 1 67 ? -11.318 13.149  4.163   1.00 39.13 ? 66  ARG B NH1 1 
ATOM   1085 N NH2 . ARG B 1 67 ? -11.680 12.584  1.964   1.00 39.41 ? 66  ARG B NH2 1 
ATOM   1086 N N   . GLU B 1 68 ? -3.924  12.538  4.383   1.00 44.72 ? 67  GLU B N   1 
ATOM   1087 C CA  . GLU B 1 68 ? -2.513  12.197  4.496   1.00 44.48 ? 67  GLU B CA  1 
ATOM   1088 C C   . GLU B 1 68 ? -1.604  13.180  3.775   1.00 44.07 ? 67  GLU B C   1 
ATOM   1089 O O   . GLU B 1 68 ? -0.480  13.418  4.231   1.00 48.58 ? 67  GLU B O   1 
ATOM   1090 C CB  . GLU B 1 68 ? -2.262  10.786  3.950   1.00 43.12 ? 67  GLU B CB  1 
ATOM   1091 C CG  . GLU B 1 68 ? -2.904  9.670   4.763   1.00 38.89 ? 67  GLU B CG  1 
ATOM   1092 C CD  . GLU B 1 68 ? -4.409  9.651   4.640   1.00 35.21 ? 67  GLU B CD  1 
ATOM   1093 O OE1 . GLU B 1 68 ? -4.926  10.055  3.577   1.00 35.50 ? 67  GLU B OE1 1 
ATOM   1094 O OE2 . GLU B 1 68 ? -5.070  9.245   5.612   1.00 38.58 ? 67  GLU B OE2 1 
ATOM   1095 N N   . ALA B 1 69 ? -2.054  13.748  2.662   1.00 48.03 ? 68  ALA B N   1 
ATOM   1096 C CA  . ALA B 1 69 ? -1.239  14.688  1.906   1.00 45.42 ? 68  ALA B CA  1 
ATOM   1097 C C   . ALA B 1 69 ? -1.093  16.005  2.659   1.00 46.49 ? 68  ALA B C   1 
ATOM   1098 O O   . ALA B 1 69 ? -2.085  16.642  3.010   1.00 49.07 ? 68  ALA B O   1 
ATOM   1099 C CB  . ALA B 1 69 ? -1.837  14.923  0.530   1.00 47.74 ? 68  ALA B CB  1 
HETATM 1100 C C1  . EOH C 2 .  ? -5.581  -2.524  2.988   1.00 26.35 ? 101 EOH A C1  1 
HETATM 1101 C C2  . EOH C 2 .  ? -4.590  -3.688  2.937   1.00 29.86 ? 101 EOH A C2  1 
HETATM 1102 O O   . EOH C 2 .  ? -6.643  -2.760  3.920   1.00 29.29 ? 101 EOH A O   1 
HETATM 1103 O O   . HOH D 3 .  ? 7.773   6.183   -9.848  1.00 26.55 ? 201 HOH A O   1 
HETATM 1104 O O   . HOH D 3 .  ? 9.496   11.964  -18.868 1.00 11.70 ? 202 HOH A O   1 
HETATM 1105 O O   . HOH D 3 .  ? -17.873 6.957   2.874   1.00 34.07 ? 203 HOH A O   1 
HETATM 1106 O O   . HOH D 3 .  ? -11.495 2.165   -6.509  1.00 36.68 ? 204 HOH A O   1 
HETATM 1107 O O   . HOH D 3 .  ? 7.028   -5.291  -10.980 1.00 28.53 ? 205 HOH A O   1 
HETATM 1108 O O   . HOH D 3 .  ? -17.668 3.668   3.573   1.00 24.57 ? 206 HOH A O   1 
HETATM 1109 O O   . HOH D 3 .  ? -2.409  -12.509 -0.763  1.00 33.73 ? 207 HOH A O   1 
HETATM 1110 O O   . HOH D 3 .  ? -5.204  -3.217  -22.507 1.00 27.91 ? 208 HOH A O   1 
HETATM 1111 O O   . HOH D 3 .  ? -3.822  -5.724  -18.864 1.00 20.78 ? 209 HOH A O   1 
HETATM 1112 O O   . HOH D 3 .  ? -19.881 -11.138 -13.458 1.00 33.37 ? 210 HOH A O   1 
HETATM 1113 O O   . HOH D 3 .  ? -6.073  -9.512  7.173   1.00 30.59 ? 211 HOH A O   1 
HETATM 1114 O O   . HOH D 3 .  ? -16.590 2.385   0.201   1.00 30.75 ? 212 HOH A O   1 
HETATM 1115 O O   . HOH E 3 .  ? -7.537  9.546   7.105   1.00 23.42 ? 101 HOH B O   1 
HETATM 1116 O O   . HOH E 3 .  ? 19.894  3.108   0.318   1.00 38.03 ? 102 HOH B O   1 
HETATM 1117 O O   . HOH E 3 .  ? 17.898  0.990   -4.324  1.00 22.12 ? 103 HOH B O   1 
HETATM 1118 O O   . HOH E 3 .  ? 2.671   9.205   8.693   1.00 30.96 ? 104 HOH B O   1 
HETATM 1119 O O   . HOH E 3 .  ? 17.830  2.679   -0.240  1.00 33.58 ? 105 HOH B O   1 
HETATM 1120 O O   . HOH E 3 .  ? -1.211  6.945   11.706  1.00 28.86 ? 106 HOH B O   1 
HETATM 1121 O O   . HOH E 3 .  ? 0.672   8.982   7.891   1.00 32.06 ? 107 HOH B O   1 
HETATM 1122 O O   . HOH E 3 .  ? -2.376  5.018   4.815   1.00 34.65 ? 108 HOH B O   1 
HETATM 1123 O O   . HOH E 3 .  ? -14.260 -0.974  7.520   1.00 30.58 ? 109 HOH B O   1 
HETATM 1124 O O   . HOH E 3 .  ? 5.266   4.067   22.463  1.00 25.27 ? 110 HOH B O   1 
HETATM 1125 O O   . HOH E 3 .  ? 4.116   0.355   19.749  1.00 23.84 ? 111 HOH B O   1 
HETATM 1126 O O   . HOH E 3 .  ? 9.742   7.010   5.802   1.00 28.18 ? 112 HOH B O   1 
HETATM 1127 O O   . HOH E 3 .  ? 15.595  -5.898  -4.177  1.00 25.49 ? 113 HOH B O   1 
HETATM 1128 O O   . HOH E 3 .  ? 5.473   6.091   -9.329  1.00 26.98 ? 114 HOH B O   1 
# 
